data_5NAY
#
_entry.id   5NAY
#
_cell.length_a   94.851
_cell.length_b   127.045
_cell.length_c   130.543
_cell.angle_alpha   90.000
_cell.angle_beta   90.000
_cell.angle_gamma   90.000
#
_symmetry.space_group_name_H-M   'P 21 21 21'
#
loop_
_entity.id
_entity.type
_entity.pdbx_description
1 polymer 'Collagen alpha-1(IV) chain'
2 non-polymer 'CHLORIDE ION'
3 non-polymer 'SULFATE ION'
4 water water
#
_entity_poly.entity_id   1
_entity_poly.type   'polypeptide(L)'
_entity_poly.pdbx_seq_one_letter_code
;SVDHGFLVTRHSQTIDDPQCPSGTKILYHGYSLLYVQGNERAHGQDLGTAGSCLRKFSTMPFLFCNINNVCNFASRNDYS
YWLSTPEPMPMSMAPITGENIRPFISRCAVCEAPAMVMAVHSQTIQIPPCPSGWSSLWIGYSFVMHTSAGAEGSGQALAS
PGSCLEEFRSAPFIECHGRGTCNYYANAYSFWLATIERSEMFKKPTPSTLKAGELRTHVSRCQVCMRRT
;
_entity_poly.pdbx_strand_id   A,B,C,D,E,F
#
loop_
_chem_comp.id
_chem_comp.type
_chem_comp.name
_chem_comp.formula
CL non-polymer 'CHLORIDE ION' 'Cl -1'
SO4 non-polymer 'SULFATE ION' 'O4 S -2'
#
# COMPACT_ATOMS: atom_id res chain seq x y z
N VAL A 2 2.26 -17.36 -45.40
CA VAL A 2 2.07 -15.94 -44.98
C VAL A 2 2.52 -15.78 -43.51
N ASP A 3 3.42 -14.83 -43.29
CA ASP A 3 3.89 -14.46 -41.95
C ASP A 3 3.06 -13.30 -41.39
N HIS A 4 2.40 -13.54 -40.25
CA HIS A 4 1.51 -12.52 -39.64
C HIS A 4 2.16 -11.69 -38.53
N GLY A 5 3.38 -12.05 -38.16
CA GLY A 5 4.19 -11.24 -37.23
C GLY A 5 4.05 -11.58 -35.75
N PHE A 6 3.77 -12.84 -35.47
CA PHE A 6 3.78 -13.34 -34.09
C PHE A 6 5.18 -13.16 -33.51
N LEU A 7 5.24 -12.82 -32.23
CA LEU A 7 6.52 -12.52 -31.58
C LEU A 7 6.76 -13.43 -30.38
N VAL A 8 8.04 -13.71 -30.12
CA VAL A 8 8.47 -14.37 -28.88
C VAL A 8 9.80 -13.77 -28.43
N THR A 9 9.89 -13.50 -27.13
CA THR A 9 11.11 -12.96 -26.53
C THR A 9 11.75 -14.03 -25.67
N ARG A 10 13.09 -14.14 -25.74
CA ARG A 10 13.86 -15.13 -24.98
C ARG A 10 14.95 -14.40 -24.20
N HIS A 11 15.19 -14.85 -22.97
CA HIS A 11 16.19 -14.23 -22.10
C HIS A 11 17.30 -15.22 -21.76
N SER A 12 18.56 -14.83 -21.97
CA SER A 12 19.70 -15.72 -21.75
C SER A 12 20.00 -15.93 -20.28
N GLN A 13 19.68 -14.91 -19.45
CA GLN A 13 20.09 -14.85 -18.05
C GLN A 13 21.63 -14.93 -17.89
N THR A 14 22.32 -14.45 -18.92
CA THR A 14 23.79 -14.33 -18.98
C THR A 14 24.16 -13.05 -19.73
N ILE A 15 25.46 -12.76 -19.82
CA ILE A 15 25.97 -11.62 -20.60
C ILE A 15 25.93 -11.82 -22.13
N ASP A 16 25.70 -13.05 -22.58
CA ASP A 16 25.67 -13.39 -24.00
C ASP A 16 24.25 -13.33 -24.56
N ASP A 17 24.13 -12.92 -25.83
CA ASP A 17 22.85 -12.96 -26.55
C ASP A 17 22.30 -14.38 -26.62
N PRO A 18 20.99 -14.56 -26.31
CA PRO A 18 20.41 -15.88 -26.55
C PRO A 18 20.12 -16.06 -28.05
N GLN A 19 20.07 -17.31 -28.48
CA GLN A 19 19.71 -17.65 -29.84
C GLN A 19 18.18 -17.72 -29.90
N CYS A 20 17.59 -17.33 -31.03
CA CYS A 20 16.16 -17.52 -31.24
C CYS A 20 15.84 -19.03 -31.27
N PRO A 21 14.67 -19.43 -30.71
CA PRO A 21 14.31 -20.85 -30.67
C PRO A 21 13.98 -21.40 -32.07
N SER A 22 13.93 -22.72 -32.19
CA SER A 22 13.69 -23.42 -33.47
C SER A 22 12.48 -22.85 -34.22
N GLY A 23 12.67 -22.57 -35.50
CA GLY A 23 11.60 -22.11 -36.38
C GLY A 23 11.24 -20.63 -36.30
N THR A 24 12.02 -19.85 -35.55
CA THR A 24 11.80 -18.40 -35.43
C THR A 24 13.03 -17.64 -35.97
N LYS A 25 12.87 -16.35 -36.24
CA LYS A 25 14.00 -15.54 -36.73
C LYS A 25 14.21 -14.24 -35.96
N ILE A 26 15.47 -13.84 -35.85
CA ILE A 26 15.87 -12.65 -35.08
C ILE A 26 15.32 -11.33 -35.63
N LEU A 27 14.83 -10.47 -34.73
CA LEU A 27 14.51 -9.08 -35.06
C LEU A 27 15.57 -8.13 -34.48
N TYR A 28 15.80 -8.21 -33.17
CA TYR A 28 16.87 -7.46 -32.48
C TYR A 28 17.17 -8.07 -31.10
N HIS A 29 18.32 -7.70 -30.55
CA HIS A 29 18.71 -8.09 -29.19
C HIS A 29 18.64 -6.87 -28.25
N GLY A 30 18.76 -7.15 -26.95
CA GLY A 30 18.77 -6.08 -25.95
C GLY A 30 19.11 -6.55 -24.55
N TYR A 31 18.72 -5.75 -23.55
CA TYR A 31 18.89 -6.07 -22.14
C TYR A 31 17.53 -6.37 -21.50
N SER A 32 17.54 -7.27 -20.52
CA SER A 32 16.33 -7.84 -19.94
C SER A 32 15.72 -6.98 -18.83
N LEU A 33 14.75 -6.16 -19.19
CA LEU A 33 14.01 -5.32 -18.24
C LEU A 33 12.88 -6.10 -17.59
N LEU A 34 12.90 -6.17 -16.26
CA LEU A 34 11.84 -6.87 -15.51
C LEU A 34 10.70 -5.92 -15.12
N TYR A 35 11.04 -4.88 -14.37
CA TYR A 35 10.07 -3.83 -13.98
C TYR A 35 10.72 -2.51 -13.62
N VAL A 36 9.88 -1.48 -13.50
CA VAL A 36 10.30 -0.17 -13.00
C VAL A 36 9.47 0.20 -11.79
N GLN A 37 10.01 1.09 -10.97
CA GLN A 37 9.30 1.58 -9.79
C GLN A 37 9.48 3.10 -9.71
N GLY A 38 8.35 3.81 -9.85
CA GLY A 38 8.33 5.28 -9.87
C GLY A 38 7.29 5.80 -8.90
N ASN A 39 7.68 6.77 -8.07
CA ASN A 39 6.81 7.28 -7.00
C ASN A 39 6.25 6.09 -6.17
N GLU A 40 7.15 5.15 -5.86
CA GLU A 40 6.87 3.93 -5.06
C GLU A 40 6.05 2.85 -5.77
N ARG A 41 5.50 3.13 -6.93
CA ARG A 41 4.62 2.18 -7.59
C ARG A 41 5.34 1.38 -8.69
N ALA A 42 5.17 0.06 -8.62
CA ALA A 42 5.82 -0.87 -9.55
C ALA A 42 4.97 -1.08 -10.78
N HIS A 43 5.63 -1.19 -11.93
CA HIS A 43 4.98 -1.58 -13.17
C HIS A 43 5.92 -2.48 -13.96
N GLY A 44 5.47 -3.69 -14.24
CA GLY A 44 6.30 -4.72 -14.88
C GLY A 44 6.04 -4.93 -16.35
N GLN A 45 6.99 -5.61 -17.00
CA GLN A 45 6.85 -6.03 -18.39
C GLN A 45 6.73 -7.56 -18.45
N ASP A 46 5.87 -8.04 -19.34
CA ASP A 46 5.69 -9.47 -19.61
C ASP A 46 6.98 -9.96 -20.27
N LEU A 47 7.70 -10.86 -19.59
CA LEU A 47 9.01 -11.34 -20.07
C LEU A 47 8.99 -12.11 -21.39
N GLY A 48 7.79 -12.52 -21.82
CA GLY A 48 7.58 -13.15 -23.14
C GLY A 48 7.39 -12.16 -24.29
N THR A 49 7.25 -10.87 -23.96
CA THR A 49 7.01 -9.82 -24.97
C THR A 49 8.22 -8.92 -25.17
N ALA A 50 8.27 -8.27 -26.32
CA ALA A 50 9.37 -7.37 -26.70
C ALA A 50 9.60 -6.22 -25.72
N GLY A 51 8.58 -5.90 -24.91
CA GLY A 51 8.64 -4.85 -23.90
C GLY A 51 9.64 -5.08 -22.78
N SER A 52 9.99 -6.36 -22.56
CA SER A 52 11.03 -6.74 -21.61
C SER A 52 12.42 -6.74 -22.24
N CYS A 53 12.53 -6.30 -23.50
CA CYS A 53 13.83 -6.31 -24.20
C CYS A 53 14.17 -4.95 -24.78
N LEU A 54 14.96 -4.18 -24.04
CA LEU A 54 15.34 -2.83 -24.43
C LEU A 54 16.75 -2.75 -24.99
N ARG A 55 16.90 -1.99 -26.07
CA ARG A 55 18.17 -1.81 -26.79
C ARG A 55 19.25 -1.18 -25.90
N LYS A 56 18.86 -0.26 -25.03
CA LYS A 56 19.81 0.41 -24.15
C LYS A 56 19.48 0.19 -22.67
N PHE A 57 20.53 -0.10 -21.90
CA PHE A 57 20.43 -0.19 -20.45
C PHE A 57 20.64 1.19 -19.85
N SER A 58 19.95 1.46 -18.74
CA SER A 58 20.32 2.50 -17.77
C SER A 58 19.78 2.12 -16.41
N THR A 59 20.48 2.51 -15.35
CA THR A 59 19.92 2.38 -14.00
C THR A 59 18.63 3.22 -13.86
N MET A 60 18.50 4.25 -14.70
CA MET A 60 17.29 5.07 -14.78
C MET A 60 16.80 5.24 -16.22
N PRO A 61 15.96 4.30 -16.71
CA PRO A 61 15.54 4.36 -18.11
C PRO A 61 14.27 5.19 -18.36
N PHE A 62 13.78 5.90 -17.33
CA PHE A 62 12.56 6.71 -17.46
C PHE A 62 12.68 8.05 -16.72
N LEU A 63 11.75 8.97 -17.00
CA LEU A 63 11.62 10.24 -16.27
C LEU A 63 10.15 10.46 -15.93
N PHE A 64 9.86 11.44 -15.06
CA PHE A 64 8.47 11.79 -14.77
C PHE A 64 8.16 13.27 -14.97
N CYS A 65 6.90 13.55 -15.34
CA CYS A 65 6.41 14.92 -15.57
C CYS A 65 5.19 15.25 -14.72
N ASN A 66 5.09 16.51 -14.29
CA ASN A 66 3.99 16.97 -13.44
C ASN A 66 3.01 17.90 -14.20
N ILE A 67 1.92 18.28 -13.54
CA ILE A 67 0.87 19.10 -14.19
C ILE A 67 1.28 20.57 -14.41
N ASN A 68 2.41 20.96 -13.79
CA ASN A 68 3.02 22.29 -14.00
C ASN A 68 3.97 22.32 -15.20
N ASN A 69 3.93 21.28 -16.04
CA ASN A 69 4.82 21.14 -17.20
C ASN A 69 6.31 21.20 -16.84
N VAL A 70 6.67 20.52 -15.76
CA VAL A 70 8.06 20.33 -15.36
C VAL A 70 8.32 18.82 -15.36
N CYS A 71 9.44 18.40 -15.98
CA CYS A 71 9.84 17.00 -15.95
C CYS A 71 11.16 16.86 -15.19
N ASN A 72 11.31 15.72 -14.49
CA ASN A 72 12.49 15.42 -13.69
C ASN A 72 13.06 14.06 -14.08
N PHE A 73 14.36 14.05 -14.41
CA PHE A 73 15.06 12.81 -14.76
C PHE A 73 16.11 12.49 -13.71
N ALA A 74 16.08 11.26 -13.21
CA ALA A 74 17.00 10.79 -12.16
C ALA A 74 17.12 11.76 -10.96
N SER A 75 16.00 12.38 -10.60
CA SER A 75 16.01 13.48 -9.62
C SER A 75 15.10 13.24 -8.41
N ARG A 76 14.83 11.97 -8.11
CA ARG A 76 14.12 11.62 -6.87
C ARG A 76 14.74 10.36 -6.26
N ASN A 77 13.94 9.31 -6.06
CA ASN A 77 14.39 8.06 -5.42
C ASN A 77 13.78 6.84 -6.12
N ASP A 78 13.90 6.79 -7.45
CA ASP A 78 13.21 5.76 -8.24
C ASP A 78 14.11 4.60 -8.64
N TYR A 79 13.50 3.52 -9.12
CA TYR A 79 14.17 2.22 -9.30
C TYR A 79 13.95 1.63 -10.69
N SER A 80 14.90 0.82 -11.15
CA SER A 80 14.68 -0.11 -12.26
C SER A 80 15.18 -1.49 -11.87
N TYR A 81 14.58 -2.52 -12.46
CA TYR A 81 14.91 -3.91 -12.14
C TYR A 81 15.11 -4.71 -13.42
N TRP A 82 16.19 -5.49 -13.44
CA TRP A 82 16.65 -6.19 -14.64
C TRP A 82 16.90 -7.66 -14.31
N LEU A 83 16.61 -8.57 -15.23
CA LEU A 83 17.02 -9.97 -15.02
C LEU A 83 18.53 -10.03 -14.96
N SER A 84 19.05 -10.92 -14.12
CA SER A 84 20.48 -10.93 -13.84
C SER A 84 21.19 -12.20 -14.30
N THR A 85 22.53 -12.14 -14.23
CA THR A 85 23.41 -13.20 -14.68
C THR A 85 23.85 -14.05 -13.46
N PRO A 86 24.70 -15.09 -13.66
CA PRO A 86 25.24 -15.79 -12.49
C PRO A 86 26.37 -15.08 -11.73
N GLU A 87 26.71 -13.85 -12.12
CA GLU A 87 27.76 -13.07 -11.47
C GLU A 87 27.48 -12.92 -9.97
N PRO A 88 28.44 -13.32 -9.10
CA PRO A 88 28.15 -13.21 -7.66
C PRO A 88 28.30 -11.77 -7.14
N MET A 89 27.66 -11.49 -6.01
CA MET A 89 27.84 -10.21 -5.30
C MET A 89 29.31 -10.02 -4.97
N PRO A 90 29.82 -8.77 -5.02
CA PRO A 90 31.13 -8.45 -4.45
C PRO A 90 31.25 -8.90 -2.99
N MET A 91 32.48 -9.17 -2.56
CA MET A 91 32.79 -9.55 -1.17
C MET A 91 32.29 -8.51 -0.17
N SER A 92 32.48 -7.24 -0.53
CA SER A 92 32.07 -6.07 0.27
C SER A 92 30.56 -6.00 0.51
N MET A 93 29.80 -6.58 -0.43
CA MET A 93 28.33 -6.52 -0.47
C MET A 93 27.80 -5.07 -0.61
N ALA A 94 28.68 -4.18 -1.05
CA ALA A 94 28.38 -2.77 -1.29
C ALA A 94 27.75 -2.56 -2.69
N PRO A 95 26.96 -1.48 -2.88
CA PRO A 95 26.36 -1.19 -4.20
C PRO A 95 27.37 -1.12 -5.35
N ILE A 96 26.97 -1.67 -6.49
CA ILE A 96 27.78 -1.77 -7.71
C ILE A 96 27.51 -0.53 -8.59
N THR A 97 28.57 0.05 -9.16
CA THR A 97 28.43 1.24 -10.02
C THR A 97 29.19 1.15 -11.34
N GLY A 98 28.79 1.99 -12.28
CA GLY A 98 29.51 2.20 -13.55
C GLY A 98 29.61 0.93 -14.38
N GLU A 99 30.75 0.77 -15.04
CA GLU A 99 31.00 -0.40 -15.90
C GLU A 99 30.95 -1.76 -15.18
N ASN A 100 31.14 -1.74 -13.86
CA ASN A 100 31.02 -2.93 -13.04
C ASN A 100 29.61 -3.54 -13.01
N ILE A 101 28.60 -2.75 -13.39
CA ILE A 101 27.21 -3.24 -13.51
C ILE A 101 27.04 -4.23 -14.67
N ARG A 102 27.72 -3.95 -15.79
CA ARG A 102 27.64 -4.77 -17.03
C ARG A 102 27.62 -6.30 -16.85
N PRO A 103 28.59 -6.89 -16.08
CA PRO A 103 28.57 -8.35 -15.92
C PRO A 103 27.31 -8.93 -15.24
N PHE A 104 26.49 -8.06 -14.63
CA PHE A 104 25.29 -8.47 -13.88
C PHE A 104 23.99 -8.56 -14.69
N ILE A 105 23.96 -7.96 -15.89
CA ILE A 105 22.70 -7.77 -16.63
C ILE A 105 22.45 -8.80 -17.74
N SER A 106 21.32 -9.49 -17.66
CA SER A 106 20.88 -10.45 -18.68
C SER A 106 20.59 -9.80 -20.05
N ARG A 107 20.85 -10.58 -21.09
CA ARG A 107 20.53 -10.23 -22.46
C ARG A 107 19.28 -10.96 -22.97
N CYS A 108 18.68 -10.43 -24.04
CA CYS A 108 17.46 -10.99 -24.64
C CYS A 108 17.47 -10.94 -26.17
N ALA A 109 16.62 -11.75 -26.78
CA ALA A 109 16.34 -11.70 -28.23
C ALA A 109 14.85 -11.57 -28.45
N VAL A 110 14.48 -10.66 -29.36
CA VAL A 110 13.11 -10.55 -29.84
C VAL A 110 13.08 -11.23 -31.21
N CYS A 111 12.22 -12.26 -31.31
CA CYS A 111 12.17 -13.14 -32.48
C CYS A 111 10.77 -13.16 -33.10
N GLU A 112 10.71 -13.22 -34.43
CA GLU A 112 9.43 -13.35 -35.15
C GLU A 112 9.12 -14.82 -35.39
N ALA A 113 7.87 -15.19 -35.11
CA ALA A 113 7.41 -16.58 -35.19
C ALA A 113 6.32 -16.73 -36.25
N PRO A 114 6.24 -17.89 -36.94
CA PRO A 114 5.17 -18.11 -37.94
C PRO A 114 3.78 -18.40 -37.35
N ALA A 115 3.71 -18.64 -36.04
CA ALA A 115 2.44 -18.98 -35.39
C ALA A 115 2.45 -18.54 -33.93
N MET A 116 1.29 -18.65 -33.28
CA MET A 116 1.14 -18.34 -31.85
C MET A 116 2.06 -19.19 -31.00
N VAL A 117 2.58 -18.57 -29.93
CA VAL A 117 3.44 -19.23 -28.95
C VAL A 117 2.75 -19.21 -27.57
N MET A 118 2.89 -20.29 -26.81
CA MET A 118 2.33 -20.38 -25.45
C MET A 118 3.26 -21.13 -24.49
N ALA A 119 3.02 -21.00 -23.19
CA ALA A 119 3.66 -21.85 -22.18
C ALA A 119 2.63 -22.78 -21.55
N VAL A 120 3.07 -23.99 -21.22
CA VAL A 120 2.28 -24.93 -20.39
C VAL A 120 3.11 -25.30 -19.16
N HIS A 121 2.44 -25.60 -18.05
CA HIS A 121 3.08 -25.89 -16.77
C HIS A 121 2.61 -27.24 -16.24
N SER A 122 3.56 -28.04 -15.74
CA SER A 122 3.18 -29.37 -15.21
C SER A 122 2.73 -29.30 -13.76
N GLN A 123 3.26 -28.33 -13.01
CA GLN A 123 3.11 -28.25 -11.53
C GLN A 123 3.63 -29.52 -10.84
N THR A 124 4.66 -30.13 -11.46
CA THR A 124 5.36 -31.32 -10.96
C THR A 124 6.83 -31.22 -11.39
N ILE A 125 7.63 -32.21 -11.01
CA ILE A 125 9.01 -32.32 -11.51
C ILE A 125 9.06 -32.82 -12.98
N GLN A 126 7.92 -33.28 -13.51
CA GLN A 126 7.81 -33.78 -14.90
C GLN A 126 7.77 -32.60 -15.89
N ILE A 127 8.37 -32.80 -17.06
CA ILE A 127 8.24 -31.83 -18.16
C ILE A 127 6.83 -31.97 -18.75
N PRO A 128 6.05 -30.87 -18.82
CA PRO A 128 4.74 -31.01 -19.44
C PRO A 128 4.84 -31.03 -20.98
N PRO A 129 4.18 -31.98 -21.65
CA PRO A 129 4.24 -31.99 -23.12
C PRO A 129 3.46 -30.83 -23.73
N CYS A 130 3.91 -30.37 -24.91
CA CYS A 130 3.16 -29.40 -25.69
C CYS A 130 1.81 -30.01 -26.12
N PRO A 131 0.76 -29.17 -26.28
CA PRO A 131 -0.49 -29.69 -26.84
C PRO A 131 -0.26 -30.31 -28.22
N SER A 132 -1.08 -31.29 -28.59
CA SER A 132 -0.95 -31.92 -29.91
C SER A 132 -1.15 -30.86 -31.01
N GLY A 133 -0.29 -30.90 -32.02
CA GLY A 133 -0.26 -29.88 -33.08
C GLY A 133 0.72 -28.74 -32.82
N TRP A 134 1.37 -28.74 -31.65
CA TRP A 134 2.34 -27.69 -31.27
C TRP A 134 3.75 -28.27 -31.11
N SER A 135 4.76 -27.54 -31.59
CA SER A 135 6.17 -27.95 -31.49
C SER A 135 6.89 -27.25 -30.32
N SER A 136 8.02 -27.81 -29.89
CA SER A 136 8.75 -27.33 -28.72
C SER A 136 9.73 -26.21 -29.05
N LEU A 137 9.66 -25.12 -28.28
CA LEU A 137 10.62 -24.01 -28.40
C LEU A 137 11.69 -24.07 -27.32
N TRP A 138 11.27 -24.20 -26.06
CA TRP A 138 12.21 -24.45 -24.96
C TRP A 138 11.54 -25.03 -23.73
N ILE A 139 12.36 -25.39 -22.75
CA ILE A 139 11.92 -26.04 -21.51
C ILE A 139 12.52 -25.27 -20.34
N GLY A 140 11.77 -25.13 -19.25
CA GLY A 140 12.28 -24.39 -18.10
C GLY A 140 11.57 -24.60 -16.79
N TYR A 141 11.55 -23.52 -15.99
CA TYR A 141 11.01 -23.52 -14.63
C TYR A 141 9.94 -22.43 -14.50
N SER A 142 8.84 -22.77 -13.82
CA SER A 142 7.63 -21.94 -13.75
C SER A 142 7.81 -20.71 -12.86
N PHE A 143 7.98 -19.54 -13.48
CA PHE A 143 8.23 -18.26 -12.79
C PHE A 143 6.95 -17.43 -12.77
N VAL A 144 6.47 -17.09 -11.56
CA VAL A 144 5.13 -16.45 -11.42
C VAL A 144 5.14 -14.97 -11.00
N MET A 145 5.95 -14.62 -9.99
CA MET A 145 6.05 -13.22 -9.52
C MET A 145 7.33 -12.94 -8.71
N HIS A 146 7.49 -11.69 -8.29
CA HIS A 146 8.69 -11.22 -7.59
C HIS A 146 8.34 -9.95 -6.81
N THR A 147 9.06 -9.73 -5.71
CA THR A 147 8.92 -8.49 -4.92
C THR A 147 10.32 -8.02 -4.51
N SER A 148 10.46 -6.71 -4.32
CA SER A 148 11.69 -6.15 -3.77
C SER A 148 11.36 -4.95 -2.88
N ALA A 149 11.91 -3.76 -3.17
CA ALA A 149 11.70 -2.57 -2.34
C ALA A 149 10.22 -2.27 -2.08
N GLY A 150 9.88 -2.06 -0.81
CA GLY A 150 8.49 -1.78 -0.41
C GLY A 150 7.52 -2.91 -0.62
N ALA A 151 8.05 -4.12 -0.82
CA ALA A 151 7.27 -5.32 -1.22
C ALA A 151 6.43 -5.07 -2.47
N GLU A 152 6.89 -4.12 -3.29
CA GLU A 152 6.32 -3.88 -4.60
C GLU A 152 6.94 -4.86 -5.58
N GLY A 153 6.26 -5.09 -6.70
CA GLY A 153 6.78 -5.97 -7.73
C GLY A 153 5.75 -6.15 -8.83
N SER A 154 5.91 -7.25 -9.56
CA SER A 154 5.00 -7.61 -10.63
C SER A 154 5.16 -9.11 -10.89
N GLY A 155 4.53 -9.60 -11.95
CA GLY A 155 4.63 -11.02 -12.26
C GLY A 155 4.41 -11.33 -13.73
N GLN A 156 4.33 -12.63 -14.01
CA GLN A 156 4.20 -13.14 -15.36
C GLN A 156 2.81 -13.71 -15.65
N ALA A 157 2.42 -13.62 -16.91
CA ALA A 157 1.23 -14.30 -17.43
C ALA A 157 1.59 -15.78 -17.63
N LEU A 158 0.85 -16.67 -16.97
CA LEU A 158 1.21 -18.10 -16.99
C LEU A 158 1.03 -18.79 -18.35
N ALA A 159 0.35 -18.13 -19.29
CA ALA A 159 0.30 -18.58 -20.68
C ALA A 159 1.46 -18.04 -21.53
N SER A 160 2.22 -17.09 -20.99
CA SER A 160 3.29 -16.45 -21.75
C SER A 160 4.62 -17.20 -21.60
N PRO A 161 5.45 -17.22 -22.66
CA PRO A 161 6.85 -17.67 -22.54
C PRO A 161 7.62 -17.05 -21.39
N GLY A 162 7.26 -15.83 -20.97
CA GLY A 162 7.90 -15.17 -19.83
C GLY A 162 7.75 -15.85 -18.47
N SER A 163 6.76 -16.73 -18.35
CA SER A 163 6.57 -17.53 -17.13
C SER A 163 7.42 -18.81 -17.12
N CYS A 164 8.28 -18.96 -18.12
CA CYS A 164 9.09 -20.16 -18.26
C CYS A 164 10.56 -19.78 -18.46
N LEU A 165 11.27 -19.65 -17.34
CA LEU A 165 12.68 -19.27 -17.35
C LEU A 165 13.54 -20.51 -17.50
N GLU A 166 14.52 -20.45 -18.41
CA GLU A 166 15.36 -21.62 -18.72
C GLU A 166 16.35 -22.01 -17.61
N GLU A 167 16.78 -21.03 -16.83
CA GLU A 167 17.61 -21.32 -15.67
C GLU A 167 16.90 -20.89 -14.41
N PHE A 168 16.72 -21.85 -13.51
CA PHE A 168 16.24 -21.54 -12.17
C PHE A 168 17.29 -20.74 -11.40
N ARG A 169 16.85 -19.67 -10.73
CA ARG A 169 17.71 -18.85 -9.88
C ARG A 169 16.89 -18.38 -8.68
N SER A 170 17.42 -18.59 -7.48
CA SER A 170 16.81 -18.04 -6.24
C SER A 170 16.67 -16.53 -6.29
N ALA A 171 17.70 -15.88 -6.85
CA ALA A 171 17.77 -14.45 -7.04
C ALA A 171 17.93 -14.14 -8.53
N PRO A 172 16.82 -14.15 -9.31
CA PRO A 172 16.91 -13.99 -10.76
C PRO A 172 16.97 -12.54 -11.29
N PHE A 173 16.95 -11.55 -10.39
CA PHE A 173 16.93 -10.14 -10.82
C PHE A 173 17.70 -9.23 -9.87
N ILE A 174 18.16 -8.09 -10.40
CA ILE A 174 18.94 -7.11 -9.63
C ILE A 174 18.21 -5.77 -9.59
N GLU A 175 18.43 -5.03 -8.50
CA GLU A 175 17.79 -3.73 -8.27
C GLU A 175 18.76 -2.59 -8.59
N CYS A 176 18.32 -1.65 -9.43
CA CYS A 176 19.10 -0.45 -9.76
C CYS A 176 18.34 0.82 -9.38
N HIS A 177 19.09 1.92 -9.21
CA HIS A 177 18.54 3.17 -8.69
C HIS A 177 18.91 4.35 -9.59
N GLY A 178 18.06 5.38 -9.57
CA GLY A 178 18.33 6.63 -10.29
C GLY A 178 19.69 7.25 -10.01
N ARG A 179 20.18 7.06 -8.78
CA ARG A 179 21.51 7.55 -8.35
C ARG A 179 22.70 6.81 -9.01
N GLY A 180 22.43 5.71 -9.72
CA GLY A 180 23.44 4.98 -10.48
C GLY A 180 23.98 3.69 -9.89
N THR A 181 23.44 3.29 -8.73
CA THR A 181 23.88 2.09 -8.03
C THR A 181 22.96 0.92 -8.37
N CYS A 182 23.52 -0.29 -8.37
CA CYS A 182 22.74 -1.55 -8.37
C CYS A 182 23.21 -2.47 -7.26
N ASN A 183 22.30 -3.30 -6.76
CA ASN A 183 22.64 -4.32 -5.76
C ASN A 183 21.55 -5.36 -5.58
N TYR A 184 21.91 -6.46 -4.93
CA TYR A 184 20.97 -7.43 -4.42
C TYR A 184 20.66 -7.04 -2.98
N TYR A 185 19.37 -7.05 -2.62
CA TYR A 185 18.93 -6.73 -1.26
C TYR A 185 18.24 -7.92 -0.60
N ALA A 186 18.32 -8.00 0.72
CA ALA A 186 17.79 -9.13 1.49
C ALA A 186 16.29 -9.37 1.32
N ASN A 187 15.55 -8.32 0.96
CA ASN A 187 14.11 -8.48 0.75
C ASN A 187 13.68 -8.84 -0.68
N ALA A 188 14.63 -9.12 -1.57
CA ALA A 188 14.29 -9.53 -2.93
C ALA A 188 13.80 -10.98 -2.95
N TYR A 189 12.53 -11.19 -3.31
CA TYR A 189 11.95 -12.54 -3.38
C TYR A 189 11.55 -12.93 -4.81
N SER A 190 11.81 -14.17 -5.17
CA SER A 190 11.24 -14.74 -6.40
C SER A 190 10.20 -15.77 -6.00
N PHE A 191 9.10 -15.81 -6.77
CA PHE A 191 8.02 -16.75 -6.57
C PHE A 191 7.89 -17.68 -7.79
N TRP A 192 7.79 -18.97 -7.53
CA TRP A 192 7.75 -19.99 -8.57
C TRP A 192 6.57 -20.91 -8.29
N LEU A 193 5.95 -21.45 -9.34
CA LEU A 193 4.91 -22.47 -9.14
C LEU A 193 5.52 -23.70 -8.48
N ALA A 194 4.77 -24.27 -7.54
CA ALA A 194 5.24 -25.40 -6.75
C ALA A 194 4.79 -26.76 -7.31
N THR A 195 5.42 -27.84 -6.84
CA THR A 195 5.03 -29.19 -7.23
C THR A 195 3.85 -29.67 -6.37
N ILE A 196 2.87 -30.31 -7.01
CA ILE A 196 1.65 -30.79 -6.34
C ILE A 196 1.42 -32.22 -6.80
N GLU A 197 1.15 -33.12 -5.86
CA GLU A 197 0.71 -34.50 -6.20
C GLU A 197 -0.80 -34.53 -6.46
N ARG A 198 -1.19 -35.14 -7.57
CA ARG A 198 -2.61 -35.23 -7.98
C ARG A 198 -3.55 -35.69 -6.86
N SER A 199 -3.18 -36.77 -6.17
CA SER A 199 -4.00 -37.31 -5.07
C SER A 199 -4.10 -36.38 -3.85
N GLU A 200 -3.17 -35.43 -3.74
CA GLU A 200 -3.06 -34.54 -2.58
C GLU A 200 -3.45 -33.07 -2.86
N MET A 201 -4.10 -32.84 -4.00
CA MET A 201 -4.47 -31.49 -4.44
C MET A 201 -5.33 -30.73 -3.45
N PHE A 202 -6.24 -31.42 -2.79
CA PHE A 202 -7.14 -30.75 -1.88
C PHE A 202 -6.73 -30.79 -0.42
N LYS A 203 -5.76 -31.66 -0.14
CA LYS A 203 -5.20 -31.85 1.20
C LYS A 203 -4.33 -30.66 1.63
N LYS A 204 -4.15 -30.52 2.93
CA LYS A 204 -3.26 -29.51 3.51
C LYS A 204 -1.85 -29.60 2.90
N PRO A 205 -1.33 -28.50 2.32
CA PRO A 205 0.07 -28.51 1.84
C PRO A 205 1.04 -28.82 2.97
N THR A 206 2.05 -29.65 2.71
CA THR A 206 3.10 -29.94 3.70
C THR A 206 4.14 -28.84 3.58
N PRO A 207 4.33 -28.03 4.66
CA PRO A 207 5.35 -26.98 4.59
C PRO A 207 6.76 -27.54 4.45
N SER A 208 7.60 -26.84 3.68
CA SER A 208 8.98 -27.27 3.41
CA SER A 208 8.99 -27.26 3.45
C SER A 208 9.92 -26.06 3.35
N THR A 209 11.10 -26.20 3.94
CA THR A 209 12.16 -25.20 3.83
C THR A 209 13.33 -25.91 3.16
N LEU A 210 13.75 -25.38 2.02
CA LEU A 210 14.70 -26.07 1.14
C LEU A 210 16.00 -25.29 1.00
N LYS A 211 17.11 -26.01 0.95
CA LYS A 211 18.45 -25.43 0.82
C LYS A 211 19.10 -25.86 -0.48
N ALA A 212 20.21 -25.19 -0.83
CA ALA A 212 21.02 -25.53 -2.02
C ALA A 212 21.24 -27.02 -2.14
N GLY A 213 20.92 -27.57 -3.30
CA GLY A 213 20.92 -29.01 -3.53
C GLY A 213 19.53 -29.62 -3.71
N GLU A 214 18.53 -29.02 -3.06
CA GLU A 214 17.15 -29.53 -3.09
C GLU A 214 16.10 -28.50 -3.53
N LEU A 215 16.56 -27.34 -4.01
CA LEU A 215 15.68 -26.22 -4.36
C LEU A 215 14.69 -26.58 -5.46
N ARG A 216 15.18 -27.20 -6.53
CA ARG A 216 14.35 -27.55 -7.66
C ARG A 216 13.48 -28.80 -7.47
N THR A 217 13.58 -29.44 -6.30
CA THR A 217 12.76 -30.62 -5.99
C THR A 217 11.29 -30.26 -5.80
N HIS A 218 11.03 -28.99 -5.50
CA HIS A 218 9.67 -28.46 -5.38
C HIS A 218 9.31 -27.40 -6.43
N VAL A 219 10.09 -27.26 -7.50
CA VAL A 219 9.78 -26.25 -8.54
C VAL A 219 9.11 -26.86 -9.79
N SER A 220 7.92 -26.37 -10.11
CA SER A 220 7.18 -26.74 -11.33
C SER A 220 8.02 -26.54 -12.60
N ARG A 221 7.87 -27.47 -13.54
CA ARG A 221 8.53 -27.37 -14.84
C ARG A 221 7.56 -26.84 -15.88
N CYS A 222 8.11 -26.32 -16.98
CA CYS A 222 7.29 -25.76 -18.05
C CYS A 222 7.89 -26.01 -19.41
N GLN A 223 7.06 -25.86 -20.43
CA GLN A 223 7.52 -25.94 -21.82
C GLN A 223 6.85 -24.84 -22.63
N VAL A 224 7.65 -24.23 -23.51
CA VAL A 224 7.17 -23.20 -24.41
C VAL A 224 6.99 -23.82 -25.79
N CYS A 225 5.80 -23.61 -26.36
CA CYS A 225 5.32 -24.34 -27.54
C CYS A 225 4.80 -23.38 -28.62
N MET A 226 4.89 -23.81 -29.88
CA MET A 226 4.42 -23.01 -31.02
C MET A 226 3.60 -23.87 -31.98
N ARG A 227 2.44 -23.38 -32.43
CA ARG A 227 1.57 -24.12 -33.34
C ARG A 227 2.31 -24.45 -34.63
N ARG A 228 2.26 -25.72 -35.03
CA ARG A 228 2.85 -26.18 -36.29
C ARG A 228 1.99 -25.70 -37.45
N THR A 229 2.64 -25.13 -38.45
CA THR A 229 1.96 -24.64 -39.66
C THR A 229 2.61 -25.24 -40.90
N VAL B 2 -6.78 -14.06 -46.22
CA VAL B 2 -7.64 -14.40 -45.05
C VAL B 2 -7.41 -13.38 -43.93
N ASP B 3 -8.50 -12.81 -43.42
CA ASP B 3 -8.47 -11.87 -42.29
C ASP B 3 -8.72 -12.62 -40.98
N HIS B 4 -7.73 -12.58 -40.08
CA HIS B 4 -7.80 -13.33 -38.81
C HIS B 4 -8.33 -12.54 -37.62
N GLY B 5 -8.53 -11.23 -37.79
CA GLY B 5 -9.14 -10.38 -36.77
C GLY B 5 -8.19 -9.82 -35.73
N PHE B 6 -6.94 -9.56 -36.13
CA PHE B 6 -5.99 -8.81 -35.31
C PHE B 6 -6.56 -7.42 -35.04
N LEU B 7 -6.16 -6.81 -33.93
CA LEU B 7 -6.74 -5.56 -33.50
C LEU B 7 -5.68 -4.52 -33.18
N VAL B 8 -5.99 -3.27 -33.49
CA VAL B 8 -5.22 -2.12 -33.04
C VAL B 8 -6.16 -0.99 -32.62
N THR B 9 -5.86 -0.40 -31.46
CA THR B 9 -6.63 0.74 -30.92
C THR B 9 -5.76 1.99 -31.03
N ARG B 10 -6.38 3.10 -31.45
CA ARG B 10 -5.68 4.38 -31.61
C ARG B 10 -6.44 5.45 -30.84
N HIS B 11 -5.70 6.36 -30.18
CA HIS B 11 -6.27 7.44 -29.35
C HIS B 11 -5.90 8.80 -29.92
N SER B 12 -6.91 9.64 -30.16
CA SER B 12 -6.68 10.97 -30.76
C SER B 12 -6.05 11.98 -29.79
N GLN B 13 -6.33 11.80 -28.50
CA GLN B 13 -5.99 12.79 -27.46
C GLN B 13 -6.69 14.15 -27.71
N THR B 14 -7.82 14.09 -28.41
CA THR B 14 -8.67 15.26 -28.76
C THR B 14 -10.15 14.84 -28.70
N ILE B 15 -11.04 15.82 -28.89
CA ILE B 15 -12.50 15.55 -28.96
C ILE B 15 -12.94 14.84 -30.27
N ASP B 16 -12.05 14.80 -31.25
CA ASP B 16 -12.34 14.19 -32.57
C ASP B 16 -11.94 12.72 -32.63
N ASP B 17 -12.72 11.92 -33.35
CA ASP B 17 -12.39 10.51 -33.66
C ASP B 17 -11.05 10.41 -34.39
N PRO B 18 -10.14 9.52 -33.94
CA PRO B 18 -8.95 9.31 -34.76
C PRO B 18 -9.27 8.40 -35.96
N GLN B 19 -8.49 8.55 -37.03
CA GLN B 19 -8.60 7.67 -38.19
C GLN B 19 -7.86 6.38 -37.92
N CYS B 20 -8.40 5.26 -38.44
CA CYS B 20 -7.69 3.99 -38.38
C CYS B 20 -6.38 4.10 -39.18
N PRO B 21 -5.27 3.53 -38.63
CA PRO B 21 -3.99 3.64 -39.33
C PRO B 21 -3.99 2.89 -40.67
N SER B 22 -2.95 3.14 -41.46
CA SER B 22 -2.77 2.59 -42.81
C SER B 22 -2.98 1.07 -42.87
N GLY B 23 -3.89 0.64 -43.74
CA GLY B 23 -4.15 -0.78 -44.00
C GLY B 23 -5.04 -1.48 -43.00
N THR B 24 -5.70 -0.71 -42.13
CA THR B 24 -6.65 -1.25 -41.14
C THR B 24 -8.06 -0.65 -41.37
N LYS B 25 -9.08 -1.30 -40.82
CA LYS B 25 -10.48 -0.86 -40.99
C LYS B 25 -11.22 -0.67 -39.66
N ILE B 26 -12.12 0.32 -39.63
CA ILE B 26 -12.87 0.68 -38.42
C ILE B 26 -13.85 -0.41 -37.97
N LEU B 27 -13.83 -0.69 -36.67
CA LEU B 27 -14.85 -1.50 -36.02
C LEU B 27 -15.83 -0.61 -35.25
N TYR B 28 -15.30 0.21 -34.33
CA TYR B 28 -16.09 1.21 -33.59
C TYR B 28 -15.21 2.28 -32.97
N HIS B 29 -15.85 3.39 -32.59
CA HIS B 29 -15.20 4.49 -31.89
C HIS B 29 -15.66 4.52 -30.42
N GLY B 30 -14.98 5.33 -29.61
CA GLY B 30 -15.35 5.46 -28.20
C GLY B 30 -14.57 6.54 -27.49
N TYR B 31 -14.53 6.42 -26.16
CA TYR B 31 -13.78 7.33 -25.29
C TYR B 31 -12.62 6.57 -24.66
N SER B 32 -11.50 7.27 -24.47
CA SER B 32 -10.23 6.69 -24.04
C SER B 32 -10.12 6.43 -22.53
N LEU B 33 -10.39 5.19 -22.11
CA LEU B 33 -10.27 4.80 -20.71
C LEU B 33 -8.85 4.36 -20.37
N LEU B 34 -8.27 5.01 -19.37
CA LEU B 34 -6.90 4.71 -18.92
C LEU B 34 -6.88 3.69 -17.79
N TYR B 35 -7.57 4.00 -16.69
CA TYR B 35 -7.74 3.06 -15.57
C TYR B 35 -8.92 3.39 -14.66
N VAL B 36 -9.26 2.43 -13.80
CA VAL B 36 -10.27 2.63 -12.75
C VAL B 36 -9.66 2.39 -11.38
N GLN B 37 -10.28 2.93 -10.34
CA GLN B 37 -9.81 2.76 -8.98
C GLN B 37 -11.02 2.51 -8.07
N GLY B 38 -11.12 1.28 -7.57
CA GLY B 38 -12.21 0.86 -6.69
C GLY B 38 -11.68 0.29 -5.39
N ASN B 39 -12.29 0.66 -4.27
CA ASN B 39 -11.78 0.31 -2.92
C ASN B 39 -10.27 0.61 -2.84
N GLU B 40 -9.89 1.78 -3.38
CA GLU B 40 -8.52 2.32 -3.38
C GLU B 40 -7.50 1.58 -4.28
N ARG B 41 -7.93 0.51 -4.95
CA ARG B 41 -7.05 -0.32 -5.78
C ARG B 41 -7.21 0.05 -7.26
N ALA B 42 -6.09 0.36 -7.92
CA ALA B 42 -6.09 0.72 -9.33
C ALA B 42 -6.03 -0.51 -10.25
N HIS B 43 -6.77 -0.44 -11.35
CA HIS B 43 -6.67 -1.42 -12.43
C HIS B 43 -6.75 -0.73 -13.78
N GLY B 44 -5.72 -0.92 -14.60
CA GLY B 44 -5.62 -0.24 -15.89
C GLY B 44 -5.97 -1.07 -17.10
N GLN B 45 -6.18 -0.39 -18.22
CA GLN B 45 -6.37 -1.04 -19.52
C GLN B 45 -5.19 -0.71 -20.43
N ASP B 46 -4.66 -1.71 -21.12
CA ASP B 46 -3.60 -1.53 -22.13
C ASP B 46 -4.14 -0.59 -23.22
N LEU B 47 -3.50 0.58 -23.41
CA LEU B 47 -3.98 1.58 -24.39
C LEU B 47 -3.93 1.11 -25.85
N GLY B 48 -3.18 0.04 -26.11
CA GLY B 48 -3.11 -0.59 -27.43
C GLY B 48 -4.28 -1.53 -27.70
N THR B 49 -5.06 -1.86 -26.66
CA THR B 49 -6.15 -2.84 -26.78
C THR B 49 -7.52 -2.18 -26.76
N ALA B 50 -8.53 -2.90 -27.30
CA ALA B 50 -9.91 -2.41 -27.36
C ALA B 50 -10.54 -2.13 -25.99
N GLY B 51 -9.97 -2.75 -24.95
CA GLY B 51 -10.36 -2.49 -23.56
C GLY B 51 -10.23 -1.05 -23.08
N SER B 52 -9.31 -0.30 -23.71
CA SER B 52 -9.12 1.13 -23.42
C SER B 52 -10.09 2.04 -24.20
N CYS B 53 -11.01 1.43 -24.96
CA CYS B 53 -11.93 2.19 -25.80
C CYS B 53 -13.39 1.81 -25.51
N LEU B 54 -14.05 2.59 -24.65
CA LEU B 54 -15.43 2.34 -24.24
C LEU B 54 -16.42 3.21 -25.01
N ARG B 55 -17.45 2.59 -25.56
CA ARG B 55 -18.52 3.27 -26.32
C ARG B 55 -19.18 4.44 -25.56
N LYS B 56 -19.41 4.23 -24.26
CA LYS B 56 -20.05 5.24 -23.42
C LYS B 56 -19.15 5.70 -22.28
N PHE B 57 -19.05 7.01 -22.13
CA PHE B 57 -18.35 7.63 -21.02
C PHE B 57 -19.26 7.66 -19.78
N SER B 58 -18.64 7.54 -18.60
CA SER B 58 -19.22 8.00 -17.34
C SER B 58 -18.09 8.32 -16.36
N THR B 59 -18.33 9.27 -15.44
CA THR B 59 -17.41 9.46 -14.31
C THR B 59 -17.36 8.20 -13.44
N MET B 60 -18.45 7.43 -13.46
CA MET B 60 -18.53 6.14 -12.77
C MET B 60 -19.03 5.01 -13.70
N PRO B 61 -18.11 4.40 -14.49
CA PRO B 61 -18.47 3.34 -15.43
C PRO B 61 -18.56 1.93 -14.82
N PHE B 62 -18.43 1.81 -13.49
CA PHE B 62 -18.52 0.52 -12.81
C PHE B 62 -19.29 0.58 -11.50
N LEU B 63 -19.62 -0.60 -10.96
CA LEU B 63 -20.22 -0.76 -9.64
C LEU B 63 -19.50 -1.88 -8.88
N PHE B 64 -19.77 -2.02 -7.59
CA PHE B 64 -19.25 -3.13 -6.80
C PHE B 64 -20.33 -3.94 -6.05
N CYS B 65 -20.06 -5.22 -5.85
CA CYS B 65 -20.97 -6.12 -5.14
C CYS B 65 -20.24 -6.82 -4.01
N ASN B 66 -20.98 -7.12 -2.93
CA ASN B 66 -20.43 -7.77 -1.76
C ASN B 66 -20.99 -9.20 -1.57
N ILE B 67 -20.43 -9.95 -0.63
CA ILE B 67 -20.82 -11.36 -0.39
C ILE B 67 -22.24 -11.52 0.21
N ASN B 68 -22.85 -10.41 0.63
CA ASN B 68 -24.23 -10.39 1.13
C ASN B 68 -25.25 -10.14 0.01
N ASN B 69 -24.80 -10.22 -1.25
CA ASN B 69 -25.62 -9.99 -2.46
C ASN B 69 -26.26 -8.60 -2.48
N VAL B 70 -25.46 -7.60 -2.13
CA VAL B 70 -25.84 -6.20 -2.23
C VAL B 70 -24.82 -5.53 -3.14
N CYS B 71 -25.29 -4.83 -4.17
CA CYS B 71 -24.43 -4.04 -5.06
C CYS B 71 -24.67 -2.56 -4.86
N ASN B 72 -23.58 -1.79 -4.98
CA ASN B 72 -23.58 -0.35 -4.81
C ASN B 72 -22.96 0.31 -6.02
N PHE B 73 -23.71 1.25 -6.60
CA PHE B 73 -23.29 2.06 -7.74
C PHE B 73 -23.18 3.53 -7.35
N ALA B 74 -22.01 4.11 -7.66
CA ALA B 74 -21.68 5.52 -7.37
C ALA B 74 -21.97 5.93 -5.93
N SER B 75 -21.75 5.01 -4.99
CA SER B 75 -22.18 5.17 -3.60
C SER B 75 -21.05 5.02 -2.58
N ARG B 76 -19.83 5.32 -3.01
CA ARG B 76 -18.68 5.38 -2.09
C ARG B 76 -17.73 6.50 -2.55
N ASN B 77 -16.44 6.21 -2.69
CA ASN B 77 -15.42 7.21 -3.04
C ASN B 77 -14.50 6.66 -4.15
N ASP B 78 -15.09 6.16 -5.23
CA ASP B 78 -14.31 5.53 -6.31
C ASP B 78 -14.02 6.44 -7.51
N TYR B 79 -13.09 6.02 -8.37
CA TYR B 79 -12.51 6.88 -9.40
C TYR B 79 -12.52 6.23 -10.78
N SER B 80 -12.51 7.07 -11.82
CA SER B 80 -12.15 6.63 -13.17
C SER B 80 -11.16 7.64 -13.78
N TYR B 81 -10.31 7.16 -14.67
CA TYR B 81 -9.29 7.99 -15.30
C TYR B 81 -9.30 7.82 -16.82
N TRP B 82 -9.25 8.95 -17.52
CA TRP B 82 -9.42 8.98 -18.96
C TRP B 82 -8.29 9.80 -19.59
N LEU B 83 -7.77 9.36 -20.74
CA LEU B 83 -6.85 10.20 -21.52
C LEU B 83 -7.57 11.50 -21.83
N SER B 84 -6.82 12.59 -21.82
CA SER B 84 -7.40 13.91 -21.94
C SER B 84 -6.95 14.68 -23.18
N THR B 85 -7.64 15.80 -23.41
CA THR B 85 -7.44 16.66 -24.59
C THR B 85 -6.51 17.84 -24.22
N PRO B 86 -6.22 18.75 -25.19
CA PRO B 86 -5.45 19.96 -24.84
C PRO B 86 -6.22 21.00 -24.02
N GLU B 87 -7.50 20.77 -23.76
CA GLU B 87 -8.38 21.72 -23.06
C GLU B 87 -7.80 22.13 -21.70
N PRO B 88 -7.59 23.45 -21.48
CA PRO B 88 -6.95 23.91 -20.24
C PRO B 88 -7.87 23.79 -19.03
N MET B 89 -7.27 23.69 -17.84
CA MET B 89 -8.02 23.79 -16.58
C MET B 89 -8.74 25.13 -16.53
N PRO B 90 -10.00 25.14 -16.03
CA PRO B 90 -10.68 26.41 -15.76
C PRO B 90 -9.86 27.25 -14.80
N MET B 91 -9.95 28.58 -14.94
CA MET B 91 -9.18 29.54 -14.12
C MET B 91 -9.35 29.32 -12.62
N SER B 92 -10.58 28.97 -12.23
CA SER B 92 -10.95 28.66 -10.84
C SER B 92 -10.19 27.46 -10.25
N MET B 93 -9.79 26.53 -11.12
CA MET B 93 -9.16 25.25 -10.74
C MET B 93 -10.08 24.35 -9.90
N ALA B 94 -11.38 24.64 -9.96
CA ALA B 94 -12.44 23.90 -9.29
C ALA B 94 -12.86 22.68 -10.13
N PRO B 95 -13.35 21.61 -9.49
CA PRO B 95 -13.79 20.42 -10.24
C PRO B 95 -14.83 20.71 -11.34
N ILE B 96 -14.71 19.95 -12.43
CA ILE B 96 -15.53 20.11 -13.63
C ILE B 96 -16.69 19.12 -13.51
N THR B 97 -17.90 19.57 -13.86
CA THR B 97 -19.11 18.72 -13.77
C THR B 97 -19.94 18.76 -15.05
N GLY B 98 -20.76 17.73 -15.23
CA GLY B 98 -21.78 17.67 -16.29
C GLY B 98 -21.23 17.74 -17.70
N GLU B 99 -21.94 18.46 -18.55
CA GLU B 99 -21.58 18.65 -19.95
C GLU B 99 -20.21 19.34 -20.16
N ASN B 100 -19.77 20.11 -19.17
CA ASN B 100 -18.44 20.74 -19.16
C ASN B 100 -17.26 19.74 -19.19
N ILE B 101 -17.53 18.47 -18.84
CA ILE B 101 -16.52 17.40 -18.89
C ILE B 101 -16.17 16.99 -20.34
N ARG B 102 -17.18 16.99 -21.21
CA ARG B 102 -17.01 16.54 -22.62
C ARG B 102 -15.75 17.06 -23.37
N PRO B 103 -15.46 18.38 -23.34
CA PRO B 103 -14.26 18.87 -24.04
C PRO B 103 -12.92 18.36 -23.52
N PHE B 104 -12.91 17.74 -22.35
CA PHE B 104 -11.69 17.20 -21.73
C PHE B 104 -11.34 15.76 -22.10
N ILE B 105 -12.29 15.00 -22.67
CA ILE B 105 -12.12 13.53 -22.83
C ILE B 105 -11.66 13.10 -24.24
N SER B 106 -10.54 12.40 -24.30
CA SER B 106 -10.01 11.85 -25.57
C SER B 106 -10.91 10.80 -26.20
N ARG B 107 -10.86 10.74 -27.53
CA ARG B 107 -11.58 9.74 -28.31
C ARG B 107 -10.63 8.67 -28.84
N CYS B 108 -11.20 7.53 -29.20
CA CYS B 108 -10.43 6.40 -29.72
C CYS B 108 -11.13 5.69 -30.86
N ALA B 109 -10.34 4.94 -31.63
CA ALA B 109 -10.85 4.05 -32.68
C ALA B 109 -10.31 2.66 -32.44
N VAL B 110 -11.19 1.66 -32.53
CA VAL B 110 -10.81 0.25 -32.50
C VAL B 110 -10.84 -0.25 -33.95
N CYS B 111 -9.70 -0.76 -34.43
CA CYS B 111 -9.50 -1.07 -35.84
C CYS B 111 -9.08 -2.52 -36.06
N GLU B 112 -9.67 -3.16 -37.06
CA GLU B 112 -9.26 -4.52 -37.46
C GLU B 112 -8.06 -4.45 -38.41
N ALA B 113 -7.03 -5.25 -38.11
CA ALA B 113 -5.78 -5.28 -38.87
C ALA B 113 -5.55 -6.66 -39.55
N PRO B 114 -4.86 -6.67 -40.72
CA PRO B 114 -4.55 -7.94 -41.39
C PRO B 114 -3.44 -8.75 -40.71
N ALA B 115 -2.66 -8.11 -39.83
CA ALA B 115 -1.53 -8.74 -39.17
C ALA B 115 -1.26 -8.14 -37.78
N MET B 116 -0.32 -8.75 -37.06
CA MET B 116 0.11 -8.29 -35.74
C MET B 116 0.70 -6.89 -35.79
N VAL B 117 0.51 -6.14 -34.69
CA VAL B 117 1.03 -4.78 -34.54
C VAL B 117 1.96 -4.75 -33.32
N MET B 118 3.03 -3.96 -33.39
CA MET B 118 3.95 -3.78 -32.26
C MET B 118 4.43 -2.32 -32.17
N ALA B 119 5.01 -1.97 -31.02
CA ALA B 119 5.77 -0.72 -30.87
C ALA B 119 7.25 -1.02 -30.70
N VAL B 120 8.09 -0.15 -31.25
CA VAL B 120 9.53 -0.13 -30.97
C VAL B 120 9.91 1.24 -30.44
N HIS B 121 10.96 1.29 -29.60
CA HIS B 121 11.39 2.51 -28.91
C HIS B 121 12.88 2.73 -29.17
N SER B 122 13.26 3.98 -29.43
CA SER B 122 14.67 4.33 -29.65
C SER B 122 15.46 4.56 -28.36
N GLN B 123 14.79 5.05 -27.32
CA GLN B 123 15.46 5.56 -26.10
C GLN B 123 16.42 6.71 -26.44
N THR B 124 16.10 7.44 -27.52
CA THR B 124 16.81 8.65 -27.96
C THR B 124 15.80 9.62 -28.58
N ILE B 125 16.26 10.81 -28.97
CA ILE B 125 15.40 11.76 -29.71
C ILE B 125 15.17 11.34 -31.19
N GLN B 126 15.92 10.35 -31.64
CA GLN B 126 15.80 9.84 -33.00
C GLN B 126 14.62 8.87 -33.15
N ILE B 127 14.08 8.77 -34.36
CA ILE B 127 12.95 7.88 -34.65
C ILE B 127 13.47 6.45 -34.82
N PRO B 128 12.92 5.47 -34.05
CA PRO B 128 13.36 4.09 -34.27
C PRO B 128 12.70 3.49 -35.52
N PRO B 129 13.49 2.84 -36.40
CA PRO B 129 12.85 2.22 -37.56
C PRO B 129 12.07 0.96 -37.18
N CYS B 130 10.98 0.71 -37.90
CA CYS B 130 10.28 -0.58 -37.81
C CYS B 130 11.24 -1.71 -38.21
N PRO B 131 11.05 -2.92 -37.63
CA PRO B 131 11.81 -4.08 -38.12
C PRO B 131 11.57 -4.30 -39.62
N SER B 132 12.55 -4.86 -40.32
CA SER B 132 12.40 -5.22 -41.74
C SER B 132 11.17 -6.10 -41.94
N GLY B 133 10.39 -5.80 -42.98
CA GLY B 133 9.16 -6.51 -43.27
C GLY B 133 7.93 -5.99 -42.53
N TRP B 134 8.11 -4.93 -41.74
CA TRP B 134 7.01 -4.31 -41.00
C TRP B 134 6.77 -2.90 -41.53
N SER B 135 5.50 -2.53 -41.69
CA SER B 135 5.13 -1.21 -42.21
C SER B 135 4.81 -0.21 -41.08
N SER B 136 4.92 1.08 -41.38
CA SER B 136 4.73 2.13 -40.39
C SER B 136 3.26 2.48 -40.21
N LEU B 137 2.78 2.44 -38.96
CA LEU B 137 1.42 2.87 -38.62
C LEU B 137 1.37 4.29 -38.05
N TRP B 138 2.24 4.60 -37.07
CA TRP B 138 2.39 5.95 -36.54
C TRP B 138 3.68 6.16 -35.76
N ILE B 139 3.94 7.40 -35.39
CA ILE B 139 5.15 7.79 -34.67
C ILE B 139 4.71 8.56 -33.42
N GLY B 140 5.44 8.41 -32.32
CA GLY B 140 5.07 9.08 -31.07
C GLY B 140 6.17 9.17 -30.03
N TYR B 141 5.74 9.19 -28.76
CA TYR B 141 6.59 9.33 -27.58
C TYR B 141 6.33 8.16 -26.65
N SER B 142 7.40 7.65 -26.05
CA SER B 142 7.37 6.42 -25.24
C SER B 142 6.77 6.62 -23.85
N PHE B 143 5.53 6.16 -23.68
CA PHE B 143 4.73 6.36 -22.48
C PHE B 143 4.70 5.05 -21.69
N VAL B 144 5.20 5.08 -20.45
CA VAL B 144 5.40 3.82 -19.68
C VAL B 144 4.42 3.59 -18.50
N MET B 145 4.13 4.65 -17.73
CA MET B 145 3.47 4.50 -16.42
C MET B 145 2.79 5.83 -16.02
N HIS B 146 1.92 5.78 -15.01
CA HIS B 146 1.28 6.98 -14.48
C HIS B 146 0.78 6.70 -13.07
N THR B 147 0.70 7.75 -12.25
CA THR B 147 0.12 7.63 -10.91
C THR B 147 -0.75 8.85 -10.61
N SER B 148 -1.75 8.66 -9.74
CA SER B 148 -2.56 9.79 -9.26
C SER B 148 -2.95 9.57 -7.79
N ALA B 149 -4.24 9.55 -7.47
CA ALA B 149 -4.68 9.47 -6.07
C ALA B 149 -4.09 8.24 -5.36
N GLY B 150 -3.58 8.47 -4.15
CA GLY B 150 -2.93 7.42 -3.35
C GLY B 150 -1.65 6.84 -3.93
N ALA B 151 -1.04 7.57 -4.88
CA ALA B 151 0.06 7.09 -5.73
C ALA B 151 -0.23 5.74 -6.41
N GLU B 152 -1.52 5.44 -6.58
CA GLU B 152 -1.96 4.28 -7.35
C GLU B 152 -1.94 4.65 -8.82
N GLY B 153 -1.90 3.64 -9.68
CA GLY B 153 -1.86 3.87 -11.10
C GLY B 153 -1.72 2.57 -11.86
N SER B 154 -1.29 2.68 -13.10
CA SER B 154 -1.06 1.54 -13.97
C SER B 154 -0.05 1.94 -15.04
N GLY B 155 0.16 1.07 -16.03
CA GLY B 155 1.12 1.38 -17.08
C GLY B 155 0.87 0.66 -18.38
N GLN B 156 1.83 0.80 -19.30
CA GLN B 156 1.72 0.27 -20.64
C GLN B 156 2.71 -0.85 -20.88
N ALA B 157 2.32 -1.78 -21.75
CA ALA B 157 3.22 -2.80 -22.26
C ALA B 157 4.10 -2.15 -23.34
N LEU B 158 5.42 -2.23 -23.15
CA LEU B 158 6.32 -1.53 -24.06
C LEU B 158 6.39 -2.10 -25.48
N ALA B 159 5.85 -3.31 -25.68
CA ALA B 159 5.67 -3.86 -27.04
C ALA B 159 4.32 -3.47 -27.67
N SER B 160 3.44 -2.85 -26.89
CA SER B 160 2.10 -2.50 -27.35
C SER B 160 2.07 -1.09 -27.93
N PRO B 161 1.19 -0.85 -28.93
CA PRO B 161 1.00 0.52 -29.46
C PRO B 161 0.60 1.51 -28.38
N GLY B 162 0.04 1.01 -27.28
CA GLY B 162 -0.37 1.83 -26.15
C GLY B 162 0.78 2.54 -25.46
N SER B 163 2.00 2.02 -25.62
CA SER B 163 3.21 2.67 -25.11
C SER B 163 3.73 3.77 -26.05
N CYS B 164 3.01 4.03 -27.14
CA CYS B 164 3.42 5.04 -28.13
C CYS B 164 2.31 6.07 -28.38
N LEU B 165 2.33 7.12 -27.55
CA LEU B 165 1.35 8.20 -27.66
C LEU B 165 1.82 9.23 -28.69
N GLU B 166 0.93 9.59 -29.61
CA GLU B 166 1.29 10.47 -30.74
C GLU B 166 1.58 11.91 -30.33
N GLU B 167 0.90 12.39 -29.29
CA GLU B 167 1.19 13.71 -28.74
C GLU B 167 1.72 13.60 -27.30
N PHE B 168 2.90 14.18 -27.06
CA PHE B 168 3.46 14.29 -25.72
C PHE B 168 2.65 15.29 -24.90
N ARG B 169 2.31 14.90 -23.67
CA ARG B 169 1.61 15.76 -22.71
C ARG B 169 2.18 15.49 -21.32
N SER B 170 2.60 16.54 -20.62
CA SER B 170 3.02 16.39 -19.21
CA SER B 170 3.01 16.40 -19.21
C SER B 170 1.87 15.84 -18.36
N ALA B 171 0.65 16.26 -18.70
CA ALA B 171 -0.58 15.80 -18.05
C ALA B 171 -1.53 15.16 -19.09
N PRO B 172 -1.29 13.87 -19.43
CA PRO B 172 -2.05 13.22 -20.50
C PRO B 172 -3.39 12.59 -20.07
N PHE B 173 -3.74 12.70 -18.79
CA PHE B 173 -4.97 12.09 -18.26
C PHE B 173 -5.67 12.93 -17.19
N ILE B 174 -6.98 12.76 -17.09
CA ILE B 174 -7.81 13.48 -16.12
C ILE B 174 -8.44 12.48 -15.12
N GLU B 175 -8.71 12.96 -13.91
CA GLU B 175 -9.29 12.16 -12.82
C GLU B 175 -10.79 12.48 -12.64
N CYS B 176 -11.62 11.45 -12.64
CA CYS B 176 -13.06 11.57 -12.40
C CYS B 176 -13.50 10.74 -11.20
N HIS B 177 -14.64 11.10 -10.61
CA HIS B 177 -15.12 10.52 -9.34
C HIS B 177 -16.58 10.06 -9.46
N GLY B 178 -16.96 9.06 -8.65
CA GLY B 178 -18.35 8.61 -8.58
C GLY B 178 -19.37 9.72 -8.33
N ARG B 179 -18.97 10.75 -7.58
CA ARG B 179 -19.82 11.91 -7.27
C ARG B 179 -20.13 12.82 -8.48
N GLY B 180 -19.42 12.61 -9.58
CA GLY B 180 -19.70 13.30 -10.86
C GLY B 180 -18.72 14.37 -11.26
N THR B 181 -17.67 14.59 -10.46
CA THR B 181 -16.67 15.63 -10.71
C THR B 181 -15.44 15.06 -11.45
N CYS B 182 -14.77 15.89 -12.24
CA CYS B 182 -13.44 15.58 -12.81
C CYS B 182 -12.49 16.75 -12.58
N ASN B 183 -11.20 16.46 -12.44
CA ASN B 183 -10.17 17.50 -12.31
C ASN B 183 -8.75 16.97 -12.55
N TYR B 184 -7.81 17.90 -12.74
CA TYR B 184 -6.39 17.59 -12.64
C TYR B 184 -5.99 17.91 -11.21
N TYR B 185 -5.19 17.01 -10.63
CA TYR B 185 -4.64 17.21 -9.28
C TYR B 185 -3.11 17.25 -9.33
N ALA B 186 -2.51 17.91 -8.34
CA ALA B 186 -1.07 18.17 -8.31
C ALA B 186 -0.22 16.90 -8.22
N ASN B 187 -0.80 15.83 -7.69
CA ASN B 187 -0.07 14.57 -7.58
C ASN B 187 -0.12 13.67 -8.83
N ALA B 188 -0.79 14.11 -9.90
CA ALA B 188 -0.83 13.32 -11.14
C ALA B 188 0.53 13.32 -11.86
N TYR B 189 1.13 12.14 -11.99
CA TYR B 189 2.44 12.01 -12.65
C TYR B 189 2.35 11.16 -13.90
N SER B 190 3.01 11.61 -14.98
CA SER B 190 3.21 10.77 -16.17
C SER B 190 4.67 10.32 -16.24
N PHE B 191 4.91 9.05 -16.60
CA PHE B 191 6.27 8.53 -16.73
C PHE B 191 6.55 8.12 -18.16
N TRP B 192 7.70 8.56 -18.68
CA TRP B 192 8.07 8.35 -20.08
C TRP B 192 9.47 7.75 -20.13
N LEU B 193 9.75 6.93 -21.14
CA LEU B 193 11.13 6.47 -21.35
C LEU B 193 12.05 7.65 -21.64
N ALA B 194 13.24 7.59 -21.05
CA ALA B 194 14.21 8.67 -21.15
C ALA B 194 15.26 8.39 -22.24
N THR B 195 15.95 9.44 -22.67
CA THR B 195 17.02 9.31 -23.66
C THR B 195 18.31 8.81 -23.00
N ILE B 196 18.97 7.85 -23.63
CA ILE B 196 20.25 7.28 -23.17
C ILE B 196 21.26 7.27 -24.32
N GLU B 197 22.47 7.79 -24.05
CA GLU B 197 23.61 7.69 -24.97
C GLU B 197 24.26 6.32 -24.82
N ARG B 198 24.50 5.67 -25.96
CA ARG B 198 25.03 4.30 -26.01
C ARG B 198 26.32 4.10 -25.20
N SER B 199 27.24 5.04 -25.32
CA SER B 199 28.51 4.98 -24.60
C SER B 199 28.35 5.20 -23.08
N GLU B 200 27.23 5.78 -22.67
CA GLU B 200 26.99 6.18 -21.27
C GLU B 200 26.00 5.27 -20.52
N MET B 201 25.61 4.17 -21.15
CA MET B 201 24.60 3.23 -20.61
C MET B 201 24.84 2.82 -19.16
N PHE B 202 26.09 2.52 -18.83
CA PHE B 202 26.41 2.01 -17.50
C PHE B 202 26.88 3.07 -16.51
N LYS B 203 27.09 4.29 -17.01
CA LYS B 203 27.52 5.42 -16.20
C LYS B 203 26.38 5.96 -15.35
N LYS B 204 26.73 6.65 -14.27
CA LYS B 204 25.75 7.36 -13.43
C LYS B 204 24.89 8.32 -14.28
N PRO B 205 23.54 8.17 -14.23
CA PRO B 205 22.70 9.14 -14.94
C PRO B 205 22.95 10.58 -14.46
N THR B 206 22.93 11.53 -15.38
CA THR B 206 23.06 12.94 -15.03
C THR B 206 21.66 13.50 -14.74
N PRO B 207 21.37 13.83 -13.46
CA PRO B 207 20.05 14.36 -13.13
C PRO B 207 19.75 15.63 -13.90
N SER B 208 18.48 15.81 -14.26
CA SER B 208 18.05 16.95 -15.05
C SER B 208 16.61 17.34 -14.70
N THR B 209 16.38 18.65 -14.52
CA THR B 209 15.05 19.20 -14.31
C THR B 209 14.73 20.09 -15.50
N LEU B 210 13.64 19.76 -16.21
CA LEU B 210 13.32 20.37 -17.50
C LEU B 210 12.02 21.17 -17.46
N LYS B 211 12.03 22.32 -18.11
CA LYS B 211 10.85 23.20 -18.19
C LYS B 211 10.29 23.27 -19.61
N ALA B 212 9.10 23.86 -19.76
CA ALA B 212 8.44 24.00 -21.08
C ALA B 212 9.39 24.61 -22.10
N GLY B 213 9.52 23.95 -23.24
CA GLY B 213 10.47 24.32 -24.28
C GLY B 213 11.59 23.31 -24.46
N GLU B 214 11.86 22.54 -23.42
CA GLU B 214 12.93 21.54 -23.43
C GLU B 214 12.47 20.17 -22.87
N LEU B 215 11.16 20.00 -22.72
CA LEU B 215 10.60 18.76 -22.16
C LEU B 215 10.93 17.55 -23.04
N ARG B 216 10.67 17.68 -24.33
CA ARG B 216 10.91 16.61 -25.30
C ARG B 216 12.38 16.29 -25.61
N THR B 217 13.32 17.10 -25.10
CA THR B 217 14.76 16.87 -25.30
C THR B 217 15.27 15.60 -24.61
N HIS B 218 14.52 15.13 -23.62
CA HIS B 218 14.88 13.91 -22.91
C HIS B 218 13.86 12.78 -23.03
N VAL B 219 12.87 12.91 -23.92
CA VAL B 219 11.81 11.88 -24.08
C VAL B 219 12.10 10.97 -25.28
N SER B 220 12.20 9.66 -24.99
CA SER B 220 12.34 8.63 -26.01
C SER B 220 11.23 8.69 -27.05
N ARG B 221 11.60 8.44 -28.31
CA ARG B 221 10.64 8.32 -29.40
C ARG B 221 10.30 6.86 -29.69
N CYS B 222 9.19 6.66 -30.38
CA CYS B 222 8.70 5.33 -30.72
C CYS B 222 8.02 5.31 -32.08
N GLN B 223 7.89 4.11 -32.64
CA GLN B 223 7.14 3.88 -33.86
C GLN B 223 6.28 2.63 -33.69
N VAL B 224 5.06 2.70 -34.23
CA VAL B 224 4.12 1.59 -34.20
C VAL B 224 4.12 0.97 -35.59
N CYS B 225 4.24 -0.36 -35.62
CA CYS B 225 4.55 -1.10 -36.84
C CYS B 225 3.62 -2.31 -37.00
N MET B 226 3.32 -2.67 -38.25
CA MET B 226 2.46 -3.81 -38.57
C MET B 226 3.13 -4.70 -39.63
N ARG B 227 3.13 -6.02 -39.40
CA ARG B 227 3.79 -6.95 -40.34
C ARG B 227 3.16 -6.85 -41.74
N ARG B 228 3.99 -6.72 -42.77
CA ARG B 228 3.52 -6.63 -44.16
C ARG B 228 3.12 -8.01 -44.64
N THR B 229 1.88 -8.13 -45.09
CA THR B 229 1.35 -9.39 -45.65
C THR B 229 0.95 -9.23 -47.11
N VAL C 2 -5.25 -22.66 -42.79
CA VAL C 2 -4.08 -22.67 -41.87
C VAL C 2 -4.52 -22.24 -40.47
N ASP C 3 -4.34 -23.13 -39.50
CA ASP C 3 -4.61 -22.87 -38.08
C ASP C 3 -3.36 -22.31 -37.41
N HIS C 4 -3.45 -21.07 -36.94
CA HIS C 4 -2.30 -20.36 -36.36
C HIS C 4 -2.14 -20.51 -34.84
N GLY C 5 -3.09 -21.17 -34.19
CA GLY C 5 -3.01 -21.48 -32.75
C GLY C 5 -3.49 -20.37 -31.83
N PHE C 6 -4.45 -19.58 -32.30
CA PHE C 6 -5.17 -18.62 -31.45
C PHE C 6 -5.84 -19.37 -30.29
N LEU C 7 -5.86 -18.75 -29.12
CA LEU C 7 -6.35 -19.38 -27.90
C LEU C 7 -7.55 -18.65 -27.28
N VAL C 8 -8.45 -19.42 -26.70
CA VAL C 8 -9.52 -18.87 -25.84
C VAL C 8 -9.73 -19.78 -24.63
N THR C 9 -9.79 -19.16 -23.45
CA THR C 9 -10.05 -19.90 -22.21
C THR C 9 -11.48 -19.63 -21.75
N ARG C 10 -12.15 -20.68 -21.28
CA ARG C 10 -13.55 -20.63 -20.84
C ARG C 10 -13.69 -21.22 -19.44
N HIS C 11 -14.49 -20.56 -18.59
CA HIS C 11 -14.67 -20.98 -17.20
C HIS C 11 -16.13 -21.33 -16.95
N SER C 12 -16.37 -22.54 -16.44
CA SER C 12 -17.74 -23.01 -16.18
C SER C 12 -18.41 -22.35 -14.98
N GLN C 13 -17.59 -21.95 -14.01
CA GLN C 13 -18.06 -21.44 -12.69
C GLN C 13 -18.90 -22.49 -11.95
N THR C 14 -18.60 -23.77 -12.22
CA THR C 14 -19.22 -24.95 -11.61
C THR C 14 -18.16 -26.05 -11.54
N ILE C 15 -18.51 -27.18 -10.93
CA ILE C 15 -17.59 -28.33 -10.88
C ILE C 15 -17.43 -29.05 -12.23
N ASP C 16 -18.25 -28.68 -13.22
CA ASP C 16 -18.21 -29.33 -14.53
C ASP C 16 -17.19 -28.71 -15.48
N ASP C 17 -16.50 -29.57 -16.25
CA ASP C 17 -15.65 -29.13 -17.35
C ASP C 17 -16.50 -28.41 -18.39
N PRO C 18 -16.21 -27.12 -18.69
CA PRO C 18 -16.97 -26.50 -19.78
C PRO C 18 -16.53 -27.03 -21.17
N GLN C 19 -17.49 -27.14 -22.11
CA GLN C 19 -17.19 -27.46 -23.52
C GLN C 19 -16.57 -26.24 -24.17
N CYS C 20 -15.66 -26.49 -25.09
CA CYS C 20 -15.18 -25.42 -25.98
C CYS C 20 -16.32 -24.91 -26.86
N PRO C 21 -16.38 -23.57 -27.09
CA PRO C 21 -17.46 -23.04 -27.92
C PRO C 21 -17.34 -23.50 -29.38
N SER C 22 -18.45 -23.41 -30.12
CA SER C 22 -18.53 -23.91 -31.49
C SER C 22 -17.47 -23.28 -32.39
N GLY C 23 -16.79 -24.12 -33.17
CA GLY C 23 -15.71 -23.68 -34.05
C GLY C 23 -14.33 -23.72 -33.42
N THR C 24 -14.26 -24.06 -32.12
CA THR C 24 -12.97 -24.19 -31.42
C THR C 24 -12.79 -25.62 -30.93
N LYS C 25 -11.56 -25.99 -30.56
CA LYS C 25 -11.29 -27.37 -30.10
C LYS C 25 -10.49 -27.43 -28.78
N ILE C 26 -10.81 -28.43 -27.96
CA ILE C 26 -10.16 -28.62 -26.66
C ILE C 26 -8.64 -28.91 -26.74
N LEU C 27 -7.87 -28.20 -25.93
CA LEU C 27 -6.48 -28.56 -25.71
C LEU C 27 -6.34 -29.29 -24.36
N TYR C 28 -6.87 -28.70 -23.28
CA TYR C 28 -6.93 -29.34 -21.96
C TYR C 28 -7.92 -28.61 -21.03
N HIS C 29 -8.30 -29.29 -19.95
CA HIS C 29 -9.13 -28.71 -18.89
C HIS C 29 -8.28 -28.46 -17.63
N GLY C 30 -8.81 -27.68 -16.70
CA GLY C 30 -8.13 -27.42 -15.43
C GLY C 30 -9.02 -26.74 -14.41
N TYR C 31 -8.38 -26.09 -13.44
CA TYR C 31 -9.04 -25.34 -12.39
C TYR C 31 -8.82 -23.84 -12.58
N SER C 32 -9.84 -23.04 -12.24
CA SER C 32 -9.87 -21.59 -12.54
C SER C 32 -9.06 -20.74 -11.54
N LEU C 33 -7.80 -20.44 -11.86
CA LEU C 33 -6.98 -19.53 -11.05
C LEU C 33 -7.29 -18.07 -11.37
N LEU C 34 -7.63 -17.29 -10.34
CA LEU C 34 -7.88 -15.86 -10.50
C LEU C 34 -6.63 -15.02 -10.21
N TYR C 35 -6.06 -15.17 -9.01
CA TYR C 35 -4.82 -14.49 -8.65
C TYR C 35 -4.13 -15.13 -7.46
N VAL C 36 -2.89 -14.73 -7.23
CA VAL C 36 -2.12 -15.16 -6.06
C VAL C 36 -1.68 -13.93 -5.24
N GLN C 37 -1.35 -14.16 -3.98
CA GLN C 37 -0.87 -13.09 -3.12
C GLN C 37 0.31 -13.61 -2.31
N GLY C 38 1.49 -13.05 -2.58
CA GLY C 38 2.73 -13.46 -1.92
C GLY C 38 3.41 -12.25 -1.31
N ASN C 39 3.83 -12.37 -0.04
CA ASN C 39 4.43 -11.25 0.71
C ASN C 39 3.54 -9.99 0.58
N GLU C 40 2.22 -10.21 0.72
CA GLU C 40 1.17 -9.17 0.64
C GLU C 40 0.83 -8.65 -0.77
N ARG C 41 1.64 -8.99 -1.77
CA ARG C 41 1.48 -8.43 -3.11
C ARG C 41 0.65 -9.36 -4.02
N ALA C 42 -0.44 -8.82 -4.58
CA ALA C 42 -1.31 -9.57 -5.50
C ALA C 42 -0.79 -9.56 -6.93
N HIS C 43 -0.95 -10.70 -7.61
CA HIS C 43 -0.68 -10.80 -9.03
C HIS C 43 -1.71 -11.71 -9.70
N GLY C 44 -2.41 -11.16 -10.69
CA GLY C 44 -3.53 -11.86 -11.33
C GLY C 44 -3.24 -12.43 -12.70
N GLN C 45 -4.09 -13.35 -13.11
CA GLN C 45 -4.10 -13.91 -14.46
C GLN C 45 -5.30 -13.37 -15.22
N ASP C 46 -5.09 -13.10 -16.51
CA ASP C 46 -6.19 -12.74 -17.42
C ASP C 46 -7.07 -13.99 -17.61
N LEU C 47 -8.33 -13.90 -17.18
CA LEU C 47 -9.28 -15.03 -17.26
C LEU C 47 -9.56 -15.54 -18.68
N GLY C 48 -9.22 -14.74 -19.69
CA GLY C 48 -9.34 -15.13 -21.10
C GLY C 48 -8.16 -15.95 -21.62
N THR C 49 -7.11 -16.08 -20.81
CA THR C 49 -5.85 -16.73 -21.22
C THR C 49 -5.62 -18.04 -20.49
N ALA C 50 -4.77 -18.89 -21.08
CA ALA C 50 -4.48 -20.21 -20.53
C ALA C 50 -3.85 -20.16 -19.13
N GLY C 51 -3.24 -19.04 -18.78
CA GLY C 51 -2.64 -18.84 -17.46
C GLY C 51 -3.62 -18.88 -16.30
N SER C 52 -4.92 -18.67 -16.59
CA SER C 52 -5.97 -18.79 -15.58
C SER C 52 -6.51 -20.21 -15.42
N CYS C 53 -5.92 -21.17 -16.15
CA CYS C 53 -6.42 -22.53 -16.19
C CYS C 53 -5.30 -23.53 -15.90
N LEU C 54 -5.19 -23.93 -14.64
CA LEU C 54 -4.09 -24.80 -14.19
C LEU C 54 -4.55 -26.23 -13.98
N ARG C 55 -3.72 -27.18 -14.42
CA ARG C 55 -4.07 -28.61 -14.35
C ARG C 55 -4.25 -29.12 -12.92
N LYS C 56 -3.53 -28.53 -11.98
CA LYS C 56 -3.61 -28.98 -10.58
C LYS C 56 -4.02 -27.83 -9.67
N PHE C 57 -4.94 -28.13 -8.74
CA PHE C 57 -5.32 -27.24 -7.66
C PHE C 57 -4.40 -27.42 -6.45
N SER C 58 -4.15 -26.32 -5.74
CA SER C 58 -3.71 -26.36 -4.35
C SER C 58 -4.09 -25.05 -3.70
N THR C 59 -4.34 -25.07 -2.39
CA THR C 59 -4.48 -23.82 -1.64
C THR C 59 -3.16 -23.02 -1.69
N MET C 60 -2.04 -23.73 -1.86
CA MET C 60 -0.73 -23.09 -2.04
C MET C 60 0.00 -23.59 -3.30
N PRO C 61 -0.29 -22.97 -4.46
CA PRO C 61 0.30 -23.42 -5.72
C PRO C 61 1.68 -22.79 -6.07
N PHE C 62 2.27 -22.06 -5.13
CA PHE C 62 3.58 -21.43 -5.37
C PHE C 62 4.46 -21.50 -4.12
N LEU C 63 5.76 -21.21 -4.29
CA LEU C 63 6.70 -21.10 -3.18
C LEU C 63 7.54 -19.83 -3.41
N PHE C 64 8.32 -19.41 -2.42
CA PHE C 64 9.24 -18.27 -2.63
C PHE C 64 10.68 -18.59 -2.24
N CYS C 65 11.61 -17.87 -2.86
CA CYS C 65 13.04 -18.07 -2.67
C CYS C 65 13.72 -16.74 -2.37
N ASN C 66 14.75 -16.80 -1.54
CA ASN C 66 15.48 -15.60 -1.11
C ASN C 66 16.93 -15.56 -1.63
N ILE C 67 17.62 -14.43 -1.44
CA ILE C 67 19.00 -14.25 -1.93
C ILE C 67 20.04 -15.16 -1.25
N ASN C 68 19.67 -15.76 -0.11
CA ASN C 68 20.54 -16.72 0.60
C ASN C 68 20.42 -18.14 0.05
N ASN C 69 19.70 -18.30 -1.06
CA ASN C 69 19.46 -19.59 -1.70
C ASN C 69 18.68 -20.58 -0.85
N VAL C 70 17.67 -20.05 -0.16
CA VAL C 70 16.73 -20.83 0.64
C VAL C 70 15.34 -20.58 0.06
N CYS C 71 14.59 -21.65 -0.18
CA CYS C 71 13.19 -21.55 -0.62
C CYS C 71 12.22 -22.03 0.47
N ASN C 72 11.08 -21.36 0.57
CA ASN C 72 10.07 -21.70 1.55
C ASN C 72 8.74 -21.97 0.86
N PHE C 73 8.18 -23.15 1.14
CA PHE C 73 6.88 -23.54 0.60
C PHE C 73 5.85 -23.72 1.70
N ALA C 74 4.71 -23.03 1.54
CA ALA C 74 3.59 -23.07 2.50
C ALA C 74 4.02 -22.75 3.94
N SER C 75 4.99 -21.84 4.05
CA SER C 75 5.68 -21.57 5.31
C SER C 75 5.66 -20.10 5.73
N ARG C 76 4.64 -19.38 5.29
CA ARG C 76 4.41 -18.01 5.78
C ARG C 76 2.90 -17.75 5.90
N ASN C 77 2.39 -16.70 5.27
CA ASN C 77 0.97 -16.30 5.36
C ASN C 77 0.45 -15.89 3.98
N ASP C 78 0.68 -16.73 2.98
CA ASP C 78 0.34 -16.39 1.60
C ASP C 78 -1.01 -16.95 1.14
N TYR C 79 -1.52 -16.43 0.01
CA TYR C 79 -2.88 -16.71 -0.47
C TYR C 79 -2.93 -17.18 -1.92
N SER C 80 -3.98 -17.92 -2.25
CA SER C 80 -4.40 -18.13 -3.64
C SER C 80 -5.90 -17.89 -3.76
N TYR C 81 -6.35 -17.45 -4.94
CA TYR C 81 -7.74 -17.12 -5.16
C TYR C 81 -8.20 -17.77 -6.45
N TRP C 82 -9.36 -18.40 -6.39
CA TRP C 82 -9.86 -19.24 -7.48
C TRP C 82 -11.30 -18.83 -7.77
N LEU C 83 -11.70 -18.83 -9.04
CA LEU C 83 -13.12 -18.67 -9.35
C LEU C 83 -13.89 -19.81 -8.71
N SER C 84 -15.09 -19.49 -8.23
CA SER C 84 -15.85 -20.42 -7.40
C SER C 84 -17.17 -20.85 -8.03
N THR C 85 -17.75 -21.90 -7.46
CA THR C 85 -19.00 -22.50 -7.92
C THR C 85 -20.18 -21.86 -7.15
N PRO C 86 -21.45 -22.25 -7.45
CA PRO C 86 -22.53 -21.71 -6.60
C PRO C 86 -22.69 -22.39 -5.23
N GLU C 87 -21.84 -23.39 -4.93
CA GLU C 87 -21.86 -24.09 -3.62
C GLU C 87 -22.01 -23.10 -2.42
N PRO C 88 -23.01 -23.31 -1.53
CA PRO C 88 -23.16 -22.36 -0.42
C PRO C 88 -22.08 -22.53 0.66
N MET C 89 -21.77 -21.44 1.36
CA MET C 89 -20.96 -21.49 2.59
C MET C 89 -21.58 -22.44 3.60
N PRO C 90 -20.74 -23.21 4.33
CA PRO C 90 -21.25 -23.99 5.48
C PRO C 90 -22.00 -23.08 6.48
N MET C 91 -23.00 -23.63 7.16
CA MET C 91 -23.80 -22.87 8.12
C MET C 91 -22.96 -22.23 9.23
N SER C 92 -21.91 -22.93 9.65
CA SER C 92 -20.93 -22.45 10.65
C SER C 92 -20.16 -21.20 10.20
N MET C 93 -20.06 -21.00 8.88
CA MET C 93 -19.25 -19.93 8.27
C MET C 93 -17.75 -20.04 8.61
N ALA C 94 -17.35 -21.22 9.07
CA ALA C 94 -15.96 -21.53 9.42
C ALA C 94 -15.17 -21.92 8.15
N PRO C 95 -13.83 -21.76 8.16
CA PRO C 95 -13.02 -22.12 6.99
C PRO C 95 -13.17 -23.58 6.54
N ILE C 96 -13.13 -23.77 5.21
CA ILE C 96 -13.29 -25.08 4.56
C ILE C 96 -11.90 -25.71 4.35
N THR C 97 -11.76 -27.00 4.64
CA THR C 97 -10.47 -27.71 4.51
C THR C 97 -10.58 -29.04 3.75
N GLY C 98 -9.45 -29.50 3.22
CA GLY C 98 -9.33 -30.84 2.65
C GLY C 98 -10.23 -31.07 1.44
N GLU C 99 -10.74 -32.29 1.34
CA GLU C 99 -11.64 -32.69 0.25
C GLU C 99 -12.91 -31.85 0.18
N ASN C 100 -13.31 -31.24 1.31
CA ASN C 100 -14.47 -30.33 1.35
C ASN C 100 -14.31 -29.10 0.47
N ILE C 101 -13.07 -28.76 0.09
CA ILE C 101 -12.78 -27.62 -0.81
C ILE C 101 -13.26 -27.88 -2.26
N ARG C 102 -13.14 -29.11 -2.74
CA ARG C 102 -13.45 -29.48 -4.15
C ARG C 102 -14.78 -28.94 -4.75
N PRO C 103 -15.93 -29.09 -4.05
CA PRO C 103 -17.19 -28.55 -4.63
C PRO C 103 -17.22 -27.03 -4.83
N PHE C 104 -16.25 -26.30 -4.26
CA PHE C 104 -16.20 -24.83 -4.36
C PHE C 104 -15.38 -24.27 -5.53
N ILE C 105 -14.60 -25.12 -6.21
CA ILE C 105 -13.65 -24.61 -7.22
C ILE C 105 -14.15 -24.78 -8.66
N SER C 106 -14.17 -23.66 -9.39
CA SER C 106 -14.53 -23.64 -10.81
C SER C 106 -13.55 -24.40 -11.68
N ARG C 107 -14.07 -24.95 -12.78
CA ARG C 107 -13.31 -25.61 -13.82
C ARG C 107 -13.20 -24.75 -15.09
N CYS C 108 -12.23 -25.07 -15.93
CA CYS C 108 -11.96 -24.28 -17.13
C CYS C 108 -11.51 -25.17 -18.29
N ALA C 109 -11.68 -24.64 -19.51
CA ALA C 109 -11.20 -25.23 -20.74
C ALA C 109 -10.27 -24.26 -21.45
N VAL C 110 -9.13 -24.77 -21.93
CA VAL C 110 -8.26 -24.03 -22.84
C VAL C 110 -8.52 -24.58 -24.24
N CYS C 111 -8.97 -23.69 -25.12
CA CYS C 111 -9.45 -24.04 -26.46
C CYS C 111 -8.64 -23.36 -27.55
N GLU C 112 -8.36 -24.10 -28.63
CA GLU C 112 -7.71 -23.54 -29.82
C GLU C 112 -8.76 -23.05 -30.83
N ALA C 113 -8.60 -21.80 -31.27
CA ALA C 113 -9.51 -21.13 -32.20
C ALA C 113 -8.84 -20.86 -33.56
N PRO C 114 -9.63 -20.89 -34.67
CA PRO C 114 -9.09 -20.59 -36.01
C PRO C 114 -8.82 -19.11 -36.28
N ALA C 115 -9.33 -18.23 -35.41
CA ALA C 115 -9.11 -16.79 -35.56
C ALA C 115 -9.10 -16.08 -34.19
N MET C 116 -8.79 -14.79 -34.21
CA MET C 116 -8.78 -13.96 -33.01
C MET C 116 -10.15 -13.90 -32.32
N VAL C 117 -10.11 -13.87 -30.98
CA VAL C 117 -11.30 -13.83 -30.14
C VAL C 117 -11.27 -12.54 -29.31
N MET C 118 -12.41 -11.85 -29.21
CA MET C 118 -12.51 -10.61 -28.42
C MET C 118 -13.83 -10.54 -27.65
N ALA C 119 -13.87 -9.67 -26.64
CA ALA C 119 -15.10 -9.32 -25.93
C ALA C 119 -15.58 -7.92 -26.34
N VAL C 120 -16.90 -7.76 -26.48
CA VAL C 120 -17.53 -6.44 -26.62
C VAL C 120 -18.53 -6.23 -25.49
N HIS C 121 -18.67 -4.98 -25.03
CA HIS C 121 -19.55 -4.65 -23.90
C HIS C 121 -20.58 -3.60 -24.31
N SER C 122 -21.84 -3.83 -23.95
CA SER C 122 -22.93 -2.90 -24.28
C SER C 122 -23.00 -1.69 -23.36
N GLN C 123 -22.62 -1.89 -22.10
CA GLN C 123 -22.87 -0.94 -20.99
C GLN C 123 -24.37 -0.65 -20.84
N THR C 124 -25.19 -1.66 -21.15
CA THR C 124 -26.65 -1.65 -21.00
C THR C 124 -27.11 -3.06 -20.59
N ILE C 125 -28.40 -3.21 -20.30
CA ILE C 125 -28.98 -4.54 -20.05
C ILE C 125 -29.12 -5.40 -21.32
N GLN C 126 -28.93 -4.77 -22.49
CA GLN C 126 -29.03 -5.45 -23.79
CA GLN C 126 -29.04 -5.47 -23.78
C GLN C 126 -27.71 -6.14 -24.16
N ILE C 127 -27.80 -7.23 -24.91
CA ILE C 127 -26.60 -7.94 -25.39
C ILE C 127 -26.00 -7.15 -26.55
N PRO C 128 -24.69 -6.79 -26.45
CA PRO C 128 -24.08 -6.08 -27.58
C PRO C 128 -23.88 -7.04 -28.76
N PRO C 129 -24.17 -6.56 -30.00
CA PRO C 129 -23.89 -7.41 -31.16
C PRO C 129 -22.39 -7.55 -31.42
N CYS C 130 -21.99 -8.69 -31.99
CA CYS C 130 -20.61 -8.88 -32.46
C CYS C 130 -20.31 -7.89 -33.59
N PRO C 131 -19.04 -7.42 -33.70
CA PRO C 131 -18.69 -6.57 -34.86
C PRO C 131 -19.00 -7.29 -36.18
N SER C 132 -19.25 -6.51 -37.24
CA SER C 132 -19.56 -7.09 -38.55
C SER C 132 -18.39 -7.97 -39.01
N GLY C 133 -18.70 -9.21 -39.40
CA GLY C 133 -17.69 -10.21 -39.78
C GLY C 133 -17.28 -11.18 -38.66
N TRP C 134 -17.88 -11.01 -37.49
CA TRP C 134 -17.57 -11.81 -36.30
C TRP C 134 -18.81 -12.58 -35.83
N SER C 135 -18.60 -13.82 -35.39
CA SER C 135 -19.69 -14.64 -34.85
C SER C 135 -19.53 -14.90 -33.35
N SER C 136 -20.65 -15.23 -32.70
CA SER C 136 -20.73 -15.37 -31.25
C SER C 136 -20.18 -16.69 -30.72
N LEU C 137 -19.37 -16.60 -29.66
CA LEU C 137 -18.95 -17.77 -28.90
C LEU C 137 -19.78 -17.96 -27.63
N TRP C 138 -19.96 -16.87 -26.86
CA TRP C 138 -20.87 -16.85 -25.71
C TRP C 138 -21.29 -15.42 -25.31
N ILE C 139 -22.32 -15.35 -24.46
CA ILE C 139 -22.83 -14.10 -23.88
C ILE C 139 -22.59 -14.12 -22.36
N GLY C 140 -22.45 -12.95 -21.75
CA GLY C 140 -22.24 -12.90 -20.31
C GLY C 140 -22.37 -11.51 -19.70
N TYR C 141 -21.66 -11.32 -18.60
CA TYR C 141 -21.73 -10.12 -17.79
C TYR C 141 -20.32 -9.48 -17.66
N SER C 142 -20.28 -8.15 -17.71
CA SER C 142 -19.03 -7.39 -17.78
C SER C 142 -18.26 -7.32 -16.45
N PHE C 143 -17.21 -8.12 -16.34
CA PHE C 143 -16.41 -8.28 -15.11
C PHE C 143 -15.08 -7.53 -15.25
N VAL C 144 -14.85 -6.55 -14.38
CA VAL C 144 -13.72 -5.64 -14.54
C VAL C 144 -12.58 -5.83 -13.52
N MET C 145 -12.89 -5.96 -12.23
CA MET C 145 -11.86 -6.17 -11.19
C MET C 145 -12.42 -6.75 -9.89
N HIS C 146 -11.54 -6.95 -8.91
CA HIS C 146 -11.91 -7.56 -7.63
C HIS C 146 -10.86 -7.25 -6.60
N THR C 147 -11.26 -7.26 -5.32
CA THR C 147 -10.32 -7.12 -4.20
C THR C 147 -10.71 -8.07 -3.06
N SER C 148 -9.74 -8.47 -2.25
CA SER C 148 -10.02 -9.23 -1.03
C SER C 148 -9.06 -8.80 0.08
N ALA C 149 -8.23 -9.72 0.59
CA ALA C 149 -7.35 -9.42 1.72
C ALA C 149 -6.43 -8.22 1.44
N GLY C 150 -6.38 -7.31 2.41
CA GLY C 150 -5.60 -6.07 2.29
C GLY C 150 -5.99 -5.13 1.18
N ALA C 151 -7.23 -5.28 0.69
CA ALA C 151 -7.75 -4.59 -0.51
C ALA C 151 -6.87 -4.75 -1.75
N GLU C 152 -6.04 -5.79 -1.73
CA GLU C 152 -5.25 -6.20 -2.88
C GLU C 152 -6.14 -6.98 -3.83
N GLY C 153 -5.77 -7.04 -5.09
CA GLY C 153 -6.53 -7.76 -6.07
C GLY C 153 -5.92 -7.63 -7.44
N SER C 154 -6.76 -7.87 -8.45
CA SER C 154 -6.37 -7.75 -9.85
C SER C 154 -7.63 -7.51 -10.68
N GLY C 155 -7.49 -7.57 -12.00
CA GLY C 155 -8.64 -7.35 -12.86
C GLY C 155 -8.49 -7.91 -14.26
N GLN C 156 -9.46 -7.56 -15.11
CA GLN C 156 -9.57 -8.14 -16.45
C GLN C 156 -9.29 -7.10 -17.53
N ALA C 157 -8.77 -7.56 -18.66
CA ALA C 157 -8.65 -6.74 -19.88
C ALA C 157 -10.02 -6.70 -20.54
N LEU C 158 -10.55 -5.51 -20.79
CA LEU C 158 -11.93 -5.39 -21.30
C LEU C 158 -12.16 -5.85 -22.75
N ALA C 159 -11.10 -6.06 -23.51
CA ALA C 159 -11.22 -6.73 -24.82
C ALA C 159 -11.02 -8.26 -24.77
N SER C 160 -10.63 -8.77 -23.60
CA SER C 160 -10.42 -10.21 -23.39
C SER C 160 -11.73 -10.94 -23.01
N PRO C 161 -11.90 -12.20 -23.46
CA PRO C 161 -13.04 -13.03 -23.03
C PRO C 161 -13.16 -13.15 -21.49
N GLY C 162 -12.03 -12.94 -20.80
CA GLY C 162 -11.98 -12.95 -19.33
C GLY C 162 -12.80 -11.86 -18.64
N SER C 163 -13.13 -10.81 -19.37
CA SER C 163 -14.02 -9.76 -18.87
C SER C 163 -15.51 -10.06 -19.14
N CYS C 164 -15.80 -11.25 -19.65
CA CYS C 164 -17.17 -11.66 -19.97
C CYS C 164 -17.48 -13.00 -19.33
N LEU C 165 -17.89 -12.95 -18.06
CA LEU C 165 -18.29 -14.13 -17.30
C LEU C 165 -19.72 -14.53 -17.64
N GLU C 166 -19.92 -15.82 -17.91
CA GLU C 166 -21.25 -16.33 -18.31
C GLU C 166 -22.28 -16.33 -17.18
N GLU C 167 -21.80 -16.45 -15.95
CA GLU C 167 -22.67 -16.43 -14.78
C GLU C 167 -22.34 -15.23 -13.90
N PHE C 168 -23.33 -14.36 -13.68
CA PHE C 168 -23.16 -13.26 -12.72
C PHE C 168 -23.18 -13.83 -11.30
N ARG C 169 -22.22 -13.40 -10.48
CA ARG C 169 -22.14 -13.80 -9.06
C ARG C 169 -21.64 -12.59 -8.29
N SER C 170 -22.35 -12.22 -7.23
CA SER C 170 -21.86 -11.19 -6.28
C SER C 170 -20.51 -11.55 -5.67
N ALA C 171 -20.31 -12.85 -5.41
CA ALA C 171 -19.09 -13.42 -4.88
C ALA C 171 -18.51 -14.49 -5.84
N PRO C 172 -17.82 -14.05 -6.92
CA PRO C 172 -17.38 -14.99 -7.97
C PRO C 172 -16.08 -15.74 -7.69
N PHE C 173 -15.44 -15.49 -6.55
CA PHE C 173 -14.17 -16.13 -6.21
C PHE C 173 -14.06 -16.46 -4.71
N ILE C 174 -13.23 -17.45 -4.40
CA ILE C 174 -13.00 -17.89 -3.01
C ILE C 174 -11.51 -17.69 -2.65
N GLU C 175 -11.25 -17.45 -1.37
CA GLU C 175 -9.90 -17.17 -0.86
C GLU C 175 -9.34 -18.39 -0.16
N CYS C 176 -8.13 -18.79 -0.54
CA CYS C 176 -7.44 -19.93 0.08
C CYS C 176 -6.08 -19.51 0.64
N HIS C 177 -5.56 -20.28 1.59
CA HIS C 177 -4.35 -19.92 2.34
C HIS C 177 -3.32 -21.04 2.32
N GLY C 178 -2.04 -20.70 2.49
CA GLY C 178 -0.95 -21.69 2.61
C GLY C 178 -1.21 -22.76 3.66
N ARG C 179 -1.86 -22.38 4.76
CA ARG C 179 -2.22 -23.29 5.85
C ARG C 179 -3.25 -24.38 5.45
N GLY C 180 -3.90 -24.23 4.30
CA GLY C 180 -4.80 -25.26 3.75
C GLY C 180 -6.30 -24.97 3.86
N THR C 181 -6.64 -23.76 4.31
CA THR C 181 -8.04 -23.34 4.48
C THR C 181 -8.50 -22.46 3.32
N CYS C 182 -9.80 -22.53 3.01
CA CYS C 182 -10.48 -21.58 2.11
C CYS C 182 -11.75 -21.07 2.76
N ASN C 183 -12.10 -19.82 2.42
CA ASN C 183 -13.37 -19.22 2.84
C ASN C 183 -13.73 -17.99 2.01
N TYR C 184 -14.98 -17.55 2.16
CA TYR C 184 -15.41 -16.22 1.74
C TYR C 184 -15.26 -15.30 2.93
N TYR C 185 -14.77 -14.08 2.68
CA TYR C 185 -14.61 -13.06 3.73
C TYR C 185 -15.41 -11.82 3.36
N ALA C 186 -15.86 -11.10 4.38
CA ALA C 186 -16.75 -9.93 4.24
C ALA C 186 -16.15 -8.81 3.39
N ASN C 187 -14.82 -8.73 3.33
CA ASN C 187 -14.17 -7.70 2.50
C ASN C 187 -13.99 -8.04 1.00
N ALA C 188 -14.47 -9.21 0.56
CA ALA C 188 -14.33 -9.62 -0.85
C ALA C 188 -15.31 -8.84 -1.73
N TYR C 189 -14.77 -8.06 -2.67
CA TYR C 189 -15.59 -7.27 -3.60
C TYR C 189 -15.38 -7.70 -5.03
N SER C 190 -16.48 -7.76 -5.79
CA SER C 190 -16.42 -7.90 -7.24
C SER C 190 -16.86 -6.60 -7.87
N PHE C 191 -16.17 -6.21 -8.95
CA PHE C 191 -16.46 -4.98 -9.68
C PHE C 191 -16.91 -5.32 -11.10
N TRP C 192 -18.04 -4.75 -11.50
CA TRP C 192 -18.67 -5.00 -12.80
C TRP C 192 -18.89 -3.67 -13.54
N LEU C 193 -18.79 -3.68 -14.87
CA LEU C 193 -19.20 -2.50 -15.65
C LEU C 193 -20.68 -2.23 -15.44
N ALA C 194 -21.01 -0.95 -15.28
CA ALA C 194 -22.36 -0.52 -14.98
C ALA C 194 -23.13 -0.13 -16.25
N THR C 195 -24.45 -0.04 -16.14
CA THR C 195 -25.28 0.41 -17.26
C THR C 195 -25.24 1.95 -17.35
N ILE C 196 -25.16 2.47 -18.57
CA ILE C 196 -25.12 3.91 -18.83
C ILE C 196 -26.04 4.21 -20.02
N GLU C 197 -26.93 5.18 -19.83
CA GLU C 197 -27.78 5.70 -20.91
C GLU C 197 -26.99 6.79 -21.66
N ARG C 198 -26.96 6.68 -22.98
CA ARG C 198 -26.23 7.61 -23.85
C ARG C 198 -26.48 9.11 -23.55
N SER C 199 -27.75 9.44 -23.33
CA SER C 199 -28.18 10.81 -22.96
C SER C 199 -27.53 11.31 -21.67
N GLU C 200 -27.22 10.38 -20.76
CA GLU C 200 -26.77 10.69 -19.40
C GLU C 200 -25.26 10.53 -19.15
N MET C 201 -24.49 10.29 -20.21
CA MET C 201 -23.04 10.00 -20.12
C MET C 201 -22.26 10.98 -19.27
N PHE C 202 -22.48 12.28 -19.50
CA PHE C 202 -21.70 13.31 -18.83
C PHE C 202 -22.37 13.85 -17.56
N LYS C 203 -23.63 13.48 -17.35
CA LYS C 203 -24.40 13.93 -16.19
C LYS C 203 -23.97 13.20 -14.92
N LYS C 204 -24.26 13.78 -13.75
CA LYS C 204 -23.95 13.17 -12.46
C LYS C 204 -24.63 11.80 -12.33
N PRO C 205 -23.83 10.73 -12.11
CA PRO C 205 -24.43 9.40 -11.89
C PRO C 205 -25.42 9.43 -10.73
N THR C 206 -26.55 8.73 -10.87
CA THR C 206 -27.52 8.59 -9.79
C THR C 206 -27.09 7.42 -8.91
N PRO C 207 -26.71 7.68 -7.63
CA PRO C 207 -26.32 6.57 -6.75
C PRO C 207 -27.44 5.55 -6.59
N SER C 208 -27.06 4.27 -6.56
CA SER C 208 -28.02 3.19 -6.37
C SER C 208 -27.47 2.08 -5.47
N THR C 209 -28.32 1.60 -4.55
CA THR C 209 -28.01 0.42 -3.75
C THR C 209 -29.02 -0.66 -4.11
N LEU C 210 -28.52 -1.81 -4.57
CA LEU C 210 -29.36 -2.88 -5.11
C LEU C 210 -29.30 -4.13 -4.27
N LYS C 211 -30.46 -4.79 -4.12
CA LYS C 211 -30.57 -6.04 -3.37
C LYS C 211 -30.92 -7.22 -4.28
N ALA C 212 -30.79 -8.44 -3.74
CA ALA C 212 -31.12 -9.67 -4.48
C ALA C 212 -32.48 -9.55 -5.18
N GLY C 213 -32.49 -9.82 -6.48
CA GLY C 213 -33.68 -9.64 -7.31
C GLY C 213 -33.62 -8.46 -8.26
N GLU C 214 -32.66 -7.56 -8.03
CA GLU C 214 -32.46 -6.38 -8.86
C GLU C 214 -30.97 -6.07 -9.16
N LEU C 215 -30.07 -6.98 -8.77
CA LEU C 215 -28.62 -6.76 -8.93
C LEU C 215 -28.24 -6.51 -10.40
N ARG C 216 -28.74 -7.35 -11.28
CA ARG C 216 -28.43 -7.28 -12.71
C ARG C 216 -29.16 -6.16 -13.47
N THR C 217 -29.98 -5.36 -12.80
CA THR C 217 -30.63 -4.20 -13.46
C THR C 217 -29.63 -3.11 -13.84
N HIS C 218 -28.46 -3.11 -13.19
CA HIS C 218 -27.40 -2.15 -13.47
C HIS C 218 -26.07 -2.76 -13.93
N VAL C 219 -26.07 -4.05 -14.29
CA VAL C 219 -24.85 -4.73 -14.77
C VAL C 219 -24.80 -4.80 -16.31
N SER C 220 -23.73 -4.25 -16.88
CA SER C 220 -23.45 -4.32 -18.32
C SER C 220 -23.38 -5.76 -18.83
N ARG C 221 -23.86 -5.96 -20.06
CA ARG C 221 -23.78 -7.27 -20.73
C ARG C 221 -22.66 -7.29 -21.77
N CYS C 222 -22.26 -8.48 -22.17
CA CYS C 222 -21.16 -8.66 -23.10
C CYS C 222 -21.34 -9.87 -23.98
N GLN C 223 -20.61 -9.87 -25.09
CA GLN C 223 -20.56 -11.01 -25.99
C GLN C 223 -19.11 -11.27 -26.33
N VAL C 224 -18.75 -12.56 -26.37
CA VAL C 224 -17.43 -13.01 -26.79
C VAL C 224 -17.58 -13.45 -28.25
N CYS C 225 -16.75 -12.87 -29.11
CA CYS C 225 -16.89 -12.99 -30.56
C CYS C 225 -15.61 -13.48 -31.23
N MET C 226 -15.76 -14.17 -32.37
CA MET C 226 -14.62 -14.70 -33.12
C MET C 226 -14.75 -14.35 -34.60
N ARG C 227 -13.65 -13.89 -35.19
CA ARG C 227 -13.58 -13.50 -36.59
C ARG C 227 -13.91 -14.69 -37.50
N ARG C 228 -14.84 -14.48 -38.43
CA ARG C 228 -15.22 -15.51 -39.40
C ARG C 228 -14.14 -15.61 -40.46
N THR C 229 -13.69 -16.84 -40.73
CA THR C 229 -12.67 -17.10 -41.76
C THR C 229 -13.18 -18.07 -42.82
N VAL D 2 7.25 21.16 43.18
CA VAL D 2 7.96 19.99 42.57
C VAL D 2 7.78 19.99 41.04
N ASP D 3 8.90 19.96 40.34
CA ASP D 3 8.93 19.87 38.88
C ASP D 3 9.03 18.41 38.45
N HIS D 4 7.99 17.93 37.77
CA HIS D 4 7.88 16.53 37.40
C HIS D 4 8.50 16.17 36.03
N GLY D 5 8.89 17.20 35.27
CA GLY D 5 9.59 17.00 34.00
C GLY D 5 8.71 16.86 32.77
N PHE D 6 7.55 17.52 32.78
CA PHE D 6 6.68 17.62 31.62
C PHE D 6 7.43 18.35 30.50
N LEU D 7 7.14 17.98 29.26
CA LEU D 7 7.87 18.50 28.09
C LEU D 7 6.95 19.12 27.05
N VAL D 8 7.48 20.14 26.38
CA VAL D 8 6.82 20.73 25.22
C VAL D 8 7.91 21.09 24.20
N THR D 9 7.63 20.76 22.94
CA THR D 9 8.53 21.07 21.83
C THR D 9 7.89 22.11 20.94
N ARG D 10 8.68 23.11 20.54
CA ARG D 10 8.21 24.23 19.71
C ARG D 10 9.07 24.28 18.46
N HIS D 11 8.44 24.62 17.33
CA HIS D 11 9.13 24.70 16.04
C HIS D 11 9.02 26.11 15.47
N SER D 12 10.16 26.69 15.13
CA SER D 12 10.18 28.05 14.58
C SER D 12 9.64 28.15 13.15
N GLN D 13 9.80 27.07 12.36
CA GLN D 13 9.53 27.10 10.91
C GLN D 13 10.41 28.16 10.19
N THR D 14 11.55 28.48 10.80
CA THR D 14 12.57 29.40 10.28
C THR D 14 13.97 28.86 10.64
N ILE D 15 15.01 29.53 10.16
CA ILE D 15 16.39 29.21 10.56
C ILE D 15 16.75 29.64 11.99
N ASP D 16 15.90 30.47 12.61
CA ASP D 16 16.12 30.94 13.99
C ASP D 16 15.65 29.90 15.00
N ASP D 17 16.40 29.73 16.09
CA ASP D 17 15.93 28.98 17.26
C ASP D 17 14.63 29.61 17.78
N PRO D 18 13.57 28.81 17.99
CA PRO D 18 12.39 29.37 18.66
C PRO D 18 12.67 29.52 20.15
N GLN D 19 11.98 30.46 20.79
CA GLN D 19 12.10 30.63 22.24
C GLN D 19 11.10 29.73 22.94
N CYS D 20 11.51 29.18 24.09
CA CYS D 20 10.61 28.44 24.97
C CYS D 20 9.49 29.38 25.42
N PRO D 21 8.22 28.90 25.40
CA PRO D 21 7.11 29.78 25.80
C PRO D 21 7.14 30.12 27.29
N SER D 22 6.42 31.18 27.66
CA SER D 22 6.40 31.70 29.04
C SER D 22 6.03 30.63 30.07
N GLY D 23 6.83 30.54 31.12
CA GLY D 23 6.65 29.56 32.18
C GLY D 23 7.44 28.28 32.00
N THR D 24 8.14 28.16 30.87
CA THR D 24 8.92 26.95 30.55
C THR D 24 10.42 27.27 30.46
N LYS D 25 11.27 26.24 30.49
CA LYS D 25 12.72 26.44 30.38
C LYS D 25 13.37 25.54 29.35
N ILE D 26 14.42 26.06 28.71
CA ILE D 26 15.15 25.35 27.65
C ILE D 26 15.92 24.13 28.16
N LEU D 27 15.75 23.00 27.47
CA LEU D 27 16.65 21.86 27.64
C LEU D 27 17.70 21.81 26.52
N TYR D 28 17.25 21.86 25.26
CA TYR D 28 18.14 21.94 24.09
C TYR D 28 17.42 22.37 22.80
N HIS D 29 18.21 22.77 21.81
CA HIS D 29 17.72 23.10 20.47
C HIS D 29 18.10 22.04 19.44
N GLY D 30 17.45 22.09 18.28
CA GLY D 30 17.76 21.16 17.18
C GLY D 30 17.08 21.51 15.87
N TYR D 31 16.97 20.52 14.99
CA TYR D 31 16.33 20.66 13.68
C TYR D 31 15.02 19.86 13.63
N SER D 32 14.02 20.40 12.94
CA SER D 32 12.64 19.88 12.98
C SER D 32 12.42 18.65 12.09
N LEU D 33 12.49 17.46 12.69
CA LEU D 33 12.21 16.22 11.97
C LEU D 33 10.70 15.91 11.95
N LEU D 34 10.16 15.72 10.74
CA LEU D 34 8.74 15.39 10.61
C LEU D 34 8.52 13.88 10.50
N TYR D 35 9.17 13.25 9.52
CA TYR D 35 9.09 11.79 9.36
C TYR D 35 10.24 11.20 8.55
N VAL D 36 10.34 9.87 8.61
CA VAL D 36 11.29 9.11 7.80
C VAL D 36 10.55 8.09 6.94
N GLN D 37 11.19 7.65 5.87
CA GLN D 37 10.63 6.66 4.97
C GLN D 37 11.74 5.69 4.59
N GLY D 38 11.61 4.46 5.06
CA GLY D 38 12.59 3.40 4.81
C GLY D 38 11.91 2.18 4.25
N ASN D 39 12.49 1.62 3.19
CA ASN D 39 11.88 0.48 2.46
C ASN D 39 10.42 0.83 2.10
N GLU D 40 10.26 2.11 1.70
CA GLU D 40 9.00 2.73 1.25
C GLU D 40 7.91 2.94 2.32
N ARG D 41 8.21 2.56 3.56
CA ARG D 41 7.28 2.70 4.69
C ARG D 41 7.57 3.96 5.52
N ALA D 42 6.55 4.81 5.69
CA ALA D 42 6.68 6.05 6.47
C ALA D 42 6.50 5.82 7.97
N HIS D 43 7.31 6.54 8.75
CA HIS D 43 7.15 6.61 10.20
C HIS D 43 7.42 8.02 10.69
N GLY D 44 6.40 8.62 11.31
CA GLY D 44 6.48 10.02 11.75
C GLY D 44 6.72 10.23 13.23
N GLN D 45 7.14 11.45 13.57
CA GLN D 45 7.31 11.87 14.95
C GLN D 45 6.21 12.89 15.29
N ASP D 46 5.70 12.81 16.53
CA ASP D 46 4.74 13.79 17.06
C ASP D 46 5.48 15.12 17.22
N LEU D 47 5.06 16.13 16.46
CA LEU D 47 5.71 17.45 16.49
C LEU D 47 5.70 18.17 17.85
N GLY D 48 4.80 17.75 18.74
CA GLY D 48 4.74 18.28 20.12
C GLY D 48 5.74 17.63 21.06
N THR D 49 6.45 16.60 20.58
CA THR D 49 7.37 15.83 21.43
C THR D 49 8.83 16.02 21.02
N ALA D 50 9.72 15.73 21.96
CA ALA D 50 11.18 15.87 21.75
C ALA D 50 11.74 15.03 20.61
N GLY D 51 11.01 13.97 20.22
CA GLY D 51 11.41 13.12 19.08
C GLY D 51 11.43 13.80 17.72
N SER D 52 10.68 14.91 17.59
CA SER D 52 10.68 15.75 16.38
C SER D 52 11.82 16.79 16.36
N CYS D 53 12.68 16.75 17.37
CA CYS D 53 13.77 17.72 17.51
C CYS D 53 15.11 17.01 17.67
N LEU D 54 15.83 16.86 16.57
CA LEU D 54 17.14 16.21 16.58
C LEU D 54 18.28 17.22 16.56
N ARG D 55 19.30 16.95 17.38
CA ARG D 55 20.47 17.82 17.52
C ARG D 55 21.20 18.02 16.18
N LYS D 56 21.28 16.95 15.39
CA LYS D 56 22.00 16.99 14.12
C LYS D 56 21.10 16.68 12.94
N PHE D 57 21.17 17.54 11.93
CA PHE D 57 20.50 17.31 10.65
C PHE D 57 21.31 16.32 9.82
N SER D 58 20.59 15.53 9.02
CA SER D 58 21.18 14.87 7.83
C SER D 58 20.07 14.57 6.85
N THR D 59 20.40 14.54 5.56
CA THR D 59 19.45 14.02 4.56
C THR D 59 19.17 12.54 4.81
N MET D 60 20.13 11.86 5.43
CA MET D 60 19.96 10.45 5.86
C MET D 60 20.33 10.23 7.34
N PRO D 61 19.36 10.45 8.25
CA PRO D 61 19.62 10.32 9.69
C PRO D 61 19.52 8.90 10.26
N PHE D 62 19.28 7.90 9.41
CA PHE D 62 19.13 6.51 9.85
C PHE D 62 19.85 5.54 8.91
N LEU D 63 20.02 4.30 9.36
CA LEU D 63 20.54 3.19 8.55
C LEU D 63 19.62 1.97 8.73
N PHE D 64 19.78 0.94 7.90
CA PHE D 64 19.05 -0.33 8.11
C PHE D 64 19.94 -1.54 8.18
N CYS D 65 19.47 -2.57 8.89
CA CYS D 65 20.20 -3.82 9.10
C CYS D 65 19.32 -5.00 8.73
N ASN D 66 19.94 -6.05 8.20
CA ASN D 66 19.21 -7.26 7.80
C ASN D 66 19.54 -8.47 8.69
N ILE D 67 18.82 -9.59 8.49
CA ILE D 67 19.00 -10.79 9.33
C ILE D 67 20.35 -11.52 9.12
N ASN D 68 21.08 -11.13 8.08
CA ASN D 68 22.44 -11.63 7.79
C ASN D 68 23.54 -10.84 8.53
N ASN D 69 23.13 -9.95 9.45
CA ASN D 69 24.07 -9.10 10.22
C ASN D 69 24.91 -8.18 9.32
N VAL D 70 24.24 -7.60 8.33
CA VAL D 70 24.83 -6.60 7.44
C VAL D 70 23.98 -5.34 7.59
N CYS D 71 24.63 -4.19 7.81
CA CYS D 71 23.93 -2.91 7.83
C CYS D 71 24.34 -2.01 6.65
N ASN D 72 23.38 -1.24 6.16
CA ASN D 72 23.58 -0.35 5.01
C ASN D 72 23.15 1.06 5.37
N PHE D 73 24.09 2.00 5.22
CA PHE D 73 23.83 3.41 5.46
C PHE D 73 23.88 4.17 4.14
N ALA D 74 22.82 4.93 3.88
CA ALA D 74 22.68 5.78 2.68
C ALA D 74 22.96 5.04 1.36
N SER D 75 22.59 3.76 1.31
CA SER D 75 22.95 2.87 0.20
C SER D 75 21.75 2.29 -0.55
N ARG D 76 20.59 2.94 -0.46
CA ARG D 76 19.43 2.52 -1.26
C ARG D 76 18.67 3.75 -1.77
N ASN D 77 17.35 3.81 -1.53
CA ASN D 77 16.49 4.89 -2.03
C ASN D 77 15.56 5.38 -0.92
N ASP D 78 16.11 5.64 0.26
CA ASP D 78 15.29 6.05 1.43
C ASP D 78 15.20 7.58 1.60
N TYR D 79 14.29 8.01 2.48
CA TYR D 79 13.91 9.43 2.59
C TYR D 79 13.90 9.95 4.04
N SER D 80 14.07 11.25 4.18
CA SER D 80 13.77 11.97 5.40
C SER D 80 13.00 13.24 5.05
N TYR D 81 12.17 13.68 5.98
CA TYR D 81 11.28 14.82 5.79
C TYR D 81 11.39 15.73 6.99
N TRP D 82 11.54 17.02 6.72
CA TRP D 82 11.82 18.04 7.73
C TRP D 82 10.86 19.20 7.58
N LEU D 83 10.39 19.78 8.69
CA LEU D 83 9.64 21.04 8.59
C LEU D 83 10.54 22.08 7.94
N SER D 84 9.93 22.90 7.10
CA SER D 84 10.69 23.86 6.29
C SER D 84 10.44 25.34 6.66
N THR D 85 11.24 26.21 6.04
CA THR D 85 11.22 27.66 6.27
C THR D 85 10.46 28.36 5.12
N PRO D 86 10.33 29.71 5.17
CA PRO D 86 9.72 30.40 4.02
C PRO D 86 10.60 30.51 2.74
N GLU D 87 11.82 29.95 2.78
CA GLU D 87 12.74 29.99 1.63
C GLU D 87 12.08 29.43 0.36
N PRO D 88 12.02 30.23 -0.73
CA PRO D 88 11.34 29.70 -1.93
C PRO D 88 12.18 28.65 -2.66
N MET D 89 11.49 27.78 -3.40
CA MET D 89 12.14 26.89 -4.37
C MET D 89 13.05 27.68 -5.30
N PRO D 90 14.26 27.15 -5.59
CA PRO D 90 15.13 27.71 -6.62
C PRO D 90 14.38 27.87 -7.95
N MET D 91 14.76 28.89 -8.72
CA MET D 91 14.14 29.18 -10.02
C MET D 91 14.25 27.97 -10.97
N SER D 92 15.39 27.28 -10.91
CA SER D 92 15.66 26.05 -11.66
C SER D 92 14.71 24.88 -11.34
N MET D 93 14.17 24.88 -10.12
CA MET D 93 13.32 23.79 -9.58
C MET D 93 14.05 22.43 -9.46
N ALA D 94 15.37 22.46 -9.51
CA ALA D 94 16.22 21.28 -9.41
C ALA D 94 16.52 20.95 -7.93
N PRO D 95 16.81 19.66 -7.61
CA PRO D 95 17.18 19.28 -6.23
C PRO D 95 18.35 20.09 -5.64
N ILE D 96 18.23 20.34 -4.34
CA ILE D 96 19.14 21.15 -3.55
C ILE D 96 20.10 20.23 -2.80
N THR D 97 21.39 20.57 -2.77
CA THR D 97 22.40 19.72 -2.11
C THR D 97 23.31 20.50 -1.17
N GLY D 98 23.96 19.79 -0.26
CA GLY D 98 25.00 20.35 0.61
C GLY D 98 24.55 21.52 1.47
N GLU D 99 25.40 22.54 1.57
CA GLU D 99 25.10 23.73 2.39
C GLU D 99 23.87 24.50 1.91
N ASN D 100 23.54 24.34 0.63
CA ASN D 100 22.37 24.98 0.03
C ASN D 100 21.05 24.53 0.67
N ILE D 101 21.05 23.37 1.33
CA ILE D 101 19.88 22.86 2.07
C ILE D 101 19.58 23.68 3.33
N ARG D 102 20.64 24.20 3.98
CA ARG D 102 20.49 24.90 5.26
C ARG D 102 19.35 25.96 5.34
N PRO D 103 19.23 26.88 4.35
CA PRO D 103 18.13 27.88 4.46
C PRO D 103 16.71 27.31 4.48
N PHE D 104 16.56 26.04 4.11
CA PHE D 104 15.25 25.39 4.01
C PHE D 104 14.77 24.67 5.28
N ILE D 105 15.65 24.45 6.26
CA ILE D 105 15.33 23.57 7.41
C ILE D 105 14.92 24.34 8.68
N SER D 106 13.75 24.00 9.20
CA SER D 106 13.21 24.59 10.45
C SER D 106 14.01 24.18 11.69
N ARG D 107 14.02 25.08 12.68
CA ARG D 107 14.65 24.82 13.98
C ARG D 107 13.62 24.55 15.08
N CYS D 108 14.07 23.93 16.16
CA CYS D 108 13.18 23.59 17.28
C CYS D 108 13.81 23.78 18.65
N ALA D 109 12.95 23.88 19.66
CA ALA D 109 13.34 23.90 21.06
C ALA D 109 12.56 22.85 21.83
N VAL D 110 13.27 22.09 22.66
CA VAL D 110 12.66 21.17 23.62
C VAL D 110 12.73 21.86 24.98
N CYS D 111 11.56 22.05 25.59
CA CYS D 111 11.40 22.84 26.83
C CYS D 111 10.76 22.03 27.95
N GLU D 112 11.25 22.24 29.18
CA GLU D 112 10.63 21.63 30.36
C GLU D 112 9.51 22.53 30.90
N ALA D 113 8.35 21.92 31.16
CA ALA D 113 7.15 22.62 31.64
C ALA D 113 6.78 22.19 33.07
N PRO D 114 6.17 23.11 33.88
CA PRO D 114 5.75 22.73 35.25
C PRO D 114 4.49 21.85 35.29
N ALA D 115 3.72 21.84 34.20
CA ALA D 115 2.45 21.11 34.13
C ALA D 115 2.20 20.59 32.70
N MET D 116 1.14 19.79 32.57
CA MET D 116 0.70 19.25 31.29
C MET D 116 0.38 20.33 30.25
N VAL D 117 0.68 20.03 29.00
CA VAL D 117 0.42 20.93 27.88
C VAL D 117 -0.53 20.23 26.89
N MET D 118 -1.47 20.99 26.31
CA MET D 118 -2.40 20.45 25.31
C MET D 118 -2.72 21.47 24.21
N ALA D 119 -3.29 21.00 23.11
CA ALA D 119 -3.85 21.87 22.08
C ALA D 119 -5.38 21.76 22.07
N VAL D 120 -6.04 22.89 21.82
CA VAL D 120 -7.48 22.90 21.51
C VAL D 120 -7.70 23.54 20.14
N HIS D 121 -8.79 23.19 19.48
CA HIS D 121 -9.06 23.62 18.11
C HIS D 121 -10.47 24.19 18.03
N SER D 122 -10.62 25.30 17.33
CA SER D 122 -11.92 25.98 17.23
C SER D 122 -12.82 25.45 16.12
N GLN D 123 -12.19 24.91 15.07
CA GLN D 123 -12.86 24.63 13.79
C GLN D 123 -13.60 25.86 13.26
N THR D 124 -13.01 27.04 13.50
CA THR D 124 -13.43 28.34 12.95
C THR D 124 -12.19 29.18 12.69
N ILE D 125 -12.40 30.35 12.08
CA ILE D 125 -11.30 31.31 11.89
C ILE D 125 -10.90 32.07 13.18
N GLN D 126 -11.64 31.81 14.27
CA GLN D 126 -11.40 32.43 15.57
C GLN D 126 -10.49 31.56 16.45
N ILE D 127 -9.74 32.21 17.35
CA ILE D 127 -8.88 31.50 18.30
C ILE D 127 -9.73 30.83 19.39
N PRO D 128 -9.56 29.49 19.60
CA PRO D 128 -10.31 28.86 20.68
C PRO D 128 -9.72 29.20 22.04
N PRO D 129 -10.57 29.55 23.03
CA PRO D 129 -10.03 29.83 24.37
C PRO D 129 -9.46 28.57 25.03
N CYS D 130 -8.43 28.76 25.86
CA CYS D 130 -7.90 27.69 26.71
C CYS D 130 -8.98 27.24 27.71
N PRO D 131 -8.99 25.94 28.10
CA PRO D 131 -9.92 25.55 29.16
C PRO D 131 -9.68 26.34 30.44
N SER D 132 -10.72 26.48 31.27
CA SER D 132 -10.60 27.20 32.53
C SER D 132 -9.58 26.51 33.43
N GLY D 133 -8.65 27.31 33.95
CA GLY D 133 -7.52 26.81 34.73
C GLY D 133 -6.26 26.54 33.91
N TRP D 134 -6.35 26.77 32.59
CA TRP D 134 -5.23 26.61 31.66
C TRP D 134 -4.85 27.97 31.04
N SER D 135 -3.55 28.22 30.91
CA SER D 135 -3.04 29.46 30.33
C SER D 135 -2.33 29.25 28.98
N SER D 136 -2.23 30.31 28.20
CA SER D 136 -1.75 30.24 26.82
C SER D 136 -0.24 30.11 26.68
N LEU D 137 0.20 29.21 25.79
CA LEU D 137 1.60 29.16 25.36
C LEU D 137 1.78 29.79 23.97
N TRP D 138 0.95 29.39 23.01
CA TRP D 138 0.93 30.01 21.67
C TRP D 138 -0.38 29.72 20.92
N ILE D 139 -0.60 30.48 19.84
CA ILE D 139 -1.73 30.26 18.94
C ILE D 139 -1.22 29.84 17.56
N GLY D 140 -2.07 29.17 16.79
CA GLY D 140 -1.66 28.74 15.45
C GLY D 140 -2.78 28.19 14.58
N TYR D 141 -2.41 27.26 13.71
CA TYR D 141 -3.29 26.67 12.70
C TYR D 141 -3.29 25.16 12.86
N SER D 142 -4.48 24.56 12.74
CA SER D 142 -4.72 23.15 13.05
C SER D 142 -4.17 22.22 11.96
N PHE D 143 -3.04 21.58 12.25
CA PHE D 143 -2.29 20.72 11.30
C PHE D 143 -2.55 19.24 11.63
N VAL D 144 -3.08 18.48 10.67
CA VAL D 144 -3.52 17.10 10.97
C VAL D 144 -2.66 16.00 10.38
N MET D 145 -2.34 16.10 9.09
CA MET D 145 -1.55 15.05 8.40
C MET D 145 -0.87 15.59 7.14
N HIS D 146 -0.06 14.75 6.50
CA HIS D 146 0.69 15.12 5.30
C HIS D 146 1.04 13.85 4.53
N THR D 147 1.22 13.99 3.21
CA THR D 147 1.67 12.89 2.35
C THR D 147 2.71 13.40 1.34
N SER D 148 3.63 12.54 0.91
CA SER D 148 4.56 12.89 -0.17
C SER D 148 4.82 11.67 -1.07
N ALA D 149 6.06 11.21 -1.16
CA ALA D 149 6.41 10.09 -2.05
C ALA D 149 5.59 8.83 -1.73
N GLY D 150 5.01 8.23 -2.78
CA GLY D 150 4.18 7.03 -2.64
C GLY D 150 2.85 7.25 -1.92
N ALA D 151 2.47 8.52 -1.77
CA ALA D 151 1.36 8.94 -0.90
C ALA D 151 1.47 8.37 0.52
N GLU D 152 2.70 8.05 0.92
CA GLU D 152 3.03 7.74 2.31
C GLU D 152 3.16 9.03 3.10
N GLY D 153 3.06 8.93 4.42
CA GLY D 153 3.11 10.10 5.28
C GLY D 153 2.79 9.73 6.70
N SER D 154 2.47 10.75 7.49
CA SER D 154 2.15 10.58 8.90
C SER D 154 1.28 11.77 9.32
N GLY D 155 0.99 11.87 10.61
CA GLY D 155 0.13 12.94 11.09
C GLY D 155 0.34 13.31 12.53
N GLN D 156 -0.52 14.20 13.00
CA GLN D 156 -0.38 14.77 14.34
C GLN D 156 -1.52 14.32 15.24
N ALA D 157 -1.22 14.23 16.53
CA ALA D 157 -2.23 13.97 17.56
C ALA D 157 -2.90 15.30 17.85
N LEU D 158 -4.22 15.34 17.72
CA LEU D 158 -4.95 16.61 17.81
C LEU D 158 -5.00 17.25 19.21
N ALA D 159 -4.64 16.47 20.25
CA ALA D 159 -4.45 17.02 21.60
C ALA D 159 -3.01 17.52 21.84
N SER D 160 -2.10 17.19 20.93
CA SER D 160 -0.69 17.58 21.02
C SER D 160 -0.44 18.98 20.45
N PRO D 161 0.51 19.75 21.06
CA PRO D 161 1.01 21.01 20.50
C PRO D 161 1.50 20.89 19.06
N GLY D 162 1.88 19.67 18.66
CA GLY D 162 2.31 19.38 17.30
C GLY D 162 1.24 19.56 16.23
N SER D 163 -0.04 19.52 16.64
CA SER D 163 -1.18 19.80 15.76
C SER D 163 -1.48 21.31 15.64
N CYS D 164 -0.66 22.13 16.28
CA CYS D 164 -0.87 23.58 16.26
C CYS D 164 0.38 24.32 15.79
N LEU D 165 0.50 24.46 14.47
CA LEU D 165 1.64 25.14 13.83
C LEU D 165 1.44 26.64 13.85
N GLU D 166 2.47 27.37 14.25
CA GLU D 166 2.34 28.82 14.45
C GLU D 166 2.24 29.61 13.16
N GLU D 167 2.84 29.09 12.09
CA GLU D 167 2.73 29.70 10.78
C GLU D 167 2.08 28.73 9.80
N PHE D 168 0.99 29.18 9.16
CA PHE D 168 0.35 28.41 8.10
C PHE D 168 1.24 28.39 6.86
N ARG D 169 1.42 27.20 6.29
CA ARG D 169 2.16 27.03 5.03
C ARG D 169 1.47 25.97 4.20
N SER D 170 1.17 26.26 2.94
CA SER D 170 0.61 25.23 2.04
C SER D 170 1.62 24.09 1.83
N ALA D 171 2.92 24.42 1.90
CA ALA D 171 4.00 23.43 1.80
C ALA D 171 4.92 23.54 3.04
N PRO D 172 4.51 22.92 4.17
CA PRO D 172 5.21 23.12 5.44
C PRO D 172 6.42 22.20 5.67
N PHE D 173 6.71 21.32 4.71
CA PHE D 173 7.82 20.39 4.85
C PHE D 173 8.57 20.15 3.53
N ILE D 174 9.83 19.76 3.65
CA ILE D 174 10.67 19.44 2.49
C ILE D 174 11.12 17.96 2.52
N GLU D 175 11.31 17.39 1.32
CA GLU D 175 11.69 15.98 1.14
C GLU D 175 13.18 15.85 0.84
N CYS D 176 13.87 15.01 1.62
CA CYS D 176 15.30 14.73 1.43
C CYS D 176 15.56 13.24 1.15
N HIS D 177 16.74 12.94 0.59
CA HIS D 177 17.07 11.58 0.14
C HIS D 177 18.44 11.11 0.63
N GLY D 178 18.61 9.80 0.76
CA GLY D 178 19.90 9.19 1.10
C GLY D 178 21.06 9.67 0.23
N ARG D 179 20.79 9.89 -1.06
CA ARG D 179 21.80 10.39 -2.00
C ARG D 179 22.26 11.84 -1.73
N GLY D 180 21.57 12.56 -0.84
CA GLY D 180 21.99 13.88 -0.38
C GLY D 180 21.26 15.08 -0.96
N THR D 181 20.17 14.82 -1.70
CA THR D 181 19.36 15.85 -2.36
C THR D 181 18.09 16.12 -1.55
N CYS D 182 17.62 17.38 -1.58
CA CYS D 182 16.27 17.74 -1.06
C CYS D 182 15.50 18.55 -2.09
N ASN D 183 14.17 18.44 -2.08
CA ASN D 183 13.30 19.27 -2.92
C ASN D 183 11.83 19.23 -2.48
N TYR D 184 11.05 20.19 -2.99
CA TYR D 184 9.59 20.12 -2.96
C TYR D 184 9.15 19.38 -4.21
N TYR D 185 8.17 18.50 -4.04
CA TYR D 185 7.59 17.75 -5.17
C TYR D 185 6.11 18.03 -5.29
N ALA D 186 5.59 17.95 -6.53
CA ALA D 186 4.20 18.31 -6.84
C ALA D 186 3.16 17.46 -6.11
N ASN D 187 3.53 16.24 -5.70
CA ASN D 187 2.62 15.38 -4.93
C ASN D 187 2.64 15.59 -3.40
N ALA D 188 3.41 16.57 -2.91
CA ALA D 188 3.46 16.86 -1.46
C ALA D 188 2.20 17.60 -0.99
N TYR D 189 1.45 16.97 -0.09
CA TYR D 189 0.20 17.54 0.42
C TYR D 189 0.24 17.79 1.93
N SER D 190 -0.32 18.93 2.34
CA SER D 190 -0.60 19.19 3.75
C SER D 190 -2.12 19.18 3.98
N PHE D 191 -2.52 18.59 5.11
CA PHE D 191 -3.93 18.50 5.50
C PHE D 191 -4.13 19.26 6.81
N TRP D 192 -5.18 20.07 6.84
CA TRP D 192 -5.46 20.95 7.97
C TRP D 192 -6.93 20.78 8.36
N LEU D 193 -7.26 20.92 9.65
CA LEU D 193 -8.67 20.93 10.04
C LEU D 193 -9.42 22.09 9.38
N ALA D 194 -10.65 21.83 8.94
CA ALA D 194 -11.46 22.81 8.21
C ALA D 194 -12.36 23.59 9.15
N THR D 195 -12.82 24.75 8.69
CA THR D 195 -13.79 25.55 9.44
C THR D 195 -15.18 24.95 9.24
N ILE D 196 -15.87 24.72 10.35
CA ILE D 196 -17.22 24.13 10.34
C ILE D 196 -18.11 24.97 11.24
N GLU D 197 -19.24 25.44 10.73
CA GLU D 197 -20.20 26.14 11.58
C GLU D 197 -21.19 25.14 12.20
N ARG D 198 -21.51 25.36 13.47
CA ARG D 198 -22.41 24.52 14.27
C ARG D 198 -23.67 24.07 13.51
N SER D 199 -24.37 25.01 12.90
CA SER D 199 -25.62 24.70 12.17
C SER D 199 -25.42 23.95 10.84
N GLU D 200 -24.19 23.90 10.33
CA GLU D 200 -23.88 23.17 9.09
C GLU D 200 -23.22 21.78 9.30
N MET D 201 -23.02 21.38 10.55
CA MET D 201 -22.33 20.12 10.90
C MET D 201 -22.86 18.89 10.16
N PHE D 202 -24.18 18.78 10.13
CA PHE D 202 -24.87 17.64 9.51
C PHE D 202 -25.57 18.10 8.24
N LYS D 203 -24.85 18.85 7.43
CA LYS D 203 -25.28 19.14 6.07
C LYS D 203 -24.15 18.72 5.14
N LYS D 204 -24.47 18.58 3.84
CA LYS D 204 -23.48 18.27 2.82
C LYS D 204 -22.44 19.42 2.80
N PRO D 205 -21.14 19.08 2.95
CA PRO D 205 -20.12 20.14 2.86
C PRO D 205 -20.18 20.83 1.49
N THR D 206 -20.03 22.15 1.50
CA THR D 206 -19.95 22.93 0.26
C THR D 206 -18.51 22.84 -0.26
N PRO D 207 -18.30 22.22 -1.44
CA PRO D 207 -16.93 22.15 -1.96
C PRO D 207 -16.36 23.54 -2.22
N SER D 208 -15.05 23.69 -2.00
CA SER D 208 -14.38 24.96 -2.17
C SER D 208 -12.94 24.76 -2.65
N THR D 209 -12.55 25.52 -3.67
CA THR D 209 -11.18 25.58 -4.13
C THR D 209 -10.68 26.99 -3.89
N LEU D 210 -9.60 27.09 -3.11
CA LEU D 210 -9.07 28.35 -2.64
C LEU D 210 -7.69 28.67 -3.19
N LYS D 211 -7.48 29.94 -3.51
CA LYS D 211 -6.21 30.42 -4.03
C LYS D 211 -5.54 31.36 -3.04
N ALA D 212 -4.26 31.68 -3.31
CA ALA D 212 -3.50 32.62 -2.48
C ALA D 212 -4.28 33.90 -2.24
N GLY D 213 -4.29 34.36 -0.99
CA GLY D 213 -5.16 35.45 -0.55
C GLY D 213 -6.42 35.02 0.20
N GLU D 214 -6.81 33.75 0.04
CA GLU D 214 -8.02 33.23 0.68
C GLU D 214 -7.88 31.84 1.33
N LEU D 215 -6.64 31.36 1.45
CA LEU D 215 -6.38 30.00 1.96
C LEU D 215 -6.85 29.80 3.39
N ARG D 216 -6.51 30.77 4.25
CA ARG D 216 -6.81 30.68 5.66
C ARG D 216 -8.29 30.92 6.01
N THR D 217 -9.10 31.31 5.02
CA THR D 217 -10.56 31.52 5.23
C THR D 217 -11.29 30.23 5.62
N HIS D 218 -10.70 29.07 5.28
CA HIS D 218 -11.26 27.77 5.65
C HIS D 218 -10.37 26.94 6.60
N VAL D 219 -9.33 27.54 7.17
CA VAL D 219 -8.39 26.83 8.05
C VAL D 219 -8.69 27.06 9.54
N SER D 220 -8.94 25.95 10.25
CA SER D 220 -9.21 25.98 11.70
C SER D 220 -8.05 26.57 12.50
N ARG D 221 -8.39 27.32 13.54
CA ARG D 221 -7.38 27.87 14.46
C ARG D 221 -7.26 27.03 15.72
N CYS D 222 -6.12 27.20 16.40
CA CYS D 222 -5.82 26.46 17.61
C CYS D 222 -5.06 27.30 18.62
N GLN D 223 -5.05 26.80 19.85
CA GLN D 223 -4.26 27.38 20.92
C GLN D 223 -3.61 26.24 21.73
N VAL D 224 -2.35 26.43 22.08
CA VAL D 224 -1.59 25.51 22.92
C VAL D 224 -1.61 26.08 24.35
N CYS D 225 -2.02 25.25 25.30
CA CYS D 225 -2.32 25.68 26.66
C CYS D 225 -1.62 24.83 27.71
N MET D 226 -1.36 25.42 28.88
CA MET D 226 -0.70 24.74 30.00
C MET D 226 -1.50 24.98 31.28
N ARG D 227 -1.67 23.93 32.08
CA ARG D 227 -2.35 24.03 33.38
C ARG D 227 -1.62 24.98 34.32
N ARG D 228 -2.35 25.95 34.87
CA ARG D 228 -1.83 26.83 35.91
C ARG D 228 -1.65 26.04 37.20
N THR D 229 -0.48 26.20 37.82
CA THR D 229 -0.15 25.46 39.05
C THR D 229 0.14 26.38 40.23
N SER E 1 -3.65 19.86 47.29
CA SER E 1 -2.94 19.09 46.23
C SER E 1 -2.88 19.87 44.92
N VAL E 2 -1.73 19.77 44.24
CA VAL E 2 -1.51 20.45 42.95
C VAL E 2 -2.13 19.61 41.83
N ASP E 3 -3.00 20.25 41.03
CA ASP E 3 -3.57 19.63 39.83
C ASP E 3 -2.67 19.95 38.63
N HIS E 4 -2.06 18.92 38.06
CA HIS E 4 -1.06 19.08 36.99
C HIS E 4 -1.64 19.04 35.57
N GLY E 5 -2.93 18.72 35.45
CA GLY E 5 -3.63 18.72 34.16
C GLY E 5 -3.55 17.46 33.33
N PHE E 6 -3.46 16.31 33.99
CA PHE E 6 -3.61 15.01 33.34
C PHE E 6 -5.01 14.92 32.71
N LEU E 7 -5.12 14.19 31.61
CA LEU E 7 -6.36 14.13 30.85
C LEU E 7 -6.81 12.70 30.60
N VAL E 8 -8.13 12.52 30.55
CA VAL E 8 -8.76 11.26 30.14
C VAL E 8 -9.99 11.57 29.28
N THR E 9 -10.09 10.89 28.14
CA THR E 9 -11.23 11.04 27.23
C THR E 9 -12.09 9.77 27.33
N ARG E 10 -13.41 9.95 27.35
CA ARG E 10 -14.38 8.86 27.44
C ARG E 10 -15.37 9.01 26.30
N HIS E 11 -15.79 7.88 25.73
CA HIS E 11 -16.75 7.85 24.61
C HIS E 11 -17.99 7.05 25.01
N SER E 12 -19.15 7.68 24.84
CA SER E 12 -20.43 7.06 25.21
C SER E 12 -20.85 5.93 24.27
N GLN E 13 -20.44 6.02 23.00
CA GLN E 13 -20.92 5.14 21.91
C GLN E 13 -22.46 5.22 21.73
N THR E 14 -23.02 6.37 22.14
CA THR E 14 -24.45 6.70 22.04
C THR E 14 -24.55 8.20 21.67
N ILE E 15 -25.77 8.70 21.47
CA ILE E 15 -25.97 10.14 21.22
C ILE E 15 -26.02 11.03 22.49
N ASP E 16 -25.92 10.40 23.67
CA ASP E 16 -25.82 11.12 24.96
C ASP E 16 -24.35 11.39 25.28
N ASP E 17 -24.08 12.53 25.93
CA ASP E 17 -22.75 12.79 26.50
C ASP E 17 -22.38 11.73 27.53
N PRO E 18 -21.15 11.19 27.48
CA PRO E 18 -20.71 10.36 28.61
C PRO E 18 -20.38 11.24 29.82
N GLN E 19 -20.46 10.65 31.01
CA GLN E 19 -20.13 11.35 32.26
C GLN E 19 -18.64 11.19 32.51
N CYS E 20 -17.98 12.22 33.01
CA CYS E 20 -16.60 12.06 33.50
C CYS E 20 -16.59 11.04 34.65
N PRO E 21 -15.62 10.10 34.65
CA PRO E 21 -15.53 9.13 35.75
C PRO E 21 -15.22 9.82 37.09
N SER E 22 -15.62 9.19 38.20
CA SER E 22 -15.46 9.79 39.53
C SER E 22 -14.00 10.12 39.82
N GLY E 23 -13.78 11.29 40.43
CA GLY E 23 -12.43 11.80 40.68
C GLY E 23 -11.93 12.75 39.59
N THR E 24 -12.68 12.85 38.48
CA THR E 24 -12.31 13.71 37.35
C THR E 24 -13.40 14.77 37.07
N LYS E 25 -13.01 15.86 36.40
CA LYS E 25 -13.94 16.95 36.09
C LYS E 25 -13.96 17.31 34.59
N ILE E 26 -15.14 17.71 34.12
CA ILE E 26 -15.37 18.03 32.70
C ILE E 26 -14.56 19.24 32.23
N LEU E 27 -13.93 19.10 31.05
CA LEU E 27 -13.38 20.26 30.32
C LEU E 27 -14.31 20.67 29.20
N TYR E 28 -14.65 19.73 28.29
CA TYR E 28 -15.60 19.96 27.20
C TYR E 28 -16.13 18.64 26.63
N HIS E 29 -17.20 18.74 25.85
CA HIS E 29 -17.80 17.61 25.16
C HIS E 29 -17.62 17.76 23.65
N GLY E 30 -17.87 16.69 22.91
CA GLY E 30 -17.80 16.71 21.45
C GLY E 30 -18.24 15.43 20.77
N TYR E 31 -17.74 15.21 19.56
CA TYR E 31 -18.07 14.02 18.77
C TYR E 31 -16.84 13.14 18.61
N SER E 32 -17.07 11.83 18.56
CA SER E 32 -16.01 10.82 18.65
C SER E 32 -15.32 10.56 17.30
N LEU E 33 -14.20 11.24 17.05
CA LEU E 33 -13.44 11.03 15.81
C LEU E 33 -12.47 9.86 15.96
N LEU E 34 -12.58 8.88 15.06
CA LEU E 34 -11.69 7.71 15.07
C LEU E 34 -10.45 7.89 14.19
N TYR E 35 -10.66 8.22 12.92
CA TYR E 35 -9.58 8.50 11.97
C TYR E 35 -10.05 9.24 10.74
N VAL E 36 -9.09 9.75 9.98
CA VAL E 36 -9.36 10.41 8.69
C VAL E 36 -8.56 9.70 7.61
N GLN E 37 -8.98 9.86 6.35
CA GLN E 37 -8.26 9.26 5.22
C GLN E 37 -8.23 10.27 4.08
N GLY E 38 -7.02 10.73 3.76
CA GLY E 38 -6.80 11.77 2.74
C GLY E 38 -5.75 11.33 1.75
N ASN E 39 -6.02 11.52 0.46
CA ASN E 39 -5.15 10.99 -0.61
C ASN E 39 -4.85 9.49 -0.36
N GLU E 40 -5.92 8.79 0.06
CA GLU E 40 -5.95 7.35 0.37
C GLU E 40 -5.18 6.90 1.65
N ARG E 41 -4.52 7.82 2.35
CA ARG E 41 -3.76 7.43 3.55
C ARG E 41 -4.48 7.74 4.85
N ALA E 42 -4.55 6.74 5.71
CA ALA E 42 -5.25 6.87 6.99
C ALA E 42 -4.36 7.44 8.08
N HIS E 43 -4.95 8.30 8.90
CA HIS E 43 -4.31 8.77 10.11
C HIS E 43 -5.33 8.83 11.24
N GLY E 44 -5.03 8.12 12.32
CA GLY E 44 -5.95 7.99 13.45
C GLY E 44 -5.63 8.82 14.67
N GLN E 45 -6.62 8.96 15.53
CA GLN E 45 -6.48 9.58 16.84
C GLN E 45 -6.63 8.53 17.93
N ASP E 46 -5.74 8.57 18.93
CA ASP E 46 -5.79 7.70 20.12
C ASP E 46 -7.11 8.04 20.87
N LEU E 47 -7.99 7.04 21.02
CA LEU E 47 -9.32 7.24 21.63
C LEU E 47 -9.28 7.65 23.11
N GLY E 48 -8.13 7.44 23.75
CA GLY E 48 -7.90 7.91 25.11
C GLY E 48 -7.49 9.36 25.23
N THR E 49 -7.24 10.03 24.08
CA THR E 49 -6.74 11.41 24.06
C THR E 49 -7.80 12.40 23.56
N ALA E 50 -7.64 13.67 23.93
CA ALA E 50 -8.58 14.73 23.54
C ALA E 50 -8.68 14.90 22.01
N GLY E 51 -7.66 14.42 21.29
CA GLY E 51 -7.65 14.43 19.82
C GLY E 51 -8.79 13.65 19.17
N SER E 52 -9.30 12.63 19.87
CA SER E 52 -10.44 11.85 19.41
C SER E 52 -11.80 12.51 19.71
N CYS E 53 -11.77 13.72 20.28
CA CYS E 53 -13.00 14.41 20.68
C CYS E 53 -13.05 15.81 20.06
N LEU E 54 -13.73 15.94 18.94
CA LEU E 54 -13.85 17.23 18.25
C LEU E 54 -15.18 17.90 18.59
N ARG E 55 -15.12 19.20 18.88
CA ARG E 55 -16.31 20.02 19.21
C ARG E 55 -17.43 19.89 18.18
N LYS E 56 -17.04 19.86 16.91
CA LYS E 56 -17.99 19.83 15.82
C LYS E 56 -17.75 18.68 14.85
N PHE E 57 -18.83 17.94 14.59
CA PHE E 57 -18.85 16.89 13.58
C PHE E 57 -18.84 17.49 12.16
N SER E 58 -18.24 16.74 11.22
CA SER E 58 -18.50 16.93 9.80
C SER E 58 -18.13 15.64 9.07
N THR E 59 -18.82 15.37 7.97
CA THR E 59 -18.41 14.26 7.08
C THR E 59 -17.00 14.57 6.47
N MET E 60 -16.66 15.86 6.38
CA MET E 60 -15.34 16.29 5.91
C MET E 60 -14.75 17.36 6.86
N PRO E 61 -14.04 16.93 7.93
CA PRO E 61 -13.50 17.85 8.91
C PRO E 61 -12.11 18.45 8.56
N PHE E 62 -11.62 18.15 7.36
CA PHE E 62 -10.30 18.64 6.93
C PHE E 62 -10.30 19.11 5.47
N LEU E 63 -9.23 19.80 5.08
CA LEU E 63 -8.96 20.20 3.70
C LEU E 63 -7.50 19.86 3.38
N PHE E 64 -7.12 19.90 2.10
CA PHE E 64 -5.72 19.74 1.73
C PHE E 64 -5.19 20.89 0.86
N CYS E 65 -3.88 21.13 0.97
CA CYS E 65 -3.18 22.19 0.22
C CYS E 65 -1.98 21.63 -0.53
N ASN E 66 -1.70 22.23 -1.68
CA ASN E 66 -0.61 21.80 -2.55
C ASN E 66 0.51 22.84 -2.64
N ILE E 67 1.65 22.46 -3.23
CA ILE E 67 2.81 23.36 -3.33
C ILE E 67 2.60 24.59 -4.24
N ASN E 68 1.52 24.58 -5.02
CA ASN E 68 1.13 25.73 -5.86
C ASN E 68 0.28 26.76 -5.09
N ASN E 69 0.15 26.58 -3.77
CA ASN E 69 -0.67 27.44 -2.90
C ASN E 69 -2.14 27.46 -3.26
N VAL E 70 -2.67 26.28 -3.61
CA VAL E 70 -4.09 26.07 -3.83
C VAL E 70 -4.55 25.04 -2.79
N CYS E 71 -5.65 25.34 -2.09
CA CYS E 71 -6.27 24.39 -1.17
C CYS E 71 -7.64 23.93 -1.70
N ASN E 72 -7.96 22.67 -1.42
CA ASN E 72 -9.24 22.07 -1.82
C ASN E 72 -9.93 21.49 -0.61
N PHE E 73 -11.18 21.93 -0.40
CA PHE E 73 -12.04 21.41 0.66
C PHE E 73 -13.21 20.65 0.05
N ALA E 74 -13.37 19.39 0.49
CA ALA E 74 -14.47 18.50 0.03
C ALA E 74 -14.58 18.38 -1.51
N SER E 75 -13.43 18.44 -2.18
CA SER E 75 -13.35 18.49 -3.64
C SER E 75 -12.55 17.33 -4.25
N ARG E 76 -12.46 16.20 -3.55
CA ARG E 76 -11.88 14.99 -4.15
C ARG E 76 -12.69 13.75 -3.75
N ASN E 77 -12.03 12.75 -3.14
CA ASN E 77 -12.68 11.50 -2.74
C ASN E 77 -12.15 11.06 -1.36
N ASP E 78 -12.18 11.95 -0.39
CA ASP E 78 -11.62 11.67 0.95
C ASP E 78 -12.67 11.23 2.00
N TYR E 79 -12.20 10.75 3.14
CA TYR E 79 -13.06 10.09 4.14
C TYR E 79 -12.80 10.59 5.56
N SER E 80 -13.82 10.44 6.41
CA SER E 80 -13.68 10.53 7.87
C SER E 80 -14.41 9.38 8.54
N TYR E 81 -13.94 8.97 9.71
CA TYR E 81 -14.49 7.81 10.42
C TYR E 81 -14.75 8.17 11.87
N TRP E 82 -15.93 7.79 12.36
CA TRP E 82 -16.41 8.21 13.68
C TRP E 82 -16.90 6.99 14.45
N LEU E 83 -16.62 6.93 15.75
CA LEU E 83 -17.24 5.90 16.61
C LEU E 83 -18.75 6.04 16.52
N SER E 84 -19.45 4.91 16.49
CA SER E 84 -20.88 4.89 16.20
C SER E 84 -21.77 4.43 17.36
N THR E 85 -23.08 4.56 17.18
CA THR E 85 -24.11 4.24 18.18
C THR E 85 -24.74 2.87 17.88
N PRO E 86 -25.74 2.44 18.70
CA PRO E 86 -26.46 1.21 18.31
C PRO E 86 -27.47 1.35 17.15
N GLU E 87 -27.59 2.54 16.56
CA GLU E 87 -28.53 2.76 15.45
C GLU E 87 -28.29 1.76 14.29
N PRO E 88 -29.34 1.01 13.87
CA PRO E 88 -29.13 0.05 12.76
C PRO E 88 -29.04 0.76 11.42
N MET E 89 -28.49 0.07 10.41
CA MET E 89 -28.57 0.54 9.01
C MET E 89 -30.04 0.62 8.60
N PRO E 90 -30.42 1.63 7.81
CA PRO E 90 -31.77 1.60 7.21
C PRO E 90 -31.97 0.35 6.35
N MET E 91 -33.22 -0.03 6.17
CA MET E 91 -33.57 -1.23 5.40
C MET E 91 -33.06 -1.19 3.95
N SER E 92 -33.05 -0.01 3.34
CA SER E 92 -32.53 0.20 1.98
C SER E 92 -31.02 -0.12 1.84
N MET E 93 -30.30 -0.03 2.96
CA MET E 93 -28.82 -0.14 3.03
C MET E 93 -28.10 0.95 2.20
N ALA E 94 -28.83 2.01 1.87
CA ALA E 94 -28.30 3.13 1.09
C ALA E 94 -27.58 4.15 1.98
N PRO E 95 -26.64 4.94 1.41
CA PRO E 95 -25.94 5.97 2.21
C PRO E 95 -26.89 6.93 2.93
N ILE E 96 -26.51 7.29 4.15
CA ILE E 96 -27.26 8.18 5.03
C ILE E 96 -26.71 9.61 4.82
N THR E 97 -27.60 10.62 4.81
CA THR E 97 -27.20 12.03 4.58
C THR E 97 -27.91 12.99 5.54
N GLY E 98 -27.33 14.18 5.70
CA GLY E 98 -27.97 15.26 6.46
C GLY E 98 -28.16 14.98 7.93
N GLU E 99 -29.26 15.49 8.49
CA GLU E 99 -29.60 15.27 9.91
C GLU E 99 -29.77 13.78 10.26
N ASN E 100 -30.07 12.96 9.25
CA ASN E 100 -30.20 11.52 9.46
C ASN E 100 -28.88 10.84 9.91
N ILE E 101 -27.75 11.52 9.72
CA ILE E 101 -26.45 11.03 10.19
C ILE E 101 -26.35 11.12 11.72
N ARG E 102 -26.99 12.14 12.30
CA ARG E 102 -26.88 12.39 13.76
C ARG E 102 -27.11 11.16 14.67
N PRO E 103 -28.20 10.37 14.47
CA PRO E 103 -28.39 9.21 15.34
C PRO E 103 -27.23 8.18 15.35
N PHE E 104 -26.35 8.23 14.34
CA PHE E 104 -25.26 7.26 14.18
C PHE E 104 -23.95 7.64 14.88
N ILE E 105 -23.82 8.90 15.33
CA ILE E 105 -22.50 9.42 15.79
C ILE E 105 -22.35 9.44 17.32
N SER E 106 -21.27 8.81 17.80
CA SER E 106 -20.94 8.78 19.22
C SER E 106 -20.48 10.13 19.75
N ARG E 107 -20.76 10.35 21.04
CA ARG E 107 -20.36 11.54 21.78
C ARG E 107 -19.21 11.22 22.74
N CYS E 108 -18.51 12.28 23.18
CA CYS E 108 -17.32 12.12 24.02
C CYS E 108 -17.18 13.25 25.04
N ALA E 109 -16.40 12.97 26.09
CA ALA E 109 -16.09 13.94 27.12
C ALA E 109 -14.57 14.00 27.30
N VAL E 110 -14.03 15.21 27.38
CA VAL E 110 -12.62 15.41 27.75
C VAL E 110 -12.59 15.84 29.21
N CYS E 111 -11.89 15.06 30.04
CA CYS E 111 -11.94 15.22 31.50
C CYS E 111 -10.54 15.41 32.07
N GLU E 112 -10.42 16.31 33.05
CA GLU E 112 -9.15 16.54 33.76
C GLU E 112 -9.04 15.63 34.98
N ALA E 113 -7.90 14.97 35.11
CA ALA E 113 -7.64 14.00 36.17
C ALA E 113 -6.52 14.47 37.11
N PRO E 114 -6.60 14.12 38.42
CA PRO E 114 -5.54 14.51 39.35
C PRO E 114 -4.26 13.66 39.23
N ALA E 115 -4.33 12.53 38.54
CA ALA E 115 -3.17 11.65 38.37
C ALA E 115 -3.20 10.93 37.02
N MET E 116 -2.16 10.16 36.73
CA MET E 116 -2.05 9.40 35.48
C MET E 116 -3.15 8.32 35.38
N VAL E 117 -3.58 8.08 34.14
CA VAL E 117 -4.62 7.10 33.83
C VAL E 117 -4.05 6.05 32.84
N MET E 118 -4.35 4.77 33.07
CA MET E 118 -3.87 3.69 32.19
C MET E 118 -4.95 2.63 31.97
N ALA E 119 -4.76 1.79 30.95
CA ALA E 119 -5.56 0.57 30.79
C ALA E 119 -4.72 -0.66 31.09
N VAL E 120 -5.36 -1.67 31.65
CA VAL E 120 -4.79 -3.02 31.80
C VAL E 120 -5.73 -4.02 31.13
N HIS E 121 -5.19 -5.13 30.64
CA HIS E 121 -5.95 -6.12 29.89
C HIS E 121 -5.73 -7.51 30.48
N SER E 122 -6.82 -8.26 30.65
CA SER E 122 -6.74 -9.61 31.21
C SER E 122 -6.35 -10.68 30.19
N GLN E 123 -6.73 -10.48 28.93
CA GLN E 123 -6.65 -11.52 27.89
C GLN E 123 -7.44 -12.79 28.29
N THR E 124 -8.52 -12.56 29.05
CA THR E 124 -9.50 -13.58 29.45
C THR E 124 -10.88 -12.91 29.48
N ILE E 125 -11.90 -13.69 29.81
CA ILE E 125 -13.27 -13.14 30.00
C ILE E 125 -13.47 -12.46 31.37
N GLN E 126 -12.47 -12.56 32.24
CA GLN E 126 -12.51 -11.92 33.57
C GLN E 126 -12.01 -10.48 33.49
N ILE E 127 -12.51 -9.62 34.38
CA ILE E 127 -12.04 -8.24 34.51
C ILE E 127 -10.65 -8.25 35.18
N PRO E 128 -9.63 -7.62 34.55
CA PRO E 128 -8.32 -7.56 35.22
C PRO E 128 -8.33 -6.55 36.37
N PRO E 129 -7.75 -6.92 37.54
CA PRO E 129 -7.67 -5.93 38.63
C PRO E 129 -6.73 -4.76 38.30
N CYS E 130 -7.05 -3.57 38.80
CA CYS E 130 -6.14 -2.43 38.71
C CYS E 130 -4.84 -2.73 39.47
N PRO E 131 -3.69 -2.18 39.01
CA PRO E 131 -2.47 -2.35 39.79
C PRO E 131 -2.60 -1.81 41.23
N SER E 132 -1.74 -2.29 42.12
CA SER E 132 -1.74 -1.88 43.53
C SER E 132 -1.55 -0.36 43.65
N GLY E 133 -2.51 0.30 44.31
CA GLY E 133 -2.48 1.75 44.49
C GLY E 133 -3.19 2.53 43.40
N TRP E 134 -3.88 1.81 42.51
CA TRP E 134 -4.65 2.43 41.44
C TRP E 134 -6.13 2.12 41.59
N SER E 135 -6.96 3.14 41.35
CA SER E 135 -8.42 3.07 41.50
C SER E 135 -9.12 2.96 40.14
N SER E 136 -10.27 2.28 40.11
CA SER E 136 -11.01 2.03 38.87
C SER E 136 -11.77 3.25 38.34
N LEU E 137 -11.71 3.47 37.03
CA LEU E 137 -12.56 4.46 36.35
C LEU E 137 -13.68 3.80 35.56
N TRP E 138 -13.35 2.80 34.75
CA TRP E 138 -14.36 2.00 34.04
C TRP E 138 -13.83 0.65 33.59
N ILE E 139 -14.75 -0.24 33.22
CA ILE E 139 -14.41 -1.56 32.67
C ILE E 139 -14.91 -1.64 31.23
N GLY E 140 -14.33 -2.54 30.43
CA GLY E 140 -14.68 -2.62 29.02
C GLY E 140 -14.08 -3.79 28.29
N TYR E 141 -13.93 -3.64 26.98
CA TYR E 141 -13.44 -4.68 26.06
C TYR E 141 -12.21 -4.17 25.31
N SER E 142 -11.22 -5.05 25.15
CA SER E 142 -9.90 -4.71 24.59
C SER E 142 -9.94 -4.49 23.07
N PHE E 143 -9.89 -3.21 22.66
CA PHE E 143 -10.00 -2.76 21.26
C PHE E 143 -8.61 -2.39 20.75
N VAL E 144 -8.14 -3.05 19.70
CA VAL E 144 -6.73 -2.90 19.27
C VAL E 144 -6.55 -2.14 17.94
N MET E 145 -7.35 -2.48 16.92
CA MET E 145 -7.25 -1.81 15.60
C MET E 145 -8.49 -1.99 14.74
N HIS E 146 -8.48 -1.38 13.56
CA HIS E 146 -9.64 -1.40 12.68
C HIS E 146 -9.20 -1.05 11.28
N THR E 147 -9.96 -1.54 10.29
CA THR E 147 -9.71 -1.20 8.87
C THR E 147 -11.04 -0.97 8.14
N SER E 148 -11.00 -0.15 7.10
CA SER E 148 -12.16 0.03 6.22
C SER E 148 -11.69 0.17 4.77
N ALA E 149 -12.03 1.28 4.09
CA ALA E 149 -11.71 1.46 2.67
C ALA E 149 -10.22 1.29 2.38
N GLY E 150 -9.92 0.52 1.33
CA GLY E 150 -8.54 0.21 0.93
C GLY E 150 -7.74 -0.58 1.94
N ALA E 151 -8.44 -1.21 2.88
CA ALA E 151 -7.85 -1.88 4.06
C ALA E 151 -6.90 -0.97 4.86
N GLU E 152 -7.09 0.33 4.70
CA GLU E 152 -6.41 1.33 5.51
C GLU E 152 -7.14 1.42 6.85
N GLY E 153 -6.43 1.93 7.87
CA GLY E 153 -7.02 2.10 9.19
C GLY E 153 -6.00 2.60 10.18
N SER E 154 -6.28 2.38 11.46
CA SER E 154 -5.38 2.80 12.54
C SER E 154 -5.71 1.94 13.76
N GLY E 155 -5.12 2.25 14.91
CA GLY E 155 -5.36 1.45 16.11
C GLY E 155 -5.14 2.20 17.40
N GLN E 156 -5.19 1.45 18.49
CA GLN E 156 -5.12 2.03 19.83
C GLN E 156 -3.84 1.63 20.54
N ALA E 157 -3.42 2.48 21.47
CA ALA E 157 -2.31 2.18 22.36
C ALA E 157 -2.89 1.34 23.50
N LEU E 158 -2.35 0.14 23.70
CA LEU E 158 -2.90 -0.78 24.69
C LEU E 158 -2.75 -0.32 26.16
N ALA E 159 -1.88 0.67 26.41
CA ALA E 159 -1.78 1.33 27.74
C ALA E 159 -2.78 2.49 27.90
N SER E 160 -3.41 2.89 26.79
CA SER E 160 -4.34 4.02 26.78
C SER E 160 -5.77 3.57 27.09
N PRO E 161 -6.57 4.44 27.77
CA PRO E 161 -8.02 4.21 27.93
C PRO E 161 -8.77 3.97 26.61
N GLY E 162 -8.20 4.46 25.50
CA GLY E 162 -8.75 4.23 24.15
C GLY E 162 -8.78 2.79 23.69
N SER E 163 -7.95 1.93 24.30
CA SER E 163 -7.97 0.50 24.03
C SER E 163 -9.02 -0.24 24.85
N CYS E 164 -9.85 0.51 25.60
CA CYS E 164 -10.84 -0.10 26.48
C CYS E 164 -12.23 0.50 26.25
N LEU E 165 -12.94 -0.03 25.26
CA LEU E 165 -14.29 0.40 24.91
C LEU E 165 -15.31 -0.23 25.86
N GLU E 166 -16.22 0.61 26.36
CA GLU E 166 -17.21 0.18 27.35
C GLU E 166 -18.29 -0.72 26.78
N GLU E 167 -18.62 -0.53 25.51
CA GLU E 167 -19.59 -1.37 24.81
C GLU E 167 -18.91 -2.10 23.67
N PHE E 168 -19.00 -3.44 23.68
CA PHE E 168 -18.54 -4.25 22.57
C PHE E 168 -19.49 -4.05 21.39
N ARG E 169 -18.91 -3.84 20.21
CA ARG E 169 -19.66 -3.74 18.96
C ARG E 169 -18.83 -4.40 17.86
N SER E 170 -19.45 -5.30 17.10
CA SER E 170 -18.78 -5.89 15.94
CA SER E 170 -18.79 -5.89 15.93
C SER E 170 -18.46 -4.80 14.90
N ALA E 171 -19.32 -3.80 14.82
CA ALA E 171 -19.17 -2.65 13.93
C ALA E 171 -19.19 -1.34 14.74
N PRO E 172 -18.05 -1.00 15.40
CA PRO E 172 -17.99 0.14 16.33
C PRO E 172 -17.81 1.54 15.68
N PHE E 173 -17.70 1.60 14.36
CA PHE E 173 -17.46 2.88 13.67
C PHE E 173 -18.16 2.95 12.33
N ILE E 174 -18.45 4.17 11.88
CA ILE E 174 -19.12 4.42 10.60
C ILE E 174 -18.20 5.22 9.67
N GLU E 175 -18.35 5.02 8.36
CA GLU E 175 -17.54 5.67 7.32
C GLU E 175 -18.31 6.84 6.69
N CYS E 176 -17.70 8.02 6.67
CA CYS E 176 -18.27 9.20 5.99
C CYS E 176 -17.36 9.72 4.88
N HIS E 177 -17.96 10.48 3.94
CA HIS E 177 -17.25 10.96 2.76
C HIS E 177 -17.37 12.46 2.59
N GLY E 178 -16.39 13.03 1.88
CA GLY E 178 -16.40 14.45 1.50
C GLY E 178 -17.69 14.89 0.80
N ARG E 179 -18.27 13.98 0.01
CA ARG E 179 -19.55 14.24 -0.67
C ARG E 179 -20.79 14.37 0.26
N GLY E 180 -20.63 14.05 1.54
CA GLY E 180 -21.71 14.24 2.54
C GLY E 180 -22.48 12.99 2.96
N THR E 181 -22.06 11.83 2.48
CA THR E 181 -22.72 10.56 2.80
C THR E 181 -21.96 9.80 3.90
N CYS E 182 -22.69 8.98 4.66
CA CYS E 182 -22.10 7.98 5.58
C CYS E 182 -22.80 6.64 5.41
N ASN E 183 -22.05 5.55 5.66
CA ASN E 183 -22.61 4.20 5.66
C ASN E 183 -21.66 3.22 6.34
N TYR E 184 -22.20 2.04 6.68
CA TYR E 184 -21.40 0.86 6.96
C TYR E 184 -21.13 0.12 5.66
N TYR E 185 -19.89 -0.35 5.49
CA TYR E 185 -19.52 -1.13 4.31
C TYR E 185 -19.02 -2.51 4.73
N ALA E 186 -19.22 -3.50 3.85
CA ALA E 186 -18.89 -4.92 4.15
C ALA E 186 -17.41 -5.18 4.51
N ASN E 187 -16.51 -4.29 4.07
CA ASN E 187 -15.09 -4.44 4.41
C ASN E 187 -14.63 -3.78 5.74
N ALA E 188 -15.57 -3.24 6.51
CA ALA E 188 -15.23 -2.62 7.80
C ALA E 188 -14.98 -3.71 8.86
N TYR E 189 -13.75 -3.78 9.35
CA TYR E 189 -13.35 -4.76 10.37
C TYR E 189 -12.94 -4.10 11.68
N SER E 190 -13.34 -4.71 12.79
CA SER E 190 -12.81 -4.34 14.12
C SER E 190 -11.94 -5.47 14.67
N PHE E 191 -10.82 -5.08 15.29
CA PHE E 191 -9.88 -6.05 15.87
C PHE E 191 -9.83 -5.84 17.38
N TRP E 192 -9.93 -6.95 18.11
CA TRP E 192 -10.01 -6.96 19.57
C TRP E 192 -8.97 -7.93 20.10
N LEU E 193 -8.40 -7.67 21.27
CA LEU E 193 -7.55 -8.69 21.92
C LEU E 193 -8.36 -9.93 22.26
N ALA E 194 -7.76 -11.08 22.01
CA ALA E 194 -8.45 -12.36 22.18
C ALA E 194 -8.15 -12.97 23.55
N THR E 195 -8.97 -13.94 23.96
CA THR E 195 -8.75 -14.67 25.21
C THR E 195 -7.67 -15.74 25.00
N ILE E 196 -6.70 -15.79 25.90
CA ILE E 196 -5.59 -16.75 25.86
C ILE E 196 -5.51 -17.44 27.22
N GLU E 197 -5.49 -18.78 27.22
CA GLU E 197 -5.26 -19.59 28.42
C GLU E 197 -3.76 -19.67 28.68
N ARG E 198 -3.35 -19.54 29.94
CA ARG E 198 -1.92 -19.60 30.30
C ARG E 198 -1.22 -20.87 29.82
N SER E 199 -1.91 -22.01 29.90
CA SER E 199 -1.35 -23.30 29.49
C SER E 199 -1.23 -23.43 27.96
N GLU E 200 -1.85 -22.52 27.22
CA GLU E 200 -1.92 -22.61 25.76
C GLU E 200 -1.15 -21.49 25.03
N MET E 201 -0.44 -20.66 25.79
CA MET E 201 0.32 -19.52 25.24
C MET E 201 1.20 -19.90 24.06
N PHE E 202 1.98 -20.96 24.20
CA PHE E 202 2.91 -21.36 23.15
C PHE E 202 2.37 -22.35 22.14
N LYS E 203 1.22 -22.95 22.45
CA LYS E 203 0.56 -23.93 21.59
C LYS E 203 -0.04 -23.28 20.34
N LYS E 204 -0.29 -24.09 19.31
CA LYS E 204 -1.01 -23.63 18.12
C LYS E 204 -2.40 -23.13 18.53
N PRO E 205 -2.75 -21.88 18.13
CA PRO E 205 -4.09 -21.39 18.47
C PRO E 205 -5.20 -22.22 17.82
N THR E 206 -6.29 -22.43 18.54
CA THR E 206 -7.45 -23.16 18.03
C THR E 206 -8.34 -22.17 17.27
N PRO E 207 -8.49 -22.34 15.94
CA PRO E 207 -9.36 -21.44 15.16
C PRO E 207 -10.82 -21.50 15.59
N SER E 208 -11.46 -20.34 15.60
CA SER E 208 -12.86 -20.23 16.02
C SER E 208 -13.60 -19.22 15.17
N THR E 209 -14.81 -19.58 14.76
CA THR E 209 -15.73 -18.67 14.08
C THR E 209 -16.97 -18.53 14.95
N LEU E 210 -17.25 -17.29 15.36
CA LEU E 210 -18.28 -17.02 16.36
C LEU E 210 -19.45 -16.24 15.78
N LYS E 211 -20.66 -16.60 16.20
CA LYS E 211 -21.87 -15.88 15.77
C LYS E 211 -22.52 -15.12 16.94
N ALA E 212 -23.48 -14.26 16.61
CA ALA E 212 -24.25 -13.49 17.61
C ALA E 212 -24.73 -14.41 18.72
N GLY E 213 -24.49 -13.99 19.96
CA GLY E 213 -24.75 -14.81 21.15
C GLY E 213 -23.52 -15.43 21.79
N GLU E 214 -22.40 -15.44 21.06
CA GLU E 214 -21.14 -16.03 21.55
C GLU E 214 -19.88 -15.20 21.22
N LEU E 215 -20.07 -14.02 20.64
CA LEU E 215 -18.95 -13.16 20.18
C LEU E 215 -17.98 -12.83 21.32
N ARG E 216 -18.54 -12.40 22.45
CA ARG E 216 -17.75 -12.02 23.62
C ARG E 216 -17.08 -13.16 24.41
N THR E 217 -17.40 -14.42 24.07
CA THR E 217 -16.71 -15.58 24.69
C THR E 217 -15.20 -15.61 24.43
N HIS E 218 -14.73 -14.94 23.37
CA HIS E 218 -13.31 -14.88 23.05
C HIS E 218 -12.69 -13.48 23.08
N VAL E 219 -13.42 -12.50 23.62
CA VAL E 219 -12.93 -11.11 23.65
C VAL E 219 -12.35 -10.77 25.03
N SER E 220 -11.11 -10.29 25.02
CA SER E 220 -10.42 -9.85 26.24
C SER E 220 -11.13 -8.70 26.95
N ARG E 221 -11.07 -8.71 28.29
CA ARG E 221 -11.61 -7.62 29.10
C ARG E 221 -10.51 -6.67 29.55
N CYS E 222 -10.91 -5.46 29.94
CA CYS E 222 -9.97 -4.44 30.39
C CYS E 222 -10.56 -3.59 31.49
N GLN E 223 -9.67 -2.91 32.21
CA GLN E 223 -10.06 -1.92 33.19
C GLN E 223 -9.18 -0.69 33.00
N VAL E 224 -9.83 0.47 33.10
CA VAL E 224 -9.16 1.77 33.05
C VAL E 224 -9.01 2.26 34.49
N CYS E 225 -7.76 2.56 34.87
CA CYS E 225 -7.37 2.78 36.26
C CYS E 225 -6.65 4.12 36.42
N MET E 226 -6.71 4.69 37.62
CA MET E 226 -6.08 5.98 37.95
C MET E 226 -5.35 5.85 39.27
N ARG E 227 -4.12 6.37 39.32
CA ARG E 227 -3.31 6.34 40.55
C ARG E 227 -4.01 7.12 41.66
N ARG E 228 -4.10 6.52 42.84
CA ARG E 228 -4.65 7.19 44.02
C ARG E 228 -3.65 8.21 44.56
N THR E 229 -4.14 9.41 44.86
CA THR E 229 -3.31 10.49 45.39
C THR E 229 -3.77 10.96 46.77
N SER F 1 5.96 14.42 48.95
CA SER F 1 6.09 13.92 47.55
C SER F 1 4.92 13.00 47.17
N VAL F 2 4.10 13.47 46.23
CA VAL F 2 2.95 12.73 45.73
C VAL F 2 3.38 11.88 44.52
N ASP F 3 2.98 10.61 44.52
CA ASP F 3 3.19 9.72 43.37
C ASP F 3 2.00 9.83 42.40
N HIS F 4 2.27 10.39 41.22
CA HIS F 4 1.23 10.66 40.21
C HIS F 4 0.99 9.51 39.22
N GLY F 5 1.87 8.52 39.23
CA GLY F 5 1.67 7.29 38.45
C GLY F 5 2.30 7.30 37.06
N PHE F 6 3.40 8.03 36.91
CA PHE F 6 4.22 7.97 35.70
C PHE F 6 4.70 6.54 35.44
N LEU F 7 4.80 6.16 34.16
CA LEU F 7 5.14 4.79 33.78
C LEU F 7 6.36 4.70 32.88
N VAL F 8 7.14 3.63 33.05
CA VAL F 8 8.23 3.27 32.14
C VAL F 8 8.24 1.75 31.95
N THR F 9 8.30 1.33 30.69
CA THR F 9 8.42 -0.08 30.34
C THR F 9 9.85 -0.39 29.92
N ARG F 10 10.37 -1.54 30.37
CA ARG F 10 11.72 -1.98 30.04
C ARG F 10 11.65 -3.37 29.40
N HIS F 11 12.53 -3.62 28.43
CA HIS F 11 12.56 -4.91 27.74
C HIS F 11 13.92 -5.55 27.89
N SER F 12 13.94 -6.78 28.40
CA SER F 12 15.21 -7.50 28.60
C SER F 12 15.88 -7.94 27.31
N GLN F 13 15.09 -8.20 26.28
CA GLN F 13 15.55 -8.83 25.02
C GLN F 13 16.17 -10.22 25.28
N THR F 14 15.72 -10.86 26.37
CA THR F 14 16.10 -12.23 26.76
C THR F 14 14.86 -12.93 27.33
N ILE F 15 15.00 -14.22 27.64
CA ILE F 15 13.95 -15.01 28.30
C ILE F 15 13.72 -14.64 29.78
N ASP F 16 14.63 -13.86 30.37
CA ASP F 16 14.53 -13.46 31.77
C ASP F 16 13.84 -12.10 31.92
N ASP F 17 13.06 -11.95 32.98
CA ASP F 17 12.47 -10.66 33.34
C ASP F 17 13.54 -9.59 33.51
N PRO F 18 13.30 -8.38 32.96
CA PRO F 18 14.17 -7.27 33.34
C PRO F 18 13.78 -6.73 34.71
N GLN F 19 14.74 -6.15 35.42
CA GLN F 19 14.46 -5.45 36.68
C GLN F 19 14.03 -4.02 36.38
N CYS F 20 13.17 -3.47 37.22
CA CYS F 20 12.85 -2.04 37.15
C CYS F 20 14.09 -1.21 37.47
N PRO F 21 14.32 -0.12 36.70
CA PRO F 21 15.52 0.69 36.93
C PRO F 21 15.44 1.46 38.25
N SER F 22 16.61 1.88 38.73
CA SER F 22 16.77 2.59 40.00
C SER F 22 15.76 3.72 40.18
N GLY F 23 15.05 3.72 41.31
CA GLY F 23 14.08 4.76 41.63
C GLY F 23 12.65 4.48 41.18
N THR F 24 12.44 3.33 40.54
CA THR F 24 11.10 2.92 40.08
C THR F 24 10.68 1.60 40.72
N LYS F 25 9.38 1.29 40.64
CA LYS F 25 8.79 0.13 41.33
C LYS F 25 7.96 -0.73 40.35
N ILE F 26 8.13 -2.05 40.45
CA ILE F 26 7.41 -3.02 39.61
C ILE F 26 5.88 -2.94 39.74
N LEU F 27 5.20 -2.94 38.61
CA LEU F 27 3.75 -3.19 38.59
C LEU F 27 3.47 -4.63 38.14
N TYR F 28 3.97 -5.01 36.98
CA TYR F 28 3.85 -6.39 36.46
C TYR F 28 4.86 -6.68 35.34
N HIS F 29 5.08 -7.96 35.09
CA HIS F 29 5.93 -8.42 34.00
C HIS F 29 5.08 -8.99 32.85
N GLY F 30 5.70 -9.15 31.69
CA GLY F 30 5.04 -9.80 30.55
C GLY F 30 5.97 -10.13 29.41
N TYR F 31 5.39 -10.23 28.22
CA TYR F 31 6.10 -10.52 26.97
C TYR F 31 6.10 -9.26 26.07
N SER F 32 7.20 -9.07 25.35
CA SER F 32 7.47 -7.86 24.55
C SER F 32 6.77 -7.88 23.18
N LEU F 33 5.59 -7.28 23.11
CA LEU F 33 4.85 -7.14 21.85
C LEU F 33 5.31 -5.90 21.09
N LEU F 34 5.68 -6.09 19.83
CA LEU F 34 6.17 -4.98 18.98
C LEU F 34 5.05 -4.41 18.12
N TYR F 35 4.42 -5.27 17.32
CA TYR F 35 3.25 -4.92 16.50
C TYR F 35 2.40 -6.11 16.06
N VAL F 36 1.20 -5.79 15.55
CA VAL F 36 0.29 -6.77 14.95
C VAL F 36 -0.02 -6.39 13.49
N GLN F 37 -0.42 -7.37 12.70
CA GLN F 37 -0.78 -7.13 11.30
C GLN F 37 -2.06 -7.91 11.00
N GLY F 38 -3.13 -7.18 10.78
CA GLY F 38 -4.45 -7.76 10.52
C GLY F 38 -5.00 -7.22 9.22
N ASN F 39 -5.51 -8.11 8.37
CA ASN F 39 -5.99 -7.74 7.02
C ASN F 39 -4.91 -6.90 6.28
N GLU F 40 -3.65 -7.33 6.42
CA GLU F 40 -2.47 -6.71 5.77
C GLU F 40 -1.98 -5.39 6.40
N ARG F 41 -2.73 -4.83 7.33
CA ARG F 41 -2.41 -3.53 7.93
C ARG F 41 -1.67 -3.68 9.26
N ALA F 42 -0.49 -3.07 9.36
CA ALA F 42 0.31 -3.08 10.60
C ALA F 42 -0.16 -2.02 11.60
N HIS F 43 -0.11 -2.38 12.89
CA HIS F 43 -0.32 -1.41 13.95
C HIS F 43 0.59 -1.74 15.13
N GLY F 44 1.46 -0.78 15.48
CA GLY F 44 2.50 -1.00 16.49
C GLY F 44 2.21 -0.43 17.86
N GLN F 45 2.98 -0.90 18.84
CA GLN F 45 2.94 -0.38 20.21
C GLN F 45 4.26 0.34 20.53
N ASP F 46 4.15 1.49 21.17
CA ASP F 46 5.32 2.25 21.65
C ASP F 46 6.01 1.38 22.72
N LEU F 47 7.25 0.95 22.42
CA LEU F 47 8.04 0.09 23.32
C LEU F 47 8.33 0.69 24.71
N GLY F 48 8.15 2.00 24.85
CA GLY F 48 8.28 2.70 26.13
C GLY F 48 7.04 2.64 27.00
N THR F 49 5.93 2.15 26.43
CA THR F 49 4.62 2.15 27.09
C THR F 49 4.19 0.75 27.49
N ALA F 50 3.25 0.66 28.43
CA ALA F 50 2.76 -0.62 28.94
C ALA F 50 2.05 -1.47 27.88
N GLY F 51 1.63 -0.81 26.79
CA GLY F 51 0.98 -1.48 25.66
C GLY F 51 1.86 -2.49 24.94
N SER F 52 3.18 -2.34 25.09
CA SER F 52 4.15 -3.28 24.50
C SER F 52 4.48 -4.45 25.45
N CYS F 53 3.76 -4.53 26.57
CA CYS F 53 4.01 -5.55 27.57
C CYS F 53 2.70 -6.26 27.93
N LEU F 54 2.52 -7.43 27.33
CA LEU F 54 1.31 -8.24 27.54
C LEU F 54 1.59 -9.42 28.45
N ARG F 55 0.64 -9.67 29.36
CA ARG F 55 0.74 -10.75 30.35
C ARG F 55 0.88 -12.14 29.72
N LYS F 56 0.15 -12.34 28.61
CA LYS F 56 0.13 -13.62 27.91
C LYS F 56 0.62 -13.48 26.48
N PHE F 57 1.56 -14.35 26.10
CA PHE F 57 1.99 -14.50 24.72
C PHE F 57 0.98 -15.34 23.95
N SER F 58 0.85 -15.06 22.65
CA SER F 58 0.27 -16.00 21.67
C SER F 58 0.78 -15.59 20.31
N THR F 59 0.86 -16.57 19.39
CA THR F 59 1.13 -16.23 17.98
C THR F 59 -0.04 -15.44 17.38
N MET F 60 -1.23 -15.61 17.96
CA MET F 60 -2.41 -14.84 17.59
C MET F 60 -3.10 -14.22 18.81
N PRO F 61 -2.67 -13.00 19.23
CA PRO F 61 -3.25 -12.35 20.41
C PRO F 61 -4.53 -11.54 20.15
N PHE F 62 -5.07 -11.61 18.93
CA PHE F 62 -6.26 -10.82 18.56
C PHE F 62 -7.21 -11.61 17.68
N LEU F 63 -8.45 -11.13 17.57
CA LEU F 63 -9.45 -11.65 16.62
C LEU F 63 -10.04 -10.49 15.82
N PHE F 64 -10.79 -10.79 14.75
CA PHE F 64 -11.54 -9.75 14.03
C PHE F 64 -13.03 -10.01 13.89
N CYS F 65 -13.81 -8.94 13.80
CA CYS F 65 -15.27 -9.01 13.68
C CYS F 65 -15.73 -8.19 12.48
N ASN F 66 -16.82 -8.65 11.86
CA ASN F 66 -17.38 -8.01 10.68
C ASN F 66 -18.77 -7.40 10.94
N ILE F 67 -19.29 -6.65 9.96
CA ILE F 67 -20.58 -5.94 10.11
C ILE F 67 -21.79 -6.89 10.20
N ASN F 68 -21.58 -8.18 9.89
CA ASN F 68 -22.62 -9.21 9.97
C ASN F 68 -22.64 -9.92 11.33
N ASN F 69 -21.98 -9.33 12.33
CA ASN F 69 -21.89 -9.89 13.70
C ASN F 69 -21.28 -11.30 13.73
N VAL F 70 -20.23 -11.48 12.94
CA VAL F 70 -19.47 -12.73 12.93
C VAL F 70 -18.01 -12.37 13.27
N CYS F 71 -17.43 -13.07 14.24
CA CYS F 71 -16.02 -12.88 14.57
C CYS F 71 -15.21 -14.12 14.24
N ASN F 72 -13.98 -13.90 13.77
CA ASN F 72 -13.07 -14.98 13.43
C ASN F 72 -11.78 -14.83 14.21
N PHE F 73 -11.37 -15.92 14.88
CA PHE F 73 -10.11 -15.98 15.62
C PHE F 73 -9.19 -17.00 14.97
N ALA F 74 -7.97 -16.57 14.63
CA ALA F 74 -6.92 -17.41 14.03
C ALA F 74 -7.39 -18.17 12.80
N SER F 75 -8.27 -17.51 12.03
CA SER F 75 -8.96 -18.12 10.90
C SER F 75 -8.75 -17.41 9.55
N ARG F 76 -7.64 -16.68 9.40
CA ARG F 76 -7.24 -16.13 8.10
C ARG F 76 -5.71 -16.23 7.94
N ASN F 77 -5.02 -15.11 7.72
CA ASN F 77 -3.56 -15.08 7.47
C ASN F 77 -2.94 -13.88 8.16
N ASP F 78 -3.21 -13.73 9.46
CA ASP F 78 -2.75 -12.55 10.19
C ASP F 78 -1.47 -12.81 11.00
N TYR F 79 -0.82 -11.74 11.48
CA TYR F 79 0.51 -11.83 12.08
C TYR F 79 0.59 -11.15 13.44
N SER F 80 1.54 -11.60 14.25
CA SER F 80 2.01 -10.83 15.41
C SER F 80 3.54 -10.80 15.44
N TYR F 81 4.09 -9.73 16.01
CA TYR F 81 5.54 -9.52 16.04
C TYR F 81 6.01 -9.17 17.45
N TRP F 82 7.08 -9.84 17.88
CA TRP F 82 7.54 -9.74 19.26
C TRP F 82 9.03 -9.43 19.26
N LEU F 83 9.51 -8.62 20.21
CA LEU F 83 10.96 -8.48 20.40
C LEU F 83 11.54 -9.84 20.76
N SER F 84 12.74 -10.11 20.27
CA SER F 84 13.35 -11.43 20.35
C SER F 84 14.63 -11.48 21.20
N THR F 85 15.12 -12.69 21.42
CA THR F 85 16.27 -12.97 22.29
C THR F 85 17.52 -13.24 21.43
N PRO F 86 18.70 -13.50 22.06
CA PRO F 86 19.85 -13.94 21.25
C PRO F 86 19.75 -15.35 20.64
N GLU F 87 18.65 -16.07 20.86
CA GLU F 87 18.47 -17.44 20.34
C GLU F 87 18.64 -17.51 18.80
N PRO F 88 19.58 -18.34 18.31
CA PRO F 88 19.75 -18.42 16.85
C PRO F 88 18.62 -19.21 16.17
N MET F 89 18.41 -18.97 14.88
CA MET F 89 17.52 -19.80 14.05
C MET F 89 18.00 -21.25 14.11
N PRO F 90 17.07 -22.23 14.13
CA PRO F 90 17.50 -23.62 13.94
C PRO F 90 18.25 -23.76 12.61
N MET F 91 19.16 -24.73 12.52
CA MET F 91 19.94 -24.89 11.30
C MET F 91 19.08 -25.26 10.07
N SER F 92 17.93 -25.89 10.31
CA SER F 92 16.93 -26.17 9.26
C SER F 92 16.34 -24.89 8.62
N MET F 93 16.32 -23.81 9.39
CA MET F 93 15.73 -22.50 9.00
C MET F 93 14.21 -22.58 8.74
N ALA F 94 13.60 -23.66 9.24
CA ALA F 94 12.16 -23.92 9.08
C ALA F 94 11.37 -23.23 10.19
N PRO F 95 10.06 -22.92 9.96
CA PRO F 95 9.27 -22.26 11.01
C PRO F 95 9.27 -23.00 12.36
N ILE F 96 9.32 -22.22 13.43
CA ILE F 96 9.32 -22.69 14.83
C ILE F 96 7.86 -22.76 15.32
N THR F 97 7.52 -23.84 16.04
CA THR F 97 6.15 -24.04 16.56
C THR F 97 6.14 -24.49 18.02
N GLY F 98 4.99 -24.29 18.67
CA GLY F 98 4.74 -24.78 20.03
C GLY F 98 5.71 -24.24 21.06
N GLU F 99 6.12 -25.12 21.98
CA GLU F 99 7.02 -24.75 23.07
C GLU F 99 8.42 -24.32 22.61
N ASN F 100 8.81 -24.75 21.41
CA ASN F 100 10.06 -24.30 20.78
C ASN F 100 10.10 -22.79 20.52
N ILE F 101 8.94 -22.12 20.56
CA ILE F 101 8.87 -20.65 20.43
C ILE F 101 9.42 -19.89 21.65
N ARG F 102 9.18 -20.44 22.86
CA ARG F 102 9.53 -19.77 24.14
C ARG F 102 10.96 -19.18 24.21
N PRO F 103 12.00 -19.92 23.79
CA PRO F 103 13.36 -19.34 23.89
C PRO F 103 13.62 -18.08 23.03
N PHE F 104 12.73 -17.79 22.10
CA PHE F 104 12.87 -16.68 21.16
C PHE F 104 12.21 -15.37 21.60
N ILE F 105 11.35 -15.42 22.61
CA ILE F 105 10.53 -14.25 22.99
C ILE F 105 11.08 -13.44 24.16
N SER F 106 11.21 -12.13 23.93
CA SER F 106 11.66 -11.18 24.95
C SER F 106 10.63 -10.94 26.05
N ARG F 107 11.14 -10.67 27.25
CA ARG F 107 10.33 -10.31 28.42
C ARG F 107 10.39 -8.81 28.70
N CYS F 108 9.40 -8.33 29.48
CA CYS F 108 9.30 -6.92 29.84
C CYS F 108 8.82 -6.69 31.27
N ALA F 109 9.13 -5.50 31.79
CA ALA F 109 8.62 -5.04 33.07
C ALA F 109 7.92 -3.71 32.87
N VAL F 110 6.73 -3.57 33.46
CA VAL F 110 6.03 -2.28 33.57
C VAL F 110 6.30 -1.74 34.99
N CYS F 111 6.91 -0.55 35.04
CA CYS F 111 7.37 0.07 36.29
C CYS F 111 6.74 1.44 36.51
N GLU F 112 6.39 1.74 37.75
CA GLU F 112 5.90 3.06 38.15
C GLU F 112 7.07 3.96 38.53
N ALA F 113 7.06 5.18 38.01
CA ALA F 113 8.11 6.17 38.23
C ALA F 113 7.57 7.37 39.01
N PRO F 114 8.42 8.04 39.82
CA PRO F 114 8.02 9.27 40.54
C PRO F 114 7.94 10.54 39.67
N ALA F 115 8.48 10.48 38.45
CA ALA F 115 8.51 11.62 37.54
C ALA F 115 8.52 11.17 36.08
N MET F 116 8.43 12.13 35.16
CA MET F 116 8.51 11.90 33.71
C MET F 116 9.83 11.25 33.30
N VAL F 117 9.75 10.43 32.26
CA VAL F 117 10.89 9.69 31.73
C VAL F 117 11.01 10.05 30.23
N MET F 118 12.24 10.22 29.75
CA MET F 118 12.49 10.54 28.35
C MET F 118 13.74 9.84 27.80
N ALA F 119 13.82 9.74 26.48
CA ALA F 119 15.06 9.32 25.84
C ALA F 119 15.73 10.52 25.18
N VAL F 120 17.07 10.55 25.24
CA VAL F 120 17.86 11.48 24.42
C VAL F 120 18.85 10.71 23.55
N HIS F 121 19.21 11.28 22.40
CA HIS F 121 20.03 10.61 21.39
C HIS F 121 21.22 11.47 21.01
N SER F 122 22.40 10.87 20.98
CA SER F 122 23.64 11.59 20.64
C SER F 122 23.88 11.75 19.15
N GLN F 123 23.38 10.80 18.35
CA GLN F 123 23.73 10.69 16.93
C GLN F 123 25.26 10.57 16.72
N THR F 124 25.93 9.95 17.71
CA THR F 124 27.37 9.63 17.69
C THR F 124 27.59 8.30 18.42
N ILE F 125 28.83 7.79 18.40
CA ILE F 125 29.18 6.59 19.18
C ILE F 125 29.28 6.86 20.69
N GLN F 126 29.20 8.13 21.09
CA GLN F 126 29.23 8.53 22.50
C GLN F 126 27.84 8.52 23.14
N ILE F 127 27.79 8.23 24.44
CA ILE F 127 26.55 8.29 25.24
C ILE F 127 26.15 9.76 25.43
N PRO F 128 24.90 10.13 25.07
CA PRO F 128 24.48 11.52 25.32
C PRO F 128 24.20 11.73 26.81
N PRO F 129 24.58 12.90 27.34
CA PRO F 129 24.28 13.15 28.76
C PRO F 129 22.78 13.40 28.97
N CYS F 130 22.29 13.04 30.15
CA CYS F 130 20.95 13.43 30.57
C CYS F 130 20.86 14.96 30.66
N PRO F 131 19.68 15.56 30.35
CA PRO F 131 19.53 17.01 30.57
C PRO F 131 19.77 17.39 32.03
N SER F 132 20.12 18.66 32.26
CA SER F 132 20.33 19.18 33.60
C SER F 132 19.10 18.95 34.49
N GLY F 133 19.31 18.29 35.62
CA GLY F 133 18.22 17.98 36.56
C GLY F 133 17.57 16.63 36.35
N TRP F 134 18.10 15.85 35.40
CA TRP F 134 17.59 14.51 35.06
C TRP F 134 18.65 13.44 35.37
N SER F 135 18.20 12.30 35.88
CA SER F 135 19.12 11.19 36.21
C SER F 135 18.90 9.97 35.32
N SER F 136 19.96 9.18 35.15
CA SER F 136 20.02 8.06 34.22
C SER F 136 19.24 6.84 34.70
N LEU F 137 18.46 6.24 33.80
CA LEU F 137 17.83 4.94 34.06
C LEU F 137 18.54 3.81 33.33
N TRP F 138 18.82 4.03 32.04
CA TRP F 138 19.66 3.11 31.28
C TRP F 138 20.26 3.74 30.02
N ILE F 139 21.23 3.04 29.43
CA ILE F 139 21.86 3.45 28.17
C ILE F 139 21.61 2.38 27.11
N GLY F 140 21.65 2.77 25.84
CA GLY F 140 21.44 1.82 24.76
C GLY F 140 21.69 2.39 23.37
N TYR F 141 20.91 1.89 22.40
CA TYR F 141 21.09 2.18 20.97
C TYR F 141 19.78 2.70 20.36
N SER F 142 19.90 3.68 19.46
CA SER F 142 18.76 4.44 18.94
C SER F 142 17.96 3.66 17.90
N PHE F 143 16.78 3.18 18.28
CA PHE F 143 15.93 2.31 17.46
C PHE F 143 14.75 3.12 16.93
N VAL F 144 14.61 3.23 15.61
CA VAL F 144 13.60 4.12 14.99
C VAL F 144 12.39 3.42 14.35
N MET F 145 12.61 2.42 13.51
CA MET F 145 11.50 1.67 12.88
C MET F 145 11.90 0.29 12.41
N HIS F 146 10.96 -0.43 11.81
CA HIS F 146 11.16 -1.81 11.37
C HIS F 146 10.11 -2.18 10.34
N THR F 147 10.47 -3.09 9.43
CA THR F 147 9.49 -3.63 8.47
C THR F 147 9.66 -5.15 8.38
N SER F 148 8.58 -5.82 7.99
CA SER F 148 8.66 -7.25 7.69
C SER F 148 7.71 -7.56 6.54
N ALA F 149 6.74 -8.46 6.75
CA ALA F 149 5.84 -8.92 5.69
C ALA F 149 5.12 -7.76 5.00
N GLY F 150 5.11 -7.79 3.68
CA GLY F 150 4.51 -6.75 2.86
C GLY F 150 5.13 -5.37 3.00
N ALA F 151 6.34 -5.32 3.56
CA ALA F 151 7.03 -4.08 3.95
C ALA F 151 6.19 -3.18 4.89
N GLU F 152 5.21 -3.79 5.55
CA GLU F 152 4.48 -3.15 6.64
C GLU F 152 5.33 -3.17 7.90
N GLY F 153 5.00 -2.29 8.84
CA GLY F 153 5.77 -2.18 10.07
C GLY F 153 5.26 -1.02 10.89
N SER F 154 6.09 -0.60 11.84
CA SER F 154 5.78 0.52 12.72
C SER F 154 7.11 1.07 13.25
N GLY F 155 7.05 2.04 14.17
CA GLY F 155 8.28 2.59 14.71
C GLY F 155 8.14 3.14 16.11
N GLN F 156 9.21 3.77 16.58
CA GLN F 156 9.27 4.29 17.93
C GLN F 156 9.20 5.81 17.97
N ALA F 157 8.70 6.35 19.08
CA ALA F 157 8.77 7.78 19.35
C ALA F 157 10.15 8.06 19.90
N LEU F 158 10.87 8.99 19.27
CA LEU F 158 12.28 9.24 19.62
C LEU F 158 12.49 9.91 21.01
N ALA F 159 11.43 10.48 21.58
CA ALA F 159 11.45 10.96 22.97
C ALA F 159 11.12 9.86 24.00
N SER F 160 10.63 8.70 23.51
CA SER F 160 10.22 7.59 24.39
C SER F 160 11.37 6.64 24.70
N PRO F 161 11.37 6.05 25.92
CA PRO F 161 12.34 4.99 26.26
C PRO F 161 12.37 3.83 25.26
N GLY F 162 11.26 3.66 24.53
CA GLY F 162 11.13 2.62 23.50
C GLY F 162 12.05 2.75 22.30
N SER F 163 12.54 3.97 22.06
CA SER F 163 13.52 4.25 21.01
C SER F 163 14.96 3.99 21.48
N CYS F 164 15.10 3.47 22.71
CA CYS F 164 16.40 3.20 23.30
C CYS F 164 16.52 1.75 23.80
N LEU F 165 16.91 0.87 22.87
CA LEU F 165 17.09 -0.55 23.17
C LEU F 165 18.47 -0.81 23.76
N GLU F 166 18.51 -1.56 24.86
CA GLU F 166 19.74 -1.81 25.61
C GLU F 166 20.73 -2.74 24.92
N GLU F 167 20.21 -3.67 24.10
CA GLU F 167 21.05 -4.55 23.29
C GLU F 167 20.82 -4.24 21.82
N PHE F 168 21.91 -3.94 21.11
CA PHE F 168 21.82 -3.78 19.65
C PHE F 168 21.65 -5.16 19.03
N ARG F 169 20.68 -5.26 18.10
CA ARG F 169 20.45 -6.49 17.33
C ARG F 169 20.12 -6.13 15.90
N SER F 170 20.84 -6.75 14.96
CA SER F 170 20.54 -6.62 13.53
C SER F 170 19.10 -7.09 13.26
N ALA F 171 18.71 -8.17 13.95
CA ALA F 171 17.37 -8.72 13.87
C ALA F 171 16.72 -8.74 15.26
N PRO F 172 16.14 -7.59 15.71
CA PRO F 172 15.63 -7.47 17.10
C PRO F 172 14.20 -8.00 17.34
N PHE F 173 13.55 -8.49 16.30
CA PHE F 173 12.17 -9.00 16.43
C PHE F 173 11.90 -10.24 15.59
N ILE F 174 10.92 -11.03 16.01
CA ILE F 174 10.53 -12.26 15.31
C ILE F 174 9.07 -12.16 14.82
N GLU F 175 8.78 -12.85 13.72
CA GLU F 175 7.46 -12.84 13.09
C GLU F 175 6.71 -14.12 13.42
N CYS F 176 5.47 -13.95 13.90
CA CYS F 176 4.56 -15.06 14.23
C CYS F 176 3.24 -14.96 13.45
N HIS F 177 2.59 -16.11 13.29
CA HIS F 177 1.40 -16.24 12.44
C HIS F 177 0.23 -16.89 13.18
N GLY F 178 -0.99 -16.56 12.74
CA GLY F 178 -2.22 -17.17 13.25
C GLY F 178 -2.22 -18.69 13.28
N ARG F 179 -1.58 -19.30 12.28
CA ARG F 179 -1.44 -20.76 12.18
C ARG F 179 -0.53 -21.40 13.25
N GLY F 180 0.19 -20.57 14.01
CA GLY F 180 1.00 -21.04 15.15
C GLY F 180 2.50 -21.11 14.92
N THR F 181 2.97 -20.60 13.77
CA THR F 181 4.40 -20.65 13.43
C THR F 181 5.08 -19.31 13.70
N CYS F 182 6.38 -19.34 13.99
CA CYS F 182 7.22 -18.14 14.05
C CYS F 182 8.52 -18.36 13.29
N ASN F 183 9.05 -17.31 12.67
CA ASN F 183 10.38 -17.38 12.05
C ASN F 183 10.98 -16.01 11.80
N TYR F 184 12.28 -15.98 11.53
CA TYR F 184 12.94 -14.82 10.94
C TYR F 184 12.83 -14.98 9.44
N TYR F 185 12.52 -13.87 8.75
CA TYR F 185 12.43 -13.87 7.29
C TYR F 185 13.42 -12.88 6.70
N ALA F 186 13.88 -13.18 5.47
CA ALA F 186 14.92 -12.38 4.81
C ALA F 186 14.54 -10.91 4.59
N ASN F 187 13.25 -10.60 4.54
CA ASN F 187 12.80 -9.21 4.39
C ASN F 187 12.62 -8.43 5.71
N ALA F 188 12.98 -9.01 6.86
CA ALA F 188 12.85 -8.29 8.12
C ALA F 188 13.97 -7.25 8.28
N TYR F 189 13.59 -5.98 8.36
CA TYR F 189 14.56 -4.88 8.49
C TYR F 189 14.44 -4.14 9.82
N SER F 190 15.57 -3.83 10.43
CA SER F 190 15.59 -2.91 11.58
C SER F 190 16.24 -1.60 11.15
N PHE F 191 15.66 -0.49 11.60
CA PHE F 191 16.17 0.85 11.30
C PHE F 191 16.61 1.54 12.58
N TRP F 192 17.81 2.12 12.54
CA TRP F 192 18.46 2.71 13.70
C TRP F 192 18.92 4.12 13.33
N LEU F 193 18.93 5.06 14.28
CA LEU F 193 19.56 6.36 14.00
C LEU F 193 21.05 6.20 13.77
N ALA F 194 21.56 6.93 12.78
CA ALA F 194 22.96 6.83 12.36
C ALA F 194 23.84 7.84 13.09
N THR F 195 25.14 7.62 13.05
CA THR F 195 26.11 8.58 13.57
C THR F 195 26.34 9.68 12.55
N ILE F 196 26.22 10.93 12.99
CA ILE F 196 26.45 12.11 12.15
C ILE F 196 27.45 13.04 12.85
N GLU F 197 28.53 13.41 12.18
CA GLU F 197 29.42 14.44 12.69
C GLU F 197 28.83 15.82 12.39
N ARG F 198 28.93 16.75 13.35
CA ARG F 198 28.38 18.10 13.20
C ARG F 198 28.89 18.81 11.94
N SER F 199 30.16 18.59 11.60
CA SER F 199 30.77 19.14 10.38
C SER F 199 30.18 18.57 9.08
N GLU F 200 29.65 17.35 9.11
CA GLU F 200 29.12 16.68 7.92
C GLU F 200 27.57 16.72 7.77
N MET F 201 26.90 17.50 8.62
CA MET F 201 25.43 17.58 8.62
C MET F 201 24.84 17.95 7.26
N PHE F 202 25.41 18.98 6.64
CA PHE F 202 24.98 19.48 5.34
C PHE F 202 26.03 19.14 4.28
N LYS F 203 26.50 17.90 4.33
CA LYS F 203 27.31 17.31 3.26
C LYS F 203 26.58 16.05 2.80
N LYS F 204 26.89 15.60 1.58
CA LYS F 204 26.35 14.34 1.06
C LYS F 204 26.79 13.19 1.98
N PRO F 205 25.82 12.38 2.48
CA PRO F 205 26.18 11.21 3.29
C PRO F 205 27.11 10.28 2.52
N THR F 206 28.12 9.76 3.19
CA THR F 206 29.03 8.79 2.58
C THR F 206 28.38 7.41 2.75
N PRO F 207 27.98 6.77 1.63
CA PRO F 207 27.39 5.42 1.75
C PRO F 207 28.34 4.44 2.43
N SER F 208 27.78 3.55 3.25
CA SER F 208 28.57 2.56 3.95
C SER F 208 27.83 1.22 4.03
N THR F 209 28.54 0.12 3.76
CA THR F 209 28.01 -1.23 4.01
C THR F 209 28.88 -1.89 5.07
N LEU F 210 28.26 -2.31 6.17
CA LEU F 210 28.96 -2.76 7.37
C LEU F 210 28.66 -4.22 7.65
N LYS F 211 29.68 -4.95 8.12
CA LYS F 211 29.55 -6.38 8.47
C LYS F 211 29.80 -6.61 9.96
N ALA F 212 29.57 -7.83 10.43
CA ALA F 212 29.77 -8.20 11.84
C ALA F 212 31.15 -7.78 12.34
N GLY F 213 31.17 -7.17 13.54
CA GLY F 213 32.38 -6.62 14.14
C GLY F 213 32.57 -5.14 13.86
N GLU F 214 31.63 -4.57 13.11
CA GLU F 214 31.75 -3.23 12.54
C GLU F 214 30.42 -2.46 12.58
N LEU F 215 29.34 -3.18 12.91
CA LEU F 215 27.97 -2.66 12.78
C LEU F 215 27.70 -1.42 13.64
N ARG F 216 28.09 -1.49 14.91
CA ARG F 216 27.84 -0.42 15.88
C ARG F 216 28.70 0.84 15.67
N THR F 217 29.65 0.82 14.74
CA THR F 217 30.46 2.01 14.41
C THR F 217 29.62 3.16 13.84
N HIS F 218 28.46 2.83 13.28
CA HIS F 218 27.56 3.82 12.70
C HIS F 218 26.20 3.94 13.38
N VAL F 219 26.05 3.32 14.57
CA VAL F 219 24.78 3.35 15.30
C VAL F 219 24.78 4.39 16.43
N SER F 220 23.80 5.28 16.40
CA SER F 220 23.59 6.31 17.43
C SER F 220 23.34 5.66 18.80
N ARG F 221 23.90 6.31 19.83
CA ARG F 221 23.67 5.90 21.22
C ARG F 221 22.59 6.76 21.87
N CYS F 222 22.03 6.24 22.96
CA CYS F 222 20.98 6.95 23.68
C CYS F 222 21.06 6.70 25.18
N GLN F 223 20.39 7.59 25.93
CA GLN F 223 20.22 7.44 27.37
C GLN F 223 18.76 7.73 27.72
N VAL F 224 18.21 6.87 28.57
CA VAL F 224 16.89 7.06 29.14
C VAL F 224 17.08 7.74 30.50
N CYS F 225 16.36 8.85 30.69
CA CYS F 225 16.56 9.74 31.83
C CYS F 225 15.25 10.02 32.53
N MET F 226 15.32 10.26 33.85
CA MET F 226 14.15 10.59 34.65
C MET F 226 14.41 11.85 35.49
N ARG F 227 13.44 12.76 35.51
CA ARG F 227 13.55 14.01 36.26
C ARG F 227 13.76 13.74 37.76
N ARG F 228 14.74 14.43 38.34
CA ARG F 228 15.00 14.36 39.79
C ARG F 228 13.93 15.12 40.55
N THR F 229 13.42 14.52 41.61
CA THR F 229 12.38 15.14 42.46
C THR F 229 12.74 15.12 43.94
CL CL G . 15.62 8.91 -9.33
CL CL H . 12.83 -15.74 3.90
CL CL I . 19.72 -5.72 2.43
CL CL J . 7.45 17.08 -9.02
S SO4 K . 19.37 -26.82 -6.65
O1 SO4 K . 18.18 -27.68 -6.57
O2 SO4 K . 19.70 -26.27 -5.32
O3 SO4 K . 20.50 -27.61 -7.19
O4 SO4 K . 19.10 -25.67 -7.55
CL CL L . -18.38 6.15 -5.91
CL CL M . -20.49 -2.82 0.94
CL CL N . -4.31 19.31 -5.98
S SO4 O . 8.31 20.95 -25.09
O1 SO4 O . 7.15 20.02 -25.03
O2 SO4 O . 8.42 21.67 -23.81
O3 SO4 O . 9.55 20.17 -25.29
O4 SO4 O . 8.13 21.89 -26.20
CL CL P . -15.09 -11.96 7.42
CL CL Q . 2.00 -19.77 3.23
S SO4 R . -30.43 -10.70 -9.50
O1 SO4 R . -31.50 -11.71 -9.64
O2 SO4 R . -30.41 -10.15 -8.13
O3 SO4 R . -29.13 -11.35 -9.78
O4 SO4 R . -30.66 -9.61 -10.47
CL CL S . 19.35 5.72 0.93
S SO4 T . 25.10 24.59 13.56
O1 SO4 T . 23.97 23.73 14.01
O2 SO4 T . 24.67 26.01 13.50
O3 SO4 T . 26.21 24.41 14.50
O4 SO4 T . 25.56 24.15 12.22
S SO4 U . -3.57 33.29 2.63
O1 SO4 U . -4.91 33.19 3.25
O2 SO4 U . -2.64 32.40 3.36
O3 SO4 U . -3.09 34.68 2.72
O4 SO4 U . -3.65 32.86 1.21
CL CL V . -13.55 14.98 -0.59
S SO4 W . -22.49 -11.49 22.06
O1 SO4 W . -23.74 -11.53 22.84
O2 SO4 W . -21.41 -12.12 22.84
O3 SO4 W . -22.13 -10.08 21.81
O4 SO4 W . -22.65 -12.20 20.78
S SO4 X . -25.03 20.32 19.06
O1 SO4 X . -25.82 19.87 20.22
O2 SO4 X . -24.83 21.78 19.12
O3 SO4 X . -23.71 19.64 19.09
O4 SO4 X . -25.75 19.98 17.81
CL CL Y . -4.95 -15.85 11.35
S SO4 Z . 29.16 -5.33 16.06
O1 SO4 Z . 27.94 -5.82 16.72
O2 SO4 Z . 29.13 -3.86 16.10
O3 SO4 Z . 30.37 -5.78 16.78
O4 SO4 Z . 29.17 -5.80 14.67
#